data_5SJM
#
_entry.id   5SJM
#
_cell.length_a   134.799
_cell.length_b   134.799
_cell.length_c   232.623
_cell.angle_alpha   90.000
_cell.angle_beta   90.000
_cell.angle_gamma   120.000
#
_symmetry.space_group_name_H-M   'H 3'
#
loop_
_entity.id
_entity.type
_entity.pdbx_description
1 polymer "cAMP and cAMP-inhibited cGMP 3',5'-cyclic phosphodiesterase 10A"
2 non-polymer 'ZINC ION'
3 non-polymer 'MAGNESIUM ION'
4 non-polymer "5-(2-phenylethyl)[3,4'-bipyridin]-6(1H)-one"
5 water water
#
_entity_poly.entity_id   1
_entity_poly.type   'polypeptide(L)'
_entity_poly.pdbx_seq_one_letter_code
;GSSICTSEEWQGLMQFTLPVRLCKEIELFHFDIGPFENMWPGIFVYMVHRSCGTSCFELEKL(CME)RFIMSVKKNYRRV
PYHNWKHAVTVAHCMYAILQNNHTLFTDLERKGLLIACLCHDLDHRGFSNSYLQKFDHPLAALYSTSTMEQHHFSQTVSI
LQLEGHNIFSTLSSSEYEQVLEIIRKAIIATDLALYFGNRKQLEEMYQTGSLNLNNQSHRDRVIGLMMTACDLCSVTKLW
PVTKLTANDIYAEFWAEGDEMKKLGIQPIPMMDRDKKDEVPQGQLGFYNAVAIPCYTTLTQILPPTEPLLKACRDNLSQW
EKVIRGEETATWISSPSVAQKAAASED
;
_entity_poly.pdbx_strand_id   A,B,C,D
#
loop_
_chem_comp.id
_chem_comp.type
_chem_comp.name
_chem_comp.formula
K4L non-polymer 5-(2-phenylethyl)[3,4'-bipyridin]-6(1H)-one 'C18 H16 N2 O'
MG non-polymer 'MAGNESIUM ION' 'Mg 2'
ZN non-polymer 'ZINC ION' 'Zn 2'
#
# COMPACT_ATOMS: atom_id res chain seq x y z
N GLY A 12 -0.94 -0.19 48.02
CA GLY A 12 -2.40 -0.50 47.84
C GLY A 12 -3.30 0.73 47.85
N LEU A 13 -2.74 1.93 48.09
CA LEU A 13 -3.48 3.24 48.01
C LEU A 13 -3.76 3.62 46.55
N MET A 14 -3.27 2.85 45.57
CA MET A 14 -3.53 3.03 44.11
C MET A 14 -4.86 2.38 43.76
N GLN A 15 -5.96 3.14 43.89
CA GLN A 15 -7.26 2.85 43.23
C GLN A 15 -7.11 2.97 41.70
N PHE A 16 -8.02 2.32 40.98
CA PHE A 16 -8.28 2.55 39.54
C PHE A 16 -9.60 3.30 39.45
N THR A 17 -9.64 4.37 38.66
CA THR A 17 -10.88 5.16 38.42
C THR A 17 -11.08 5.30 36.90
N LEU A 18 -12.33 5.15 36.49
CA LEU A 18 -12.71 5.23 35.07
C LEU A 18 -13.28 6.62 34.87
N PRO A 19 -13.27 7.14 33.61
CA PRO A 19 -14.05 8.33 33.28
C PRO A 19 -15.51 8.19 33.69
N VAL A 20 -16.16 9.34 33.92
CA VAL A 20 -17.52 9.38 34.54
C VAL A 20 -18.45 8.42 33.81
N ARG A 21 -18.54 8.51 32.48
CA ARG A 21 -19.57 7.76 31.71
C ARG A 21 -19.32 6.27 31.94
N LEU A 22 -18.06 5.83 31.89
CA LEU A 22 -17.71 4.40 32.09
C LEU A 22 -18.01 4.02 33.53
N CYS A 23 -17.58 4.86 34.47
CA CYS A 23 -17.77 4.61 35.91
C CYS A 23 -19.25 4.28 36.17
N LYS A 24 -20.18 4.98 35.52
CA LYS A 24 -21.63 4.76 35.69
C LYS A 24 -22.08 3.57 34.85
N GLU A 25 -21.78 3.60 33.56
CA GLU A 25 -22.28 2.59 32.59
C GLU A 25 -21.73 1.20 32.96
N ILE A 26 -20.54 1.06 33.56
CA ILE A 26 -19.91 -0.27 33.78
C ILE A 26 -20.73 -1.12 34.75
N GLU A 27 -21.57 -0.53 35.59
CA GLU A 27 -22.36 -1.26 36.62
C GLU A 27 -23.53 -1.97 35.98
N LEU A 28 -23.90 -1.58 34.77
CA LEU A 28 -25.11 -2.03 34.06
C LEU A 28 -24.78 -3.28 33.26
N PHE A 29 -25.74 -4.20 33.12
CA PHE A 29 -25.55 -5.50 32.44
C PHE A 29 -25.15 -5.25 30.98
N HIS A 30 -25.62 -4.18 30.34
CA HIS A 30 -25.50 -3.97 28.88
C HIS A 30 -24.31 -3.07 28.57
N PHE A 31 -23.45 -2.82 29.54
CA PHE A 31 -22.21 -2.07 29.25
C PHE A 31 -21.46 -2.71 28.08
N ASP A 32 -21.03 -1.89 27.12
CA ASP A 32 -20.06 -2.25 26.07
C ASP A 32 -18.69 -1.69 26.50
N ILE A 33 -17.63 -2.49 26.46
CA ILE A 33 -16.29 -2.09 26.97
C ILE A 33 -15.59 -1.20 25.93
N GLY A 34 -16.16 -1.03 24.76
CA GLY A 34 -15.64 -0.01 23.84
C GLY A 34 -14.52 -0.54 22.95
N PRO A 35 -14.14 0.26 21.92
CA PRO A 35 -13.15 -0.12 20.92
C PRO A 35 -11.69 0.12 21.32
N PHE A 36 -11.41 0.71 22.48
CA PHE A 36 -10.03 1.00 22.92
C PHE A 36 -9.43 -0.18 23.70
N GLU A 37 -8.73 -1.07 23.00
CA GLU A 37 -8.07 -2.26 23.56
C GLU A 37 -7.33 -1.87 24.83
N ASN A 38 -6.55 -0.79 24.78
CA ASN A 38 -5.57 -0.42 25.84
C ASN A 38 -6.30 -0.11 27.14
N MET A 39 -7.60 0.15 27.13
CA MET A 39 -8.39 0.41 28.36
C MET A 39 -8.97 -0.89 28.95
N TRP A 40 -8.91 -2.02 28.24
CA TRP A 40 -9.60 -3.24 28.71
C TRP A 40 -8.99 -3.74 30.01
N PRO A 41 -7.63 -3.80 30.14
CA PRO A 41 -6.98 -4.24 31.39
C PRO A 41 -7.36 -3.36 32.58
N GLY A 42 -7.34 -2.06 32.41
CA GLY A 42 -7.83 -1.16 33.47
C GLY A 42 -9.29 -1.45 33.82
N ILE A 43 -10.13 -1.70 32.83
CA ILE A 43 -11.55 -2.04 33.11
C ILE A 43 -11.57 -3.32 33.93
N PHE A 44 -10.75 -4.30 33.58
CA PHE A 44 -10.76 -5.59 34.30
C PHE A 44 -10.29 -5.37 35.75
N VAL A 45 -9.20 -4.65 35.94
CA VAL A 45 -8.63 -4.43 37.30
C VAL A 45 -9.69 -3.69 38.11
N TYR A 46 -10.30 -2.68 37.52
CA TYR A 46 -11.37 -1.90 38.19
C TYR A 46 -12.48 -2.82 38.66
N MET A 47 -12.83 -3.84 37.86
CA MET A 47 -13.92 -4.78 38.22
C MET A 47 -13.47 -5.69 39.37
N VAL A 48 -12.24 -6.18 39.36
CA VAL A 48 -11.68 -7.06 40.43
C VAL A 48 -11.70 -6.25 41.73
N HIS A 49 -11.18 -5.04 41.71
CA HIS A 49 -11.05 -4.17 42.90
C HIS A 49 -12.42 -3.90 43.52
N ARG A 50 -13.46 -3.64 42.72
CA ARG A 50 -14.80 -3.27 43.25
C ARG A 50 -15.55 -4.54 43.67
N SER A 51 -15.15 -5.70 43.20
CA SER A 51 -15.90 -6.98 43.25
C SER A 51 -15.35 -7.88 44.37
N CYS A 52 -14.07 -7.70 44.68
CA CYS A 52 -13.24 -8.66 45.43
C CYS A 52 -12.46 -7.93 46.53
N GLY A 53 -12.33 -6.60 46.39
CA GLY A 53 -11.48 -5.76 47.24
C GLY A 53 -10.19 -5.40 46.52
N THR A 54 -9.57 -4.29 46.93
CA THR A 54 -8.28 -3.78 46.40
C THR A 54 -7.12 -4.65 46.93
N SER A 55 -7.44 -5.65 47.75
CA SER A 55 -6.51 -6.40 48.64
C SER A 55 -6.41 -7.89 48.27
N CYS A 56 -7.18 -8.38 47.30
CA CYS A 56 -7.31 -9.84 47.01
C CYS A 56 -6.19 -10.29 46.07
N PHE A 57 -5.52 -9.38 45.36
CA PHE A 57 -4.41 -9.72 44.43
C PHE A 57 -3.30 -8.68 44.55
N GLU A 58 -2.05 -9.11 44.57
CA GLU A 58 -0.89 -8.21 44.37
C GLU A 58 -1.01 -7.60 42.95
N LEU A 59 -1.15 -6.27 42.88
CA LEU A 59 -1.38 -5.58 41.59
C LEU A 59 -0.32 -5.96 40.55
N GLU A 60 0.97 -5.85 40.85
CA GLU A 60 2.13 -6.22 39.97
C GLU A 60 1.88 -7.63 39.37
N LYS A 61 1.42 -8.59 40.17
CA LYS A 61 1.17 -9.98 39.73
C LYS A 61 -0.09 -10.02 38.83
N LEU A 62 -1.12 -9.28 39.23
CA LEU A 62 -2.41 -9.28 38.51
C LEU A 62 -2.12 -8.75 37.12
N CME A 63 -1.52 -7.56 37.06
CA CME A 63 -1.17 -6.86 35.80
CB CME A 63 -0.53 -5.52 36.10
SG CME A 63 -1.73 -4.19 36.44
SD CME A 63 -2.81 -4.03 34.70
CE CME A 63 -2.19 -2.54 33.85
CZ CME A 63 -3.31 -1.54 33.75
OH CME A 63 -3.18 -0.66 32.65
C CME A 63 -0.37 -7.81 34.91
O CME A 63 -0.61 -7.85 33.70
N ARG A 64 0.54 -8.60 35.48
CA ARG A 64 1.45 -9.46 34.67
C ARG A 64 0.60 -10.62 34.16
N PHE A 65 -0.30 -11.12 34.99
CA PHE A 65 -1.23 -12.21 34.62
C PHE A 65 -2.13 -11.74 33.46
N ILE A 66 -2.73 -10.58 33.60
CA ILE A 66 -3.68 -10.03 32.57
C ILE A 66 -2.96 -9.94 31.23
N MET A 67 -1.75 -9.41 31.21
CA MET A 67 -1.01 -9.20 29.95
C MET A 67 -0.61 -10.55 29.34
N SER A 68 -0.34 -11.59 30.16
CA SER A 68 -0.04 -12.95 29.64
C SER A 68 -1.30 -13.61 29.07
N VAL A 69 -2.41 -13.46 29.78
CA VAL A 69 -3.74 -13.88 29.28
C VAL A 69 -4.03 -13.17 27.95
N LYS A 70 -3.81 -11.86 27.86
CA LYS A 70 -4.08 -11.12 26.62
C LYS A 70 -3.24 -11.70 25.50
N LYS A 71 -1.95 -11.92 25.77
CA LYS A 71 -0.97 -12.42 24.78
C LYS A 71 -1.44 -13.78 24.24
N ASN A 72 -2.19 -14.58 24.99
CA ASN A 72 -2.55 -15.97 24.61
C ASN A 72 -3.97 -16.10 24.04
N TYR A 73 -4.74 -15.01 23.94
CA TYR A 73 -5.92 -14.88 23.04
C TYR A 73 -5.38 -14.53 21.64
N ARG A 74 -5.97 -15.11 20.61
CA ARG A 74 -5.54 -14.93 19.20
C ARG A 74 -6.41 -13.87 18.51
N ARG A 75 -5.96 -13.43 17.34
CA ARG A 75 -6.62 -12.34 16.59
C ARG A 75 -7.70 -13.01 15.71
N VAL A 76 -8.75 -13.53 16.33
CA VAL A 76 -9.86 -14.18 15.59
C VAL A 76 -11.05 -13.25 15.68
N PRO A 77 -12.06 -13.39 14.79
CA PRO A 77 -13.09 -12.36 14.71
C PRO A 77 -13.94 -12.19 15.98
N TYR A 78 -14.10 -13.25 16.77
CA TYR A 78 -15.02 -13.23 17.91
C TYR A 78 -14.38 -13.72 19.20
N HIS A 79 -13.73 -14.89 19.21
CA HIS A 79 -13.20 -15.57 20.42
C HIS A 79 -11.84 -15.03 20.79
N ASN A 80 -11.81 -13.76 21.05
CA ASN A 80 -10.61 -12.93 21.20
C ASN A 80 -10.63 -12.29 22.60
N TRP A 81 -9.64 -11.45 22.82
CA TRP A 81 -9.39 -10.74 24.08
C TRP A 81 -10.61 -9.87 24.43
N LYS A 82 -11.24 -9.24 23.45
CA LYS A 82 -12.44 -8.42 23.70
C LYS A 82 -13.57 -9.28 24.27
N HIS A 83 -13.79 -10.48 23.73
CA HIS A 83 -14.79 -11.44 24.25
C HIS A 83 -14.47 -11.78 25.70
N ALA A 84 -13.20 -12.04 26.00
CA ALA A 84 -12.78 -12.46 27.35
C ALA A 84 -13.22 -11.37 28.35
N VAL A 85 -13.06 -10.12 27.99
CA VAL A 85 -13.31 -9.00 28.95
C VAL A 85 -14.80 -8.72 28.97
N THR A 86 -15.47 -8.83 27.83
CA THR A 86 -16.95 -8.70 27.76
C THR A 86 -17.53 -9.74 28.71
N VAL A 87 -17.09 -10.99 28.65
CA VAL A 87 -17.70 -12.09 29.46
C VAL A 87 -17.40 -11.80 30.92
N ALA A 88 -16.18 -11.35 31.27
CA ALA A 88 -15.82 -10.98 32.64
C ALA A 88 -16.67 -9.80 33.12
N HIS A 89 -16.94 -8.82 32.29
CA HIS A 89 -17.80 -7.69 32.73
C HIS A 89 -19.20 -8.19 33.10
N CYS A 90 -19.80 -9.08 32.30
CA CYS A 90 -21.13 -9.60 32.60
C CYS A 90 -21.09 -10.33 33.95
N MET A 91 -20.11 -11.21 34.17
CA MET A 91 -19.96 -11.91 35.47
C MET A 91 -19.88 -10.87 36.60
N TYR A 92 -19.13 -9.80 36.39
CA TYR A 92 -18.94 -8.69 37.38
C TYR A 92 -20.31 -8.05 37.70
N ALA A 93 -21.11 -7.77 36.68
CA ALA A 93 -22.47 -7.21 36.85
C ALA A 93 -23.30 -8.21 37.67
N ILE A 94 -23.17 -9.51 37.41
CA ILE A 94 -23.96 -10.52 38.18
C ILE A 94 -23.48 -10.50 39.64
N LEU A 95 -22.18 -10.54 39.88
CA LEU A 95 -21.65 -10.64 41.27
C LEU A 95 -21.99 -9.40 42.10
N GLN A 96 -22.00 -8.22 41.49
CA GLN A 96 -22.30 -6.92 42.14
C GLN A 96 -23.79 -6.79 42.46
N ASN A 97 -24.68 -7.44 41.68
CA ASN A 97 -26.16 -7.43 41.89
C ASN A 97 -26.61 -8.61 42.78
N ASN A 98 -25.69 -9.46 43.25
CA ASN A 98 -25.94 -10.60 44.18
C ASN A 98 -24.78 -10.65 45.17
N HIS A 99 -24.49 -9.52 45.82
CA HIS A 99 -23.32 -9.29 46.70
C HIS A 99 -23.15 -10.48 47.68
N THR A 100 -24.19 -10.79 48.47
CA THR A 100 -24.06 -11.71 49.64
C THR A 100 -24.11 -13.19 49.25
N LEU A 101 -24.54 -13.57 48.04
CA LEU A 101 -24.72 -15.01 47.69
C LEU A 101 -23.37 -15.69 47.38
N PHE A 102 -22.23 -14.99 47.30
CA PHE A 102 -20.98 -15.63 46.82
C PHE A 102 -19.84 -15.41 47.82
N THR A 103 -19.01 -16.44 47.97
CA THR A 103 -17.84 -16.48 48.87
C THR A 103 -16.74 -15.61 48.28
N ASP A 104 -15.81 -15.17 49.15
CA ASP A 104 -14.56 -14.44 48.80
C ASP A 104 -13.94 -15.13 47.58
N LEU A 105 -13.70 -16.44 47.69
CA LEU A 105 -12.99 -17.30 46.71
C LEU A 105 -13.73 -17.35 45.36
N GLU A 106 -15.05 -17.54 45.41
CA GLU A 106 -15.92 -17.58 44.21
C GLU A 106 -15.73 -16.28 43.43
N ARG A 107 -15.73 -15.13 44.10
CA ARG A 107 -15.65 -13.83 43.40
C ARG A 107 -14.29 -13.71 42.70
N LYS A 108 -13.21 -13.98 43.45
CA LYS A 108 -11.80 -14.05 42.97
C LYS A 108 -11.74 -14.96 41.73
N GLY A 109 -12.27 -16.17 41.89
CA GLY A 109 -12.13 -17.28 40.92
C GLY A 109 -12.92 -17.04 39.66
N LEU A 110 -14.14 -16.54 39.78
CA LEU A 110 -15.08 -16.46 38.65
C LEU A 110 -14.69 -15.34 37.67
N LEU A 111 -14.18 -14.21 38.13
CA LEU A 111 -13.77 -13.15 37.18
C LEU A 111 -12.55 -13.67 36.41
N ILE A 112 -11.66 -14.41 37.07
CA ILE A 112 -10.44 -14.97 36.45
C ILE A 112 -10.92 -16.07 35.50
N ALA A 113 -11.82 -16.91 35.98
CA ALA A 113 -12.38 -17.97 35.10
C ALA A 113 -12.85 -17.31 33.80
N CYS A 114 -13.52 -16.17 33.89
CA CYS A 114 -14.21 -15.56 32.73
C CYS A 114 -13.19 -14.97 31.78
N LEU A 115 -12.21 -14.25 32.30
CA LEU A 115 -11.08 -13.71 31.50
C LEU A 115 -10.36 -14.86 30.79
N CYS A 116 -10.26 -16.03 31.43
CA CYS A 116 -9.46 -17.16 30.89
C CYS A 116 -10.29 -18.15 30.07
N HIS A 117 -11.62 -17.98 30.02
CA HIS A 117 -12.53 -19.10 29.65
C HIS A 117 -12.30 -19.54 28.19
N ASP A 118 -11.74 -18.68 27.34
CA ASP A 118 -11.55 -19.01 25.88
C ASP A 118 -10.07 -18.92 25.48
N LEU A 119 -9.14 -18.93 26.43
CA LEU A 119 -7.67 -18.84 26.16
C LEU A 119 -7.25 -19.69 24.95
N ASP A 120 -6.49 -19.07 24.04
CA ASP A 120 -5.89 -19.77 22.88
C ASP A 120 -6.97 -20.44 22.05
N HIS A 121 -8.16 -19.86 21.95
CA HIS A 121 -9.22 -20.33 21.04
C HIS A 121 -8.73 -20.08 19.62
N ARG A 122 -8.97 -21.02 18.71
CA ARG A 122 -8.42 -20.91 17.35
C ARG A 122 -9.52 -20.48 16.37
N GLY A 123 -10.74 -20.25 16.83
CA GLY A 123 -11.85 -19.83 15.95
C GLY A 123 -12.74 -20.98 15.48
N PHE A 124 -12.63 -22.18 16.07
CA PHE A 124 -13.31 -23.43 15.60
C PHE A 124 -13.98 -24.18 16.76
N SER A 125 -15.11 -24.80 16.48
CA SER A 125 -15.91 -25.60 17.46
C SER A 125 -15.17 -26.89 17.79
N ASN A 126 -15.51 -27.50 18.94
CA ASN A 126 -15.11 -28.88 19.32
C ASN A 126 -15.40 -29.83 18.15
N SER A 127 -16.51 -29.64 17.44
CA SER A 127 -16.95 -30.50 16.31
C SER A 127 -15.87 -30.53 15.25
N TYR A 128 -15.39 -29.35 14.85
CA TYR A 128 -14.38 -29.22 13.78
C TYR A 128 -13.06 -29.88 14.22
N LEU A 129 -12.64 -29.65 15.47
CA LEU A 129 -11.43 -30.32 16.02
C LEU A 129 -11.55 -31.82 15.81
N GLN A 130 -12.71 -32.41 16.14
CA GLN A 130 -12.94 -33.88 16.11
C GLN A 130 -12.89 -34.34 14.65
N LYS A 131 -13.55 -33.61 13.77
CA LYS A 131 -13.67 -34.01 12.35
C LYS A 131 -12.32 -33.81 11.67
N PHE A 132 -11.57 -32.79 12.04
CA PHE A 132 -10.23 -32.55 11.47
C PHE A 132 -9.24 -33.56 12.04
N ASP A 133 -9.53 -34.03 13.26
CA ASP A 133 -8.68 -34.98 14.01
C ASP A 133 -7.48 -34.23 14.57
N HIS A 134 -7.71 -33.02 15.07
CA HIS A 134 -6.70 -32.19 15.76
C HIS A 134 -6.15 -32.97 16.96
N PRO A 135 -4.83 -32.86 17.28
CA PRO A 135 -4.26 -33.45 18.48
C PRO A 135 -5.05 -33.17 19.77
N LEU A 136 -5.62 -31.97 19.94
CA LEU A 136 -6.38 -31.66 21.18
C LEU A 136 -7.60 -32.57 21.31
N ALA A 137 -8.17 -33.07 20.21
CA ALA A 137 -9.33 -34.03 20.23
C ALA A 137 -8.92 -35.46 20.65
N ALA A 138 -7.67 -35.88 20.47
CA ALA A 138 -7.19 -37.17 21.02
C ALA A 138 -6.89 -37.01 22.52
N LEU A 139 -6.30 -35.87 22.89
CA LEU A 139 -5.89 -35.55 24.28
C LEU A 139 -7.11 -35.35 25.19
N TYR A 140 -8.22 -34.80 24.67
CA TYR A 140 -9.46 -34.50 25.43
C TYR A 140 -10.69 -34.84 24.59
N SER A 141 -11.35 -35.95 24.91
CA SER A 141 -12.39 -36.59 24.08
C SER A 141 -13.63 -35.70 24.06
N THR A 142 -13.99 -35.07 25.19
CA THR A 142 -15.13 -34.12 25.23
C THR A 142 -14.73 -32.81 25.93
N SER A 143 -15.53 -31.78 25.72
CA SER A 143 -15.20 -30.37 26.10
C SER A 143 -13.78 -30.03 25.67
N THR A 144 -13.44 -30.40 24.43
CA THR A 144 -12.06 -30.35 23.87
C THR A 144 -11.48 -28.98 24.16
N MET A 145 -12.04 -27.93 23.58
CA MET A 145 -11.42 -26.60 23.69
C MET A 145 -11.46 -26.20 25.17
N GLU A 146 -12.50 -26.58 25.88
CA GLU A 146 -12.67 -26.09 27.27
C GLU A 146 -11.61 -26.72 28.17
N GLN A 147 -11.19 -27.96 27.90
CA GLN A 147 -10.11 -28.56 28.74
C GLN A 147 -8.80 -27.87 28.36
N HIS A 148 -8.65 -27.52 27.10
CA HIS A 148 -7.48 -26.75 26.61
C HIS A 148 -7.42 -25.41 27.34
N HIS A 149 -8.53 -24.65 27.38
CA HIS A 149 -8.57 -23.31 27.99
C HIS A 149 -8.16 -23.41 29.45
N PHE A 150 -8.70 -24.37 30.19
CA PHE A 150 -8.34 -24.51 31.63
C PHE A 150 -6.84 -24.80 31.77
N SER A 151 -6.33 -25.64 30.86
CA SER A 151 -4.90 -26.08 30.76
C SER A 151 -4.02 -24.84 30.57
N GLN A 152 -4.41 -23.98 29.62
CA GLN A 152 -3.68 -22.73 29.33
C GLN A 152 -3.74 -21.83 30.56
N THR A 153 -4.86 -21.78 31.27
CA THR A 153 -4.99 -20.98 32.51
C THR A 153 -3.93 -21.45 33.52
N VAL A 154 -3.88 -22.75 33.79
CA VAL A 154 -2.93 -23.33 34.79
C VAL A 154 -1.49 -23.06 34.33
N SER A 155 -1.17 -23.23 33.05
CA SER A 155 0.16 -22.88 32.49
C SER A 155 0.53 -21.44 32.85
N ILE A 156 -0.38 -20.51 32.63
CA ILE A 156 -0.12 -19.06 32.82
C ILE A 156 0.06 -18.78 34.31
N LEU A 157 -0.73 -19.41 35.16
CA LEU A 157 -0.57 -19.30 36.65
C LEU A 157 0.81 -19.78 37.15
N GLN A 158 1.50 -20.63 36.39
CA GLN A 158 2.79 -21.26 36.81
C GLN A 158 3.99 -20.51 36.21
N LEU A 159 3.77 -19.48 35.40
CA LEU A 159 4.85 -18.60 34.90
C LEU A 159 5.38 -17.85 36.13
N GLU A 160 6.71 -17.64 36.24
CA GLU A 160 7.31 -16.93 37.39
C GLU A 160 6.61 -15.58 37.48
N GLY A 161 6.16 -15.19 38.67
CA GLY A 161 5.58 -13.87 38.99
C GLY A 161 4.14 -13.72 38.51
N HIS A 162 3.47 -14.82 38.12
CA HIS A 162 2.07 -14.81 37.60
C HIS A 162 1.10 -15.45 38.59
N ASN A 163 1.55 -16.08 39.67
CA ASN A 163 0.60 -16.76 40.59
C ASN A 163 -0.07 -15.69 41.44
N ILE A 164 -1.18 -15.16 40.95
CA ILE A 164 -2.06 -14.17 41.63
C ILE A 164 -2.70 -14.81 42.87
N PHE A 165 -2.64 -16.14 43.02
CA PHE A 165 -3.26 -16.90 44.15
C PHE A 165 -2.23 -17.34 45.23
N SER A 166 -0.97 -16.92 45.10
CA SER A 166 0.16 -17.23 46.02
C SER A 166 -0.24 -17.06 47.50
N THR A 167 -1.03 -16.04 47.83
CA THR A 167 -1.39 -15.70 49.25
C THR A 167 -2.38 -16.69 49.84
N LEU A 168 -3.13 -17.41 49.00
CA LEU A 168 -4.16 -18.38 49.46
C LEU A 168 -3.51 -19.55 50.21
N SER A 169 -4.19 -20.08 51.24
CA SER A 169 -3.84 -21.38 51.88
C SER A 169 -3.81 -22.45 50.80
N SER A 170 -3.08 -23.52 51.04
CA SER A 170 -2.95 -24.67 50.11
C SER A 170 -4.34 -25.20 49.73
N SER A 171 -5.31 -25.19 50.66
CA SER A 171 -6.66 -25.78 50.48
C SER A 171 -7.54 -24.80 49.67
N GLU A 172 -7.49 -23.52 50.02
CA GLU A 172 -8.10 -22.39 49.27
C GLU A 172 -7.62 -22.41 47.81
N TYR A 173 -6.32 -22.59 47.58
CA TYR A 173 -5.73 -22.68 46.23
C TYR A 173 -6.42 -23.80 45.44
N GLU A 174 -6.60 -24.98 46.03
CA GLU A 174 -7.23 -26.15 45.33
C GLU A 174 -8.73 -25.87 45.13
N GLN A 175 -9.37 -25.22 46.09
CA GLN A 175 -10.77 -24.79 45.94
C GLN A 175 -10.89 -23.81 44.76
N VAL A 176 -10.03 -22.79 44.66
CA VAL A 176 -10.20 -21.76 43.60
C VAL A 176 -9.91 -22.41 42.24
N LEU A 177 -8.94 -23.33 42.13
CA LEU A 177 -8.59 -23.88 40.80
C LEU A 177 -9.69 -24.84 40.36
N GLU A 178 -10.47 -25.38 41.30
CA GLU A 178 -11.60 -26.31 41.04
C GLU A 178 -12.83 -25.47 40.64
N ILE A 179 -13.07 -24.35 41.28
CA ILE A 179 -14.11 -23.39 40.85
C ILE A 179 -13.81 -22.95 39.41
N ILE A 180 -12.57 -22.61 39.09
CA ILE A 180 -12.21 -22.07 37.75
C ILE A 180 -12.40 -23.19 36.72
N ARG A 181 -12.11 -24.42 37.10
CA ARG A 181 -12.07 -25.57 36.17
C ARG A 181 -13.51 -25.92 35.82
N LYS A 182 -14.35 -26.10 36.82
CA LYS A 182 -15.79 -26.37 36.58
C LYS A 182 -16.39 -25.17 35.82
N ALA A 183 -16.00 -23.95 36.17
CA ALA A 183 -16.53 -22.71 35.52
C ALA A 183 -16.20 -22.76 34.02
N ILE A 184 -14.96 -23.07 33.67
CA ILE A 184 -14.53 -23.03 32.24
C ILE A 184 -15.18 -24.18 31.49
N ILE A 185 -15.24 -25.35 32.10
CA ILE A 185 -15.84 -26.54 31.44
C ILE A 185 -17.30 -26.20 31.14
N ALA A 186 -17.96 -25.45 32.02
CA ALA A 186 -19.41 -25.15 31.93
C ALA A 186 -19.70 -24.30 30.70
N THR A 187 -18.69 -23.60 30.17
CA THR A 187 -18.84 -22.82 28.93
C THR A 187 -18.95 -23.74 27.72
N ASP A 188 -18.86 -25.07 27.89
CA ASP A 188 -19.16 -26.03 26.79
C ASP A 188 -20.67 -26.05 26.61
N LEU A 189 -21.20 -25.40 25.58
CA LEU A 189 -22.67 -25.21 25.44
C LEU A 189 -23.39 -26.58 25.33
N ALA A 190 -22.72 -27.66 24.94
CA ALA A 190 -23.32 -29.02 24.95
C ALA A 190 -23.69 -29.41 26.39
N LEU A 191 -22.97 -28.93 27.40
CA LEU A 191 -23.23 -29.26 28.84
C LEU A 191 -24.33 -28.36 29.39
N TYR A 192 -24.63 -27.26 28.70
CA TYR A 192 -25.55 -26.24 29.24
C TYR A 192 -26.96 -26.85 29.34
N PHE A 193 -27.37 -27.62 28.34
CA PHE A 193 -28.79 -28.02 28.15
C PHE A 193 -29.26 -28.87 29.32
N GLY A 194 -28.55 -29.95 29.59
CA GLY A 194 -28.79 -30.77 30.78
C GLY A 194 -28.67 -29.90 32.02
N ASN A 195 -27.69 -29.02 32.09
CA ASN A 195 -27.42 -28.32 33.37
C ASN A 195 -28.64 -27.43 33.72
N ARG A 196 -29.16 -26.73 32.74
CA ARG A 196 -30.35 -25.87 32.92
C ARG A 196 -31.57 -26.74 33.23
N LYS A 197 -31.82 -27.85 32.53
CA LYS A 197 -32.99 -28.73 32.80
C LYS A 197 -32.95 -29.18 34.27
N GLN A 198 -31.80 -29.61 34.78
CA GLN A 198 -31.61 -30.00 36.20
C GLN A 198 -31.88 -28.81 37.12
N LEU A 199 -31.42 -27.60 36.80
CA LEU A 199 -31.65 -26.42 37.69
C LEU A 199 -33.15 -26.09 37.73
N GLU A 200 -33.78 -26.03 36.55
CA GLU A 200 -35.24 -25.87 36.31
C GLU A 200 -35.97 -26.82 37.26
N GLU A 201 -35.85 -28.15 37.06
CA GLU A 201 -36.47 -29.21 37.90
C GLU A 201 -36.26 -28.83 39.36
N MET A 202 -35.02 -28.64 39.79
CA MET A 202 -34.62 -28.46 41.20
C MET A 202 -35.22 -27.17 41.78
N TYR A 203 -35.51 -26.14 40.98
CA TYR A 203 -36.06 -24.88 41.53
C TYR A 203 -37.59 -24.97 41.67
N GLN A 204 -38.26 -25.65 40.73
CA GLN A 204 -39.73 -25.88 40.68
C GLN A 204 -40.15 -26.88 41.76
N THR A 205 -39.43 -28.00 41.91
CA THR A 205 -39.67 -29.00 42.99
C THR A 205 -39.20 -28.44 44.35
N GLY A 206 -38.43 -27.35 44.39
CA GLY A 206 -38.04 -26.67 45.64
C GLY A 206 -36.82 -27.28 46.32
N SER A 207 -36.18 -28.28 45.68
CA SER A 207 -34.97 -28.98 46.20
C SER A 207 -33.70 -28.11 46.09
N LEU A 208 -33.63 -27.15 45.15
CA LEU A 208 -32.44 -26.29 44.98
C LEU A 208 -31.99 -25.75 46.34
N ASN A 209 -30.75 -26.06 46.75
CA ASN A 209 -30.15 -25.63 48.04
C ASN A 209 -28.73 -25.14 47.80
N LEU A 210 -28.46 -23.86 48.03
CA LEU A 210 -27.15 -23.26 47.69
C LEU A 210 -26.08 -23.63 48.74
N ASN A 211 -26.40 -24.41 49.77
CA ASN A 211 -25.37 -24.98 50.70
C ASN A 211 -24.84 -26.30 50.13
N ASN A 212 -25.62 -26.94 49.26
CA ASN A 212 -25.20 -28.11 48.47
C ASN A 212 -24.14 -27.66 47.43
N GLN A 213 -22.85 -27.93 47.69
CA GLN A 213 -21.76 -27.63 46.72
C GLN A 213 -22.16 -28.05 45.29
N SER A 214 -22.70 -29.25 45.05
CA SER A 214 -23.05 -29.71 43.68
C SER A 214 -24.15 -28.79 43.11
N HIS A 215 -24.96 -28.16 43.96
CA HIS A 215 -26.05 -27.27 43.51
C HIS A 215 -25.44 -25.91 43.14
N ARG A 216 -24.52 -25.39 43.95
CA ARG A 216 -23.72 -24.19 43.61
C ARG A 216 -23.04 -24.38 42.24
N ASP A 217 -22.37 -25.51 42.07
CA ASP A 217 -21.63 -25.87 40.83
C ASP A 217 -22.52 -25.62 39.62
N ARG A 218 -23.74 -26.16 39.63
CA ARG A 218 -24.71 -26.06 38.51
C ARG A 218 -25.08 -24.59 38.27
N VAL A 219 -25.31 -23.84 39.36
CA VAL A 219 -25.72 -22.40 39.32
C VAL A 219 -24.57 -21.59 38.71
N ILE A 220 -23.35 -21.78 39.21
CA ILE A 220 -22.15 -21.12 38.62
C ILE A 220 -22.01 -21.53 37.14
N GLY A 221 -22.28 -22.78 36.81
CA GLY A 221 -22.32 -23.24 35.41
C GLY A 221 -23.31 -22.44 34.59
N LEU A 222 -24.45 -22.08 35.16
CA LEU A 222 -25.48 -21.40 34.36
C LEU A 222 -25.07 -19.95 34.17
N MET A 223 -24.56 -19.31 35.21
CA MET A 223 -23.96 -17.94 35.15
C MET A 223 -22.89 -17.86 34.05
N MET A 224 -22.05 -18.87 33.92
CA MET A 224 -20.95 -18.89 32.93
C MET A 224 -21.61 -18.89 31.56
N THR A 225 -22.59 -19.75 31.33
CA THR A 225 -23.35 -19.73 30.05
C THR A 225 -23.97 -18.34 29.83
N ALA A 226 -24.59 -17.75 30.86
CA ALA A 226 -25.23 -16.43 30.75
C ALA A 226 -24.18 -15.37 30.37
N CYS A 227 -23.02 -15.37 31.03
CA CYS A 227 -21.96 -14.37 30.75
C CYS A 227 -21.37 -14.59 29.35
N ASP A 228 -21.14 -15.84 29.01
CA ASP A 228 -20.62 -16.21 27.68
C ASP A 228 -21.59 -15.78 26.60
N LEU A 229 -22.92 -15.84 26.78
CA LEU A 229 -23.86 -15.50 25.68
C LEU A 229 -24.28 -14.03 25.75
N CYS A 230 -23.67 -13.22 26.61
CA CYS A 230 -24.19 -11.87 26.97
C CYS A 230 -24.20 -10.90 25.77
N SER A 231 -23.79 -11.29 24.57
CA SER A 231 -23.91 -10.41 23.36
C SER A 231 -25.39 -10.18 23.04
N VAL A 232 -26.24 -11.16 23.38
CA VAL A 232 -27.70 -11.13 23.08
C VAL A 232 -28.38 -10.23 24.12
N THR A 233 -27.67 -9.75 25.14
CA THR A 233 -28.28 -8.94 26.21
C THR A 233 -27.84 -7.48 26.06
N LYS A 234 -27.16 -7.11 24.99
CA LYS A 234 -26.65 -5.72 24.82
C LYS A 234 -27.71 -4.88 24.11
N LEU A 235 -27.41 -3.61 23.94
CA LEU A 235 -28.22 -2.75 23.02
C LEU A 235 -28.11 -3.31 21.60
N TRP A 236 -29.19 -3.16 20.84
CA TRP A 236 -29.38 -3.83 19.53
C TRP A 236 -28.16 -3.63 18.63
N PRO A 237 -27.55 -2.43 18.51
CA PRO A 237 -26.45 -2.23 17.55
C PRO A 237 -25.20 -3.01 17.95
N VAL A 238 -25.00 -3.22 19.26
CA VAL A 238 -23.87 -4.06 19.78
C VAL A 238 -24.17 -5.51 19.44
N THR A 239 -25.36 -5.98 19.77
CA THR A 239 -25.85 -7.36 19.50
C THR A 239 -25.69 -7.69 18.02
N LYS A 240 -26.20 -6.83 17.18
CA LYS A 240 -26.16 -7.01 15.71
C LYS A 240 -24.72 -7.04 15.20
N LEU A 241 -23.83 -6.15 15.69
CA LEU A 241 -22.45 -6.03 15.18
C LEU A 241 -21.61 -7.15 15.77
N THR A 242 -21.87 -7.57 17.02
CA THR A 242 -21.22 -8.80 17.55
C THR A 242 -21.63 -10.02 16.72
N ALA A 243 -22.88 -10.13 16.26
CA ALA A 243 -23.35 -11.28 15.47
C ALA A 243 -22.53 -11.40 14.17
N ASN A 244 -22.17 -10.26 13.56
CA ASN A 244 -21.32 -10.24 12.34
C ASN A 244 -19.99 -10.97 12.62
N ASP A 245 -19.36 -10.68 13.76
CA ASP A 245 -18.06 -11.30 14.14
C ASP A 245 -18.29 -12.78 14.44
N ILE A 246 -19.36 -13.09 15.15
CA ILE A 246 -19.69 -14.51 15.42
C ILE A 246 -19.81 -15.23 14.06
N TYR A 247 -20.54 -14.67 13.10
CA TYR A 247 -20.82 -15.39 11.83
C TYR A 247 -19.52 -15.50 11.02
N ALA A 248 -18.63 -14.50 11.12
CA ALA A 248 -17.31 -14.48 10.44
C ALA A 248 -16.54 -15.74 10.85
N GLU A 249 -16.59 -16.13 12.12
CA GLU A 249 -15.93 -17.39 12.55
C GLU A 249 -16.74 -18.57 12.05
N PHE A 250 -18.04 -18.59 12.27
CA PHE A 250 -18.87 -19.76 11.91
C PHE A 250 -18.70 -20.07 10.44
N TRP A 251 -18.71 -19.05 9.60
CA TRP A 251 -18.62 -19.23 8.14
C TRP A 251 -17.22 -19.73 7.74
N ALA A 252 -16.15 -19.25 8.35
CA ALA A 252 -14.78 -19.77 8.13
C ALA A 252 -14.75 -21.24 8.49
N GLU A 253 -15.35 -21.61 9.62
CA GLU A 253 -15.44 -23.04 10.03
C GLU A 253 -16.25 -23.82 8.98
N GLY A 254 -17.33 -23.27 8.45
CA GLY A 254 -18.12 -23.98 7.43
C GLY A 254 -17.30 -24.20 6.18
N ASP A 255 -16.51 -23.19 5.80
CA ASP A 255 -15.53 -23.25 4.68
C ASP A 255 -14.58 -24.43 4.95
N GLU A 256 -14.11 -24.56 6.17
CA GLU A 256 -13.13 -25.61 6.54
C GLU A 256 -13.83 -26.97 6.59
N MET A 257 -15.09 -27.00 6.98
CA MET A 257 -15.88 -28.25 6.91
C MET A 257 -15.92 -28.70 5.43
N LYS A 258 -16.28 -27.76 4.53
CA LYS A 258 -16.43 -28.02 3.08
C LYS A 258 -15.12 -28.54 2.52
N LYS A 259 -14.02 -27.99 3.02
CA LYS A 259 -12.65 -28.38 2.63
C LYS A 259 -12.38 -29.82 3.04
N LEU A 260 -12.89 -30.32 4.17
CA LEU A 260 -12.84 -31.76 4.54
C LEU A 260 -13.87 -32.64 3.81
N GLY A 261 -14.73 -32.11 2.95
CA GLY A 261 -15.75 -32.90 2.24
C GLY A 261 -17.02 -33.08 3.06
N ILE A 262 -17.29 -32.17 3.98
CA ILE A 262 -18.48 -32.25 4.89
C ILE A 262 -19.36 -31.02 4.65
N GLN A 263 -20.66 -31.22 4.44
CA GLN A 263 -21.65 -30.11 4.40
C GLN A 263 -21.80 -29.59 5.83
N PRO A 264 -21.50 -28.30 6.08
CA PRO A 264 -21.73 -27.73 7.39
C PRO A 264 -23.21 -27.49 7.66
N ILE A 265 -23.60 -27.53 8.93
CA ILE A 265 -24.93 -27.02 9.34
C ILE A 265 -25.12 -25.65 8.71
N PRO A 266 -26.36 -25.25 8.39
CA PRO A 266 -26.61 -23.98 7.70
C PRO A 266 -26.07 -22.73 8.44
N MET A 267 -26.06 -22.77 9.77
CA MET A 267 -25.55 -21.66 10.62
C MET A 267 -24.12 -21.29 10.21
N MET A 268 -23.35 -22.28 9.73
CA MET A 268 -21.91 -22.15 9.41
C MET A 268 -21.69 -21.98 7.90
N ASP A 269 -22.77 -22.03 7.10
CA ASP A 269 -22.69 -22.02 5.63
C ASP A 269 -22.97 -20.61 5.12
N ARG A 270 -21.94 -19.95 4.60
CA ARG A 270 -22.04 -18.54 4.18
C ARG A 270 -22.87 -18.43 2.91
N ASP A 271 -23.23 -19.56 2.30
CA ASP A 271 -24.21 -19.57 1.19
C ASP A 271 -25.61 -19.29 1.75
N LYS A 272 -25.87 -19.67 3.01
CA LYS A 272 -27.21 -19.59 3.66
C LYS A 272 -27.27 -18.39 4.61
N LYS A 273 -26.76 -17.22 4.19
CA LYS A 273 -26.85 -15.94 4.96
C LYS A 273 -28.32 -15.49 5.06
N ASP A 274 -29.06 -15.57 3.94
CA ASP A 274 -30.54 -15.47 3.88
C ASP A 274 -31.15 -16.02 5.19
N GLU A 275 -30.74 -17.19 5.68
CA GLU A 275 -31.37 -17.89 6.85
C GLU A 275 -30.91 -17.34 8.21
N VAL A 276 -30.09 -16.29 8.24
CA VAL A 276 -29.48 -15.74 9.50
C VAL A 276 -30.61 -15.30 10.43
N PRO A 277 -31.54 -14.41 10.04
CA PRO A 277 -32.57 -13.96 10.97
C PRO A 277 -33.31 -15.13 11.65
N GLN A 278 -33.75 -16.13 10.88
CA GLN A 278 -34.47 -17.32 11.43
C GLN A 278 -33.52 -18.13 12.35
N GLY A 279 -32.22 -18.20 12.02
CA GLY A 279 -31.21 -18.88 12.85
C GLY A 279 -31.11 -18.26 14.23
N GLN A 280 -31.15 -16.93 14.27
CA GLN A 280 -31.14 -16.16 15.53
C GLN A 280 -32.39 -16.50 16.34
N LEU A 281 -33.57 -16.44 15.70
CA LEU A 281 -34.85 -16.84 16.32
C LEU A 281 -34.67 -18.19 17.03
N GLY A 282 -34.22 -19.20 16.28
CA GLY A 282 -33.95 -20.53 16.83
C GLY A 282 -33.16 -20.43 18.10
N PHE A 283 -32.02 -19.74 18.01
CA PHE A 283 -31.00 -19.66 19.07
C PHE A 283 -31.53 -18.95 20.31
N TYR A 284 -32.25 -17.83 20.14
CA TYR A 284 -32.86 -17.09 21.27
C TYR A 284 -33.89 -17.98 21.96
N ASN A 285 -34.75 -18.66 21.20
CA ASN A 285 -35.79 -19.57 21.74
C ASN A 285 -35.17 -20.85 22.32
N ALA A 286 -34.26 -21.53 21.62
CA ALA A 286 -33.67 -22.79 22.13
C ALA A 286 -32.66 -22.54 23.25
N VAL A 287 -32.01 -21.35 23.30
CA VAL A 287 -30.82 -21.21 24.20
C VAL A 287 -30.93 -19.99 25.11
N ALA A 288 -30.86 -18.82 24.50
CA ALA A 288 -30.70 -17.54 25.21
C ALA A 288 -31.87 -17.39 26.19
N ILE A 289 -33.11 -17.44 25.71
CA ILE A 289 -34.30 -17.12 26.57
C ILE A 289 -34.40 -18.14 27.72
N PRO A 290 -34.38 -19.46 27.48
CA PRO A 290 -34.35 -20.41 28.59
C PRO A 290 -33.20 -20.20 29.58
N CYS A 291 -32.02 -19.89 29.05
CA CYS A 291 -30.82 -19.63 29.87
C CYS A 291 -31.10 -18.52 30.87
N TYR A 292 -31.49 -17.35 30.38
CA TYR A 292 -31.70 -16.14 31.21
C TYR A 292 -33.00 -16.22 32.00
N THR A 293 -34.03 -16.90 31.49
CA THR A 293 -35.27 -17.21 32.25
C THR A 293 -34.88 -17.99 33.53
N THR A 294 -34.30 -19.17 33.36
CA THR A 294 -33.84 -19.99 34.50
C THR A 294 -32.90 -19.15 35.37
N LEU A 295 -32.02 -18.32 34.79
CA LEU A 295 -31.04 -17.58 35.63
C LEU A 295 -31.80 -16.56 36.51
N THR A 296 -32.82 -15.89 35.97
CA THR A 296 -33.61 -14.86 36.70
C THR A 296 -34.39 -15.52 37.86
N GLN A 297 -35.02 -16.68 37.60
CA GLN A 297 -35.72 -17.51 38.63
C GLN A 297 -34.77 -17.77 39.81
N ILE A 298 -33.55 -18.21 39.54
CA ILE A 298 -32.60 -18.59 40.62
C ILE A 298 -31.98 -17.32 41.23
N LEU A 299 -31.58 -16.33 40.41
CA LEU A 299 -30.98 -15.05 40.89
C LEU A 299 -31.81 -13.88 40.38
N PRO A 300 -32.84 -13.44 41.14
CA PRO A 300 -33.81 -12.48 40.61
C PRO A 300 -33.20 -11.16 40.14
N PRO A 301 -32.16 -10.59 40.79
CA PRO A 301 -31.56 -9.34 40.31
C PRO A 301 -30.91 -9.40 38.90
N THR A 302 -30.84 -10.56 38.23
CA THR A 302 -30.30 -10.69 36.86
C THR A 302 -31.39 -10.49 35.80
N GLU A 303 -32.59 -10.11 36.20
CA GLU A 303 -33.76 -9.94 35.30
C GLU A 303 -33.40 -9.07 34.10
N PRO A 304 -32.66 -7.96 34.26
CA PRO A 304 -32.28 -7.13 33.13
C PRO A 304 -31.65 -7.91 31.95
N LEU A 305 -30.91 -8.99 32.19
CA LEU A 305 -30.36 -9.86 31.13
C LEU A 305 -31.52 -10.47 30.36
N LEU A 306 -32.55 -10.98 31.04
CA LEU A 306 -33.72 -11.60 30.37
C LEU A 306 -34.43 -10.53 29.55
N LYS A 307 -34.65 -9.36 30.13
CA LYS A 307 -35.46 -8.30 29.48
C LYS A 307 -34.79 -7.89 28.15
N ALA A 308 -33.47 -7.72 28.18
CA ALA A 308 -32.66 -7.20 27.05
C ALA A 308 -32.62 -8.29 25.99
N CYS A 309 -32.50 -9.53 26.43
CA CYS A 309 -32.51 -10.71 25.53
C CYS A 309 -33.85 -10.75 24.80
N ARG A 310 -34.94 -10.67 25.53
CA ARG A 310 -36.33 -10.54 24.97
C ARG A 310 -36.42 -9.36 23.97
N ASP A 311 -35.90 -8.19 24.31
CA ASP A 311 -35.94 -7.01 23.38
C ASP A 311 -35.19 -7.37 22.09
N ASN A 312 -34.05 -8.06 22.20
CA ASN A 312 -33.21 -8.34 21.02
C ASN A 312 -33.92 -9.40 20.18
N LEU A 313 -34.54 -10.41 20.80
CA LEU A 313 -35.34 -11.42 20.05
C LEU A 313 -36.36 -10.64 19.22
N SER A 314 -36.99 -9.67 19.85
CA SER A 314 -38.01 -8.81 19.19
C SER A 314 -37.36 -8.04 18.04
N GLN A 315 -36.15 -7.53 18.23
CA GLN A 315 -35.39 -6.84 17.16
C GLN A 315 -35.15 -7.80 15.98
N TRP A 316 -34.77 -9.06 16.22
CA TRP A 316 -34.59 -10.08 15.14
C TRP A 316 -35.93 -10.36 14.43
N GLU A 317 -37.02 -10.53 15.20
CA GLU A 317 -38.40 -10.66 14.62
C GLU A 317 -38.64 -9.51 13.64
N LYS A 318 -38.31 -8.27 14.01
CA LYS A 318 -38.47 -7.11 13.08
C LYS A 318 -37.59 -7.30 11.85
N VAL A 319 -36.38 -7.83 12.00
CA VAL A 319 -35.49 -8.01 10.82
C VAL A 319 -36.21 -8.94 9.82
N ILE A 320 -36.77 -10.05 10.29
CA ILE A 320 -37.47 -11.04 9.41
C ILE A 320 -38.62 -10.33 8.69
N ARG A 321 -39.46 -9.62 9.43
CA ARG A 321 -40.66 -8.92 8.88
C ARG A 321 -40.23 -7.72 8.01
N GLY A 322 -39.00 -7.70 7.49
CA GLY A 322 -38.48 -6.62 6.63
C GLY A 322 -38.70 -5.22 7.17
N GLU A 323 -38.92 -5.01 8.49
CA GLU A 323 -39.02 -3.66 9.12
C GLU A 323 -37.63 -3.07 9.44
N GLU A 324 -36.55 -3.84 9.17
CA GLU A 324 -35.13 -3.39 9.11
C GLU A 324 -34.24 -4.57 8.69
N GLN B 11 31.41 9.15 5.21
CA GLN B 11 30.52 9.05 6.42
C GLN B 11 29.42 10.13 6.38
N GLY B 12 29.73 11.37 5.95
CA GLY B 12 28.75 12.48 5.81
C GLY B 12 28.32 12.72 4.36
N LEU B 13 28.98 12.07 3.39
CA LEU B 13 28.68 12.21 1.93
C LEU B 13 27.90 10.98 1.41
N MET B 14 26.93 10.50 2.19
CA MET B 14 25.86 9.53 1.76
C MET B 14 24.60 10.34 1.49
N GLN B 15 24.23 10.53 0.23
CA GLN B 15 22.88 11.00 -0.13
C GLN B 15 22.01 9.75 -0.35
N PHE B 16 20.79 9.75 0.18
CA PHE B 16 19.76 8.75 -0.18
C PHE B 16 19.42 8.95 -1.66
N THR B 17 19.21 7.85 -2.36
CA THR B 17 18.86 7.83 -3.80
C THR B 17 17.64 6.95 -4.02
N LEU B 18 16.80 7.32 -4.98
CA LEU B 18 15.61 6.54 -5.33
C LEU B 18 15.77 6.04 -6.77
N PRO B 19 15.12 4.91 -7.09
CA PRO B 19 15.02 4.46 -8.47
C PRO B 19 14.58 5.57 -9.43
N VAL B 20 15.02 5.50 -10.68
CA VAL B 20 14.75 6.55 -11.69
C VAL B 20 13.30 7.02 -11.52
N ARG B 21 12.33 6.10 -11.51
CA ARG B 21 10.91 6.50 -11.64
C ARG B 21 10.50 7.32 -10.43
N LEU B 22 10.93 6.94 -9.23
CA LEU B 22 10.43 7.63 -8.01
C LEU B 22 11.10 9.00 -7.96
N CYS B 23 12.42 9.05 -8.20
CA CYS B 23 13.26 10.27 -8.15
C CYS B 23 12.56 11.41 -8.89
N LYS B 24 12.00 11.16 -10.06
CA LYS B 24 11.36 12.21 -10.88
C LYS B 24 9.93 12.47 -10.39
N GLU B 25 9.15 11.42 -10.13
CA GLU B 25 7.71 11.50 -9.81
C GLU B 25 7.55 12.20 -8.44
N ILE B 26 8.53 12.04 -7.56
CA ILE B 26 8.40 12.51 -6.16
C ILE B 26 8.31 14.04 -6.15
N GLU B 27 8.81 14.67 -7.23
CA GLU B 27 8.90 16.15 -7.36
C GLU B 27 7.49 16.71 -7.63
N LEU B 28 6.59 15.88 -8.14
CA LEU B 28 5.19 16.25 -8.51
C LEU B 28 4.27 16.08 -7.30
N PHE B 29 3.38 17.05 -7.11
CA PHE B 29 2.34 17.04 -6.05
C PHE B 29 1.50 15.76 -6.07
N HIS B 30 1.30 15.09 -7.21
CA HIS B 30 0.38 13.93 -7.27
C HIS B 30 1.11 12.59 -7.03
N PHE B 31 2.36 12.63 -6.58
CA PHE B 31 3.15 11.42 -6.24
C PHE B 31 2.40 10.55 -5.24
N ASP B 32 2.28 9.27 -5.51
CA ASP B 32 1.84 8.22 -4.55
C ASP B 32 3.09 7.49 -4.07
N ILE B 33 3.27 7.30 -2.77
CA ILE B 33 4.53 6.76 -2.19
C ILE B 33 4.65 5.24 -2.37
N GLY B 34 3.61 4.60 -2.88
CA GLY B 34 3.65 3.19 -3.27
C GLY B 34 3.27 2.27 -2.13
N PRO B 35 3.07 0.96 -2.42
CA PRO B 35 2.60 -0.02 -1.46
C PRO B 35 3.68 -0.70 -0.61
N PHE B 36 4.96 -0.41 -0.87
CA PHE B 36 6.11 -1.00 -0.15
C PHE B 36 6.45 -0.16 1.09
N GLU B 37 5.95 -0.55 2.26
CA GLU B 37 6.21 0.09 3.56
C GLU B 37 7.72 0.36 3.72
N ASN B 38 8.55 -0.59 3.33
CA ASN B 38 10.00 -0.62 3.69
C ASN B 38 10.73 0.49 2.93
N MET B 39 10.16 1.03 1.85
CA MET B 39 10.75 2.17 1.12
C MET B 39 10.38 3.53 1.73
N TRP B 40 9.29 3.64 2.47
CA TRP B 40 8.77 4.96 2.93
C TRP B 40 9.80 5.67 3.80
N PRO B 41 10.52 5.01 4.72
CA PRO B 41 11.56 5.72 5.49
C PRO B 41 12.64 6.32 4.58
N GLY B 42 13.08 5.59 3.56
CA GLY B 42 14.08 6.08 2.60
C GLY B 42 13.58 7.30 1.86
N ILE B 43 12.33 7.25 1.42
CA ILE B 43 11.62 8.37 0.74
C ILE B 43 11.59 9.60 1.66
N PHE B 44 11.27 9.42 2.92
CA PHE B 44 11.24 10.57 3.85
C PHE B 44 12.65 11.15 4.01
N VAL B 45 13.66 10.31 4.27
CA VAL B 45 15.06 10.75 4.53
C VAL B 45 15.52 11.51 3.29
N TYR B 46 15.21 10.97 2.11
CA TYR B 46 15.50 11.62 0.82
C TYR B 46 14.83 13.00 0.75
N MET B 47 13.60 13.08 1.24
CA MET B 47 12.84 14.35 1.20
C MET B 47 13.51 15.33 2.15
N VAL B 48 13.91 14.90 3.34
CA VAL B 48 14.63 15.78 4.30
C VAL B 48 15.92 16.33 3.65
N HIS B 49 16.66 15.50 2.90
CA HIS B 49 18.00 15.84 2.37
C HIS B 49 17.90 16.81 1.20
N ARG B 50 16.97 16.62 0.26
CA ARG B 50 16.75 17.57 -0.86
C ARG B 50 16.02 18.83 -0.38
N SER B 51 15.46 18.81 0.83
CA SER B 51 14.55 19.86 1.35
C SER B 51 15.34 20.83 2.25
N CYS B 52 16.05 20.34 3.25
CA CYS B 52 16.82 21.25 4.13
C CYS B 52 18.29 20.81 4.21
N GLY B 53 18.69 19.79 3.44
CA GLY B 53 20.12 19.47 3.24
C GLY B 53 20.56 18.26 4.04
N THR B 54 21.70 17.69 3.65
CA THR B 54 22.33 16.46 4.22
C THR B 54 22.68 16.64 5.70
N SER B 55 23.05 17.85 6.09
CA SER B 55 23.65 18.20 7.40
C SER B 55 22.55 18.45 8.44
N CYS B 56 21.30 18.69 8.02
CA CYS B 56 20.16 19.11 8.87
C CYS B 56 20.08 18.25 10.13
N PHE B 57 20.24 16.94 9.96
CA PHE B 57 20.00 15.92 11.01
C PHE B 57 21.18 14.95 11.02
N GLU B 58 21.66 14.58 12.20
CA GLU B 58 22.53 13.39 12.32
C GLU B 58 21.71 12.23 11.74
N LEU B 59 22.22 11.60 10.67
CA LEU B 59 21.56 10.48 9.97
C LEU B 59 21.22 9.35 10.95
N GLU B 60 22.13 8.95 11.84
CA GLU B 60 21.85 7.84 12.79
C GLU B 60 20.61 8.21 13.61
N LYS B 61 20.58 9.40 14.24
CA LYS B 61 19.44 9.92 15.05
C LYS B 61 18.13 10.01 14.23
N LEU B 62 18.18 10.52 13.01
CA LEU B 62 16.98 10.66 12.16
C LEU B 62 16.34 9.28 11.96
N CME B 63 17.13 8.25 11.65
CA CME B 63 16.61 6.89 11.39
CB CME B 63 17.60 5.99 10.67
SG CME B 63 18.19 6.64 9.09
SD CME B 63 16.76 6.28 7.67
CE CME B 63 16.24 4.54 7.73
CZ CME B 63 16.25 3.89 6.36
OH CME B 63 17.43 3.11 6.18
C CME B 63 16.09 6.31 12.70
O CME B 63 15.14 5.53 12.67
N ARG B 64 16.68 6.68 13.82
CA ARG B 64 16.19 6.20 15.13
C ARG B 64 14.81 6.85 15.33
N PHE B 65 14.69 8.14 15.00
CA PHE B 65 13.46 8.93 15.18
C PHE B 65 12.35 8.36 14.28
N ILE B 66 12.65 8.17 13.01
CA ILE B 66 11.70 7.66 11.99
C ILE B 66 11.12 6.32 12.45
N MET B 67 11.96 5.39 12.87
CA MET B 67 11.55 4.01 13.23
C MET B 67 10.66 4.06 14.48
N SER B 68 10.96 4.93 15.44
CA SER B 68 10.10 5.14 16.64
C SER B 68 8.76 5.74 16.23
N VAL B 69 8.78 6.67 15.29
CA VAL B 69 7.54 7.33 14.85
C VAL B 69 6.71 6.22 14.21
N LYS B 70 7.28 5.45 13.27
CA LYS B 70 6.52 4.39 12.57
C LYS B 70 5.85 3.49 13.63
N LYS B 71 6.65 3.06 14.59
CA LYS B 71 6.23 2.06 15.60
C LYS B 71 5.02 2.63 16.37
N ASN B 72 4.87 3.95 16.47
CA ASN B 72 3.81 4.59 17.29
C ASN B 72 2.61 5.03 16.44
N TYR B 73 2.57 4.65 15.17
CA TYR B 73 1.36 4.72 14.31
C TYR B 73 0.69 3.34 14.41
N ARG B 74 -0.63 3.31 14.48
CA ARG B 74 -1.38 2.04 14.59
C ARG B 74 -1.77 1.52 13.22
N ARG B 75 -2.09 0.23 13.16
CA ARG B 75 -2.54 -0.45 11.94
C ARG B 75 -4.03 -0.17 11.80
N VAL B 76 -4.39 1.08 11.55
CA VAL B 76 -5.78 1.53 11.28
C VAL B 76 -5.91 1.71 9.78
N PRO B 77 -7.13 1.69 9.24
CA PRO B 77 -7.28 1.71 7.79
C PRO B 77 -6.76 2.96 7.07
N TYR B 78 -6.73 4.12 7.71
CA TYR B 78 -6.35 5.39 7.03
C TYR B 78 -5.32 6.19 7.84
N HIS B 79 -5.53 6.42 9.13
CA HIS B 79 -4.66 7.25 10.00
C HIS B 79 -3.42 6.47 10.43
N ASN B 80 -2.68 6.01 9.43
CA ASN B 80 -1.58 5.05 9.63
C ASN B 80 -0.30 5.68 9.09
N TRP B 81 0.78 4.91 9.17
CA TRP B 81 2.12 5.29 8.75
C TRP B 81 2.14 5.74 7.29
N LYS B 82 1.34 5.14 6.43
CA LYS B 82 1.30 5.57 5.03
C LYS B 82 0.77 7.00 4.92
N HIS B 83 -0.24 7.36 5.73
CA HIS B 83 -0.84 8.72 5.75
C HIS B 83 0.25 9.71 6.20
N ALA B 84 0.92 9.42 7.31
CA ALA B 84 1.97 10.30 7.87
C ALA B 84 2.97 10.69 6.80
N VAL B 85 3.38 9.72 5.97
CA VAL B 85 4.47 9.90 4.95
C VAL B 85 3.87 10.60 3.73
N THR B 86 2.65 10.25 3.35
CA THR B 86 1.95 10.93 2.23
C THR B 86 1.81 12.42 2.58
N VAL B 87 1.45 12.73 3.81
CA VAL B 87 1.28 14.14 4.25
C VAL B 87 2.65 14.82 4.25
N ALA B 88 3.73 14.15 4.66
CA ALA B 88 5.09 14.77 4.64
C ALA B 88 5.48 15.03 3.19
N HIS B 89 5.15 14.14 2.28
CA HIS B 89 5.51 14.31 0.86
C HIS B 89 4.78 15.52 0.26
N CYS B 90 3.49 15.68 0.50
CA CYS B 90 2.78 16.87 0.00
C CYS B 90 3.51 18.12 0.51
N MET B 91 3.95 18.11 1.77
CA MET B 91 4.55 19.29 2.42
C MET B 91 5.91 19.49 1.76
N TYR B 92 6.53 18.39 1.37
CA TYR B 92 7.83 18.40 0.68
C TYR B 92 7.63 19.15 -0.62
N ALA B 93 6.58 18.80 -1.35
CA ALA B 93 6.30 19.33 -2.71
C ALA B 93 6.08 20.84 -2.61
N ILE B 94 5.40 21.30 -1.55
CA ILE B 94 5.14 22.73 -1.29
C ILE B 94 6.46 23.42 -1.01
N LEU B 95 7.24 22.91 -0.05
CA LEU B 95 8.52 23.53 0.39
C LEU B 95 9.49 23.61 -0.79
N GLN B 96 9.51 22.62 -1.67
CA GLN B 96 10.46 22.56 -2.83
C GLN B 96 10.08 23.62 -3.87
N ASN B 97 8.79 23.87 -4.13
CA ASN B 97 8.31 24.91 -5.09
C ASN B 97 8.15 26.30 -4.47
N ASN B 98 8.48 26.50 -3.20
CA ASN B 98 8.39 27.82 -2.51
C ASN B 98 9.64 27.97 -1.63
N HIS B 99 10.78 27.48 -2.10
CA HIS B 99 11.94 27.20 -1.20
C HIS B 99 12.49 28.50 -0.59
N THR B 100 12.29 29.64 -1.27
CA THR B 100 12.82 30.96 -0.82
C THR B 100 11.99 31.52 0.35
N LEU B 101 10.76 31.06 0.57
CA LEU B 101 9.80 31.68 1.54
C LEU B 101 10.07 31.23 3.00
N PHE B 102 10.70 30.08 3.24
CA PHE B 102 10.69 29.48 4.60
C PHE B 102 12.08 29.53 5.23
N THR B 103 12.11 29.83 6.53
CA THR B 103 13.35 29.83 7.37
C THR B 103 13.86 28.39 7.38
N ASP B 104 15.07 28.15 7.89
CA ASP B 104 15.71 26.81 7.80
C ASP B 104 15.09 25.90 8.87
N LEU B 105 14.86 26.47 10.06
CA LEU B 105 14.03 25.89 11.16
C LEU B 105 12.70 25.40 10.60
N GLU B 106 11.99 26.25 9.86
CA GLU B 106 10.62 25.95 9.35
C GLU B 106 10.68 24.73 8.45
N ARG B 107 11.64 24.62 7.53
CA ARG B 107 11.71 23.44 6.63
C ARG B 107 11.97 22.17 7.46
N LYS B 108 12.75 22.27 8.54
CA LYS B 108 13.06 21.18 9.50
C LYS B 108 11.77 20.79 10.23
N GLY B 109 11.17 21.76 10.93
CA GLY B 109 9.91 21.63 11.68
C GLY B 109 8.80 20.96 10.88
N LEU B 110 8.57 21.41 9.66
CA LEU B 110 7.33 21.10 8.94
C LEU B 110 7.38 19.66 8.43
N LEU B 111 8.51 19.17 7.91
CA LEU B 111 8.55 17.78 7.38
C LEU B 111 8.39 16.79 8.53
N ILE B 112 8.90 17.14 9.71
CA ILE B 112 8.79 16.37 10.97
C ILE B 112 7.36 16.46 11.49
N ALA B 113 6.78 17.66 11.51
CA ALA B 113 5.39 17.91 11.93
C ALA B 113 4.47 16.97 11.13
N CYS B 114 4.60 16.98 9.81
CA CYS B 114 3.78 16.17 8.90
C CYS B 114 3.93 14.70 9.31
N LEU B 115 5.15 14.24 9.57
CA LEU B 115 5.44 12.81 9.84
C LEU B 115 4.83 12.36 11.16
N CYS B 116 4.73 13.26 12.14
CA CYS B 116 4.25 13.00 13.52
C CYS B 116 2.81 13.47 13.78
N HIS B 117 2.16 14.10 12.80
CA HIS B 117 0.91 14.90 13.01
C HIS B 117 -0.28 14.01 13.40
N ASP B 118 -0.28 12.73 13.08
CA ASP B 118 -1.38 11.83 13.49
C ASP B 118 -0.83 10.75 14.43
N LEU B 119 0.31 10.98 15.11
CA LEU B 119 0.95 9.93 15.94
C LEU B 119 -0.05 9.29 16.90
N ASP B 120 -0.11 7.96 16.87
CA ASP B 120 -0.85 7.14 17.87
C ASP B 120 -2.35 7.40 17.73
N HIS B 121 -2.77 7.75 16.51
CA HIS B 121 -4.19 7.83 16.13
C HIS B 121 -4.82 6.46 16.29
N ARG B 122 -6.01 6.39 16.88
CA ARG B 122 -6.75 5.15 17.22
C ARG B 122 -7.79 4.87 16.14
N GLY B 123 -7.98 5.80 15.21
CA GLY B 123 -8.98 5.71 14.12
C GLY B 123 -10.32 6.35 14.47
N PHE B 124 -10.35 7.26 15.45
CA PHE B 124 -11.59 7.89 15.94
C PHE B 124 -11.42 9.41 16.04
N SER B 125 -12.48 10.12 15.68
CA SER B 125 -12.59 11.60 15.70
C SER B 125 -12.53 12.12 17.14
N ASN B 126 -12.22 13.40 17.30
CA ASN B 126 -12.35 14.11 18.60
C ASN B 126 -13.78 13.97 19.18
N SER B 127 -14.83 14.02 18.35
CA SER B 127 -16.22 13.95 18.83
C SER B 127 -16.43 12.59 19.47
N TYR B 128 -15.93 11.56 18.82
CA TYR B 128 -16.17 10.19 19.31
C TYR B 128 -15.50 10.07 20.68
N LEU B 129 -14.26 10.54 20.83
CA LEU B 129 -13.52 10.57 22.12
C LEU B 129 -14.35 11.37 23.14
N GLN B 130 -14.90 12.52 22.75
CA GLN B 130 -15.76 13.37 23.64
C GLN B 130 -16.96 12.51 24.10
N LYS B 131 -17.69 11.87 23.19
CA LYS B 131 -18.96 11.19 23.57
C LYS B 131 -18.65 9.92 24.37
N PHE B 132 -17.57 9.23 24.04
CA PHE B 132 -17.16 7.98 24.69
C PHE B 132 -16.67 8.26 26.11
N ASP B 133 -16.17 9.48 26.32
CA ASP B 133 -15.56 9.93 27.58
C ASP B 133 -14.23 9.19 27.70
N HIS B 134 -13.46 9.15 26.62
CA HIS B 134 -12.05 8.68 26.66
C HIS B 134 -11.23 9.58 27.57
N PRO B 135 -10.34 9.02 28.41
CA PRO B 135 -9.45 9.82 29.28
C PRO B 135 -8.72 11.01 28.62
N LEU B 136 -8.33 10.84 27.37
CA LEU B 136 -7.68 11.92 26.59
C LEU B 136 -8.61 13.12 26.46
N ALA B 137 -9.93 12.92 26.51
CA ALA B 137 -10.93 14.00 26.36
C ALA B 137 -10.99 14.87 27.63
N ALA B 138 -10.58 14.33 28.78
CA ALA B 138 -10.53 15.05 30.09
C ALA B 138 -9.20 15.78 30.16
N LEU B 139 -8.18 15.20 29.56
CA LEU B 139 -6.81 15.77 29.53
C LEU B 139 -6.77 16.95 28.56
N TYR B 140 -7.38 16.85 27.38
CA TYR B 140 -7.32 17.89 26.34
C TYR B 140 -8.75 18.15 25.83
N SER B 141 -9.38 19.25 26.23
CA SER B 141 -10.84 19.43 26.05
C SER B 141 -11.14 19.87 24.61
N THR B 142 -10.22 20.57 23.93
CA THR B 142 -10.31 20.83 22.46
C THR B 142 -9.08 20.27 21.74
N SER B 143 -9.20 20.13 20.42
CA SER B 143 -8.16 19.53 19.55
C SER B 143 -7.57 18.28 20.27
N THR B 144 -8.41 17.36 20.76
CA THR B 144 -8.02 16.30 21.73
C THR B 144 -6.91 15.43 21.12
N MET B 145 -7.15 14.88 19.93
CA MET B 145 -6.18 13.99 19.28
C MET B 145 -4.93 14.80 18.94
N GLU B 146 -5.10 16.02 18.43
CA GLU B 146 -3.93 16.81 17.96
C GLU B 146 -3.03 17.16 19.15
N GLN B 147 -3.59 17.54 20.29
CA GLN B 147 -2.76 17.81 21.49
C GLN B 147 -2.01 16.50 21.83
N HIS B 148 -2.67 15.35 21.66
CA HIS B 148 -2.11 14.00 21.94
C HIS B 148 -1.01 13.66 20.93
N HIS B 149 -1.23 13.95 19.65
CA HIS B 149 -0.18 13.78 18.61
C HIS B 149 1.05 14.59 19.00
N PHE B 150 0.90 15.83 19.48
CA PHE B 150 2.08 16.69 19.79
C PHE B 150 2.85 16.11 20.98
N SER B 151 2.14 15.83 22.07
CA SER B 151 2.65 15.14 23.28
C SER B 151 3.43 13.87 22.91
N GLN B 152 2.98 13.07 21.96
CA GLN B 152 3.67 11.81 21.61
C GLN B 152 4.92 12.12 20.82
N THR B 153 4.89 13.17 20.03
CA THR B 153 6.06 13.66 19.25
C THR B 153 7.18 14.03 20.22
N VAL B 154 6.84 14.73 21.32
CA VAL B 154 7.83 15.22 22.31
C VAL B 154 8.38 14.01 23.07
N SER B 155 7.50 13.16 23.58
CA SER B 155 7.88 11.84 24.16
C SER B 155 8.97 11.18 23.33
N ILE B 156 8.78 11.11 22.01
CA ILE B 156 9.68 10.34 21.10
C ILE B 156 10.99 11.07 20.92
N LEU B 157 10.98 12.40 20.96
CA LEU B 157 12.20 13.25 20.84
C LEU B 157 13.12 13.07 22.05
N GLN B 158 12.56 12.71 23.21
CA GLN B 158 13.25 12.65 24.52
C GLN B 158 13.68 11.21 24.81
N LEU B 159 13.49 10.30 23.85
CA LEU B 159 14.00 8.92 23.95
C LEU B 159 15.52 9.02 23.75
N GLU B 160 16.32 8.24 24.49
CA GLU B 160 17.80 8.19 24.37
C GLU B 160 18.12 8.01 22.87
N GLY B 161 18.81 8.98 22.29
CA GLY B 161 19.36 8.88 20.94
C GLY B 161 18.40 9.35 19.87
N HIS B 162 17.27 9.97 20.23
CA HIS B 162 16.22 10.37 19.25
C HIS B 162 16.22 11.87 18.99
N ASN B 163 16.86 12.68 19.83
CA ASN B 163 16.80 14.17 19.72
C ASN B 163 17.57 14.63 18.47
N ILE B 164 16.90 14.53 17.33
CA ILE B 164 17.34 15.01 15.99
C ILE B 164 17.58 16.52 16.00
N PHE B 165 17.20 17.24 17.05
CA PHE B 165 17.41 18.71 17.18
C PHE B 165 18.52 19.01 18.21
N SER B 166 19.49 18.10 18.38
CA SER B 166 20.63 18.19 19.32
C SER B 166 21.50 19.42 18.97
N THR B 167 21.88 19.57 17.69
CA THR B 167 22.75 20.66 17.15
C THR B 167 22.16 22.06 17.39
N LEU B 168 20.83 22.23 17.42
CA LEU B 168 20.14 23.54 17.51
C LEU B 168 20.46 24.22 18.86
N SER B 169 20.59 25.56 18.90
CA SER B 169 20.66 26.36 20.15
C SER B 169 19.42 26.12 21.01
N SER B 170 19.44 26.53 22.26
CA SER B 170 18.30 26.35 23.20
C SER B 170 17.14 27.26 22.76
N SER B 171 17.44 28.33 22.01
CA SER B 171 16.44 29.25 21.41
C SER B 171 15.84 28.63 20.14
N GLU B 172 16.66 28.20 19.18
CA GLU B 172 16.17 27.53 17.95
C GLU B 172 15.29 26.32 18.35
N TYR B 173 15.64 25.60 19.41
CA TYR B 173 14.96 24.35 19.83
C TYR B 173 13.54 24.68 20.27
N GLU B 174 13.40 25.73 21.08
CA GLU B 174 12.09 26.21 21.61
C GLU B 174 11.23 26.61 20.40
N GLN B 175 11.83 27.31 19.44
CA GLN B 175 11.12 27.82 18.25
C GLN B 175 10.62 26.64 17.40
N VAL B 176 11.50 25.69 17.08
CA VAL B 176 11.14 24.53 16.21
C VAL B 176 10.05 23.70 16.88
N LEU B 177 10.08 23.49 18.19
CA LEU B 177 9.02 22.70 18.85
C LEU B 177 7.73 23.52 18.81
N GLU B 178 7.84 24.83 18.75
CA GLU B 178 6.67 25.76 18.73
C GLU B 178 6.06 25.76 17.32
N ILE B 179 6.90 25.71 16.30
CA ILE B 179 6.43 25.51 14.90
C ILE B 179 5.67 24.19 14.85
N ILE B 180 6.27 23.11 15.38
CA ILE B 180 5.74 21.73 15.28
C ILE B 180 4.43 21.67 16.06
N ARG B 181 4.36 22.25 17.25
CA ARG B 181 3.10 22.27 18.04
C ARG B 181 2.00 22.96 17.21
N LYS B 182 2.25 24.18 16.75
CA LYS B 182 1.19 24.94 16.03
C LYS B 182 0.80 24.21 14.75
N ALA B 183 1.77 23.62 14.06
CA ALA B 183 1.49 22.87 12.82
C ALA B 183 0.61 21.65 13.14
N ILE B 184 0.79 20.98 14.27
CA ILE B 184 0.02 19.74 14.57
C ILE B 184 -1.38 20.14 15.03
N ILE B 185 -1.50 21.17 15.84
CA ILE B 185 -2.84 21.69 16.27
C ILE B 185 -3.65 22.09 15.03
N ALA B 186 -3.00 22.68 14.02
CA ALA B 186 -3.69 23.23 12.83
C ALA B 186 -4.34 22.11 12.01
N THR B 187 -3.94 20.86 12.19
CA THR B 187 -4.50 19.71 11.45
C THR B 187 -5.86 19.35 12.05
N ASP B 188 -6.25 19.97 13.16
CA ASP B 188 -7.66 19.86 13.67
C ASP B 188 -8.57 20.60 12.69
N LEU B 189 -9.37 19.89 11.88
CA LEU B 189 -10.14 20.50 10.79
C LEU B 189 -11.17 21.51 11.36
N ALA B 190 -11.62 21.36 12.59
CA ALA B 190 -12.44 22.38 13.28
C ALA B 190 -11.71 23.74 13.27
N LEU B 191 -10.37 23.78 13.25
CA LEU B 191 -9.63 25.09 13.36
C LEU B 191 -9.35 25.61 11.96
N TYR B 192 -9.47 24.77 10.95
CA TYR B 192 -9.20 25.16 9.55
C TYR B 192 -10.16 26.29 9.15
N PHE B 193 -11.46 26.19 9.40
CA PHE B 193 -12.48 27.12 8.81
C PHE B 193 -12.15 28.56 9.20
N GLY B 194 -11.99 28.85 10.50
CA GLY B 194 -11.55 30.15 11.02
C GLY B 194 -10.27 30.61 10.34
N ASN B 195 -9.26 29.76 10.33
CA ASN B 195 -7.91 30.12 9.82
C ASN B 195 -8.00 30.50 8.34
N ARG B 196 -8.63 29.69 7.51
CA ARG B 196 -8.76 30.00 6.08
C ARG B 196 -9.57 31.31 5.88
N LYS B 197 -10.59 31.55 6.70
CA LYS B 197 -11.38 32.81 6.59
C LYS B 197 -10.40 33.95 6.80
N GLN B 198 -9.70 33.98 7.92
CA GLN B 198 -8.77 35.06 8.33
C GLN B 198 -7.68 35.29 7.26
N LEU B 199 -7.21 34.24 6.58
CA LEU B 199 -6.14 34.35 5.57
C LEU B 199 -6.71 34.94 4.29
N GLU B 200 -7.88 34.45 3.86
CA GLU B 200 -8.59 34.90 2.64
C GLU B 200 -8.86 36.41 2.76
N GLU B 201 -9.23 36.88 3.95
CA GLU B 201 -9.48 38.31 4.26
C GLU B 201 -8.14 39.04 4.17
N MET B 202 -7.17 38.67 5.00
CA MET B 202 -5.81 39.29 5.03
C MET B 202 -5.21 39.34 3.62
N TYR B 203 -5.34 38.27 2.85
CA TYR B 203 -4.77 38.20 1.50
C TYR B 203 -5.40 39.30 0.67
N GLN B 204 -6.71 39.21 0.48
CA GLN B 204 -7.40 39.94 -0.61
C GLN B 204 -7.47 41.45 -0.31
N THR B 205 -7.16 41.90 0.91
CA THR B 205 -7.00 43.32 1.30
C THR B 205 -5.51 43.69 1.34
N GLY B 206 -4.67 42.88 0.67
CA GLY B 206 -3.20 42.89 0.71
C GLY B 206 -2.61 43.24 2.08
N SER B 207 -3.22 42.86 3.20
CA SER B 207 -2.60 43.06 4.54
C SER B 207 -1.76 41.85 4.94
N LEU B 208 -1.64 40.82 4.08
CA LEU B 208 -0.95 39.55 4.43
C LEU B 208 0.55 39.82 4.38
N ASN B 209 1.18 39.79 5.56
CA ASN B 209 2.60 40.17 5.74
C ASN B 209 3.41 38.98 6.31
N LEU B 210 4.12 38.24 5.45
CA LEU B 210 4.91 37.03 5.84
C LEU B 210 6.10 37.35 6.76
N ASN B 211 6.30 38.57 7.23
CA ASN B 211 7.29 38.85 8.31
C ASN B 211 6.55 39.08 9.63
N ASN B 212 5.22 39.06 9.60
CA ASN B 212 4.39 38.96 10.82
C ASN B 212 4.37 37.47 11.22
N GLN B 213 4.79 37.13 12.43
CA GLN B 213 4.91 35.72 12.90
C GLN B 213 3.50 35.10 12.93
N SER B 214 2.57 35.84 13.53
CA SER B 214 1.11 35.57 13.59
C SER B 214 0.57 35.18 12.21
N HIS B 215 0.99 35.87 11.15
CA HIS B 215 0.56 35.61 9.76
C HIS B 215 1.21 34.34 9.23
N ARG B 216 2.50 34.17 9.51
CA ARG B 216 3.28 32.97 9.10
C ARG B 216 2.59 31.73 9.68
N ASP B 217 2.31 31.78 10.98
CA ASP B 217 1.63 30.71 11.75
C ASP B 217 0.35 30.30 11.00
N ARG B 218 -0.37 31.27 10.43
CA ARG B 218 -1.67 31.01 9.79
C ARG B 218 -1.42 30.31 8.46
N VAL B 219 -0.48 30.81 7.65
CA VAL B 219 -0.17 30.21 6.34
C VAL B 219 0.43 28.82 6.59
N ILE B 220 1.15 28.61 7.69
CA ILE B 220 1.69 27.23 7.90
C ILE B 220 0.50 26.33 8.21
N GLY B 221 -0.42 26.83 9.04
CA GLY B 221 -1.65 26.09 9.39
C GLY B 221 -2.40 25.64 8.14
N LEU B 222 -2.48 26.48 7.13
CA LEU B 222 -3.25 26.12 5.92
C LEU B 222 -2.44 25.09 5.14
N MET B 223 -1.12 25.23 5.13
CA MET B 223 -0.28 24.26 4.40
C MET B 223 -0.51 22.90 5.03
N MET B 224 -0.58 22.86 6.36
CA MET B 224 -0.85 21.61 7.13
C MET B 224 -2.19 21.01 6.69
N THR B 225 -3.29 21.79 6.66
CA THR B 225 -4.61 21.27 6.23
C THR B 225 -4.47 20.70 4.81
N ALA B 226 -3.85 21.46 3.91
CA ALA B 226 -3.74 21.11 2.48
C ALA B 226 -2.97 19.79 2.32
N CYS B 227 -1.87 19.63 3.05
CA CYS B 227 -1.09 18.37 3.12
C CYS B 227 -1.96 17.25 3.69
N ASP B 228 -2.65 17.54 4.79
CA ASP B 228 -3.54 16.55 5.43
C ASP B 228 -4.64 16.06 4.48
N LEU B 229 -5.16 16.88 3.56
CA LEU B 229 -6.28 16.51 2.67
C LEU B 229 -5.76 16.10 1.30
N CYS B 230 -4.45 15.92 1.14
CA CYS B 230 -3.84 15.77 -0.20
C CYS B 230 -4.36 14.51 -0.91
N SER B 231 -5.17 13.65 -0.30
CA SER B 231 -5.86 12.51 -1.00
C SER B 231 -6.69 13.03 -2.17
N VAL B 232 -7.30 14.20 -1.99
CA VAL B 232 -8.23 14.80 -2.99
C VAL B 232 -7.41 15.45 -4.11
N THR B 233 -6.08 15.50 -4.03
CA THR B 233 -5.25 16.18 -5.05
C THR B 233 -4.39 15.16 -5.81
N LYS B 234 -4.77 13.89 -5.75
CA LYS B 234 -4.03 12.79 -6.42
C LYS B 234 -4.80 12.49 -7.69
N LEU B 235 -4.28 11.59 -8.53
CA LEU B 235 -5.02 11.13 -9.74
C LEU B 235 -6.21 10.27 -9.27
N TRP B 236 -7.27 10.31 -10.04
CA TRP B 236 -8.57 9.69 -9.67
C TRP B 236 -8.37 8.32 -9.00
N PRO B 237 -7.67 7.35 -9.63
CA PRO B 237 -7.57 6.00 -9.05
C PRO B 237 -7.09 5.96 -7.60
N VAL B 238 -6.10 6.79 -7.24
CA VAL B 238 -5.54 6.90 -5.86
C VAL B 238 -6.60 7.54 -4.96
N THR B 239 -7.20 8.63 -5.42
CA THR B 239 -8.20 9.42 -4.69
C THR B 239 -9.36 8.48 -4.34
N LYS B 240 -9.79 7.66 -5.29
CA LYS B 240 -10.93 6.72 -5.14
C LYS B 240 -10.56 5.66 -4.09
N LEU B 241 -9.48 4.91 -4.30
CA LEU B 241 -9.05 3.82 -3.38
C LEU B 241 -8.78 4.41 -1.99
N THR B 242 -8.22 5.61 -1.88
CA THR B 242 -7.97 6.21 -0.54
C THR B 242 -9.32 6.50 0.13
N ALA B 243 -10.34 6.89 -0.62
CA ALA B 243 -11.67 7.17 -0.05
C ALA B 243 -12.22 5.90 0.61
N ASN B 244 -11.92 4.71 0.05
CA ASN B 244 -12.35 3.42 0.66
C ASN B 244 -11.76 3.28 2.07
N ASP B 245 -10.52 3.70 2.28
CA ASP B 245 -9.80 3.57 3.57
C ASP B 245 -10.38 4.57 4.55
N ILE B 246 -10.64 5.79 4.07
CA ILE B 246 -11.19 6.86 4.93
C ILE B 246 -12.55 6.41 5.44
N TYR B 247 -13.35 5.76 4.60
CA TYR B 247 -14.75 5.41 4.92
C TYR B 247 -14.73 4.18 5.82
N ALA B 248 -13.79 3.27 5.58
CA ALA B 248 -13.53 2.13 6.48
C ALA B 248 -13.40 2.63 7.93
N GLU B 249 -12.66 3.73 8.18
CA GLU B 249 -12.57 4.28 9.56
C GLU B 249 -13.88 4.94 9.90
N PHE B 250 -14.36 5.80 9.03
CA PHE B 250 -15.56 6.60 9.32
C PHE B 250 -16.66 5.64 9.71
N TRP B 251 -16.81 4.53 8.97
CA TRP B 251 -17.99 3.65 9.17
C TRP B 251 -17.81 2.90 10.48
N ALA B 252 -16.59 2.46 10.77
CA ALA B 252 -16.26 1.84 12.08
C ALA B 252 -16.59 2.84 13.19
N GLU B 253 -16.25 4.12 13.04
CA GLU B 253 -16.58 5.13 14.05
C GLU B 253 -18.10 5.21 14.15
N GLY B 254 -18.79 5.24 13.00
CA GLY B 254 -20.26 5.24 12.93
C GLY B 254 -20.84 4.12 13.76
N ASP B 255 -20.30 2.93 13.59
CA ASP B 255 -20.73 1.72 14.33
C ASP B 255 -20.53 1.94 15.82
N GLU B 256 -19.44 2.58 16.23
CA GLU B 256 -19.15 2.78 17.67
C GLU B 256 -20.11 3.84 18.21
N MET B 257 -20.47 4.85 17.41
CA MET B 257 -21.45 5.89 17.82
C MET B 257 -22.75 5.17 18.19
N LYS B 258 -23.19 4.27 17.30
CA LYS B 258 -24.45 3.50 17.43
C LYS B 258 -24.41 2.64 18.69
N LYS B 259 -23.27 2.06 19.06
CA LYS B 259 -23.14 1.26 20.30
C LYS B 259 -23.31 2.14 21.53
N LEU B 260 -23.04 3.44 21.43
CA LEU B 260 -23.24 4.41 22.55
C LEU B 260 -24.69 4.87 22.54
N GLY B 261 -25.47 4.49 21.54
CA GLY B 261 -26.87 4.90 21.38
C GLY B 261 -26.98 6.25 20.70
N ILE B 262 -26.09 6.57 19.77
CA ILE B 262 -26.09 7.89 19.08
C ILE B 262 -26.19 7.66 17.56
N GLN B 263 -27.12 8.31 16.88
CA GLN B 263 -27.18 8.18 15.41
C GLN B 263 -25.98 8.95 14.89
N PRO B 264 -25.08 8.30 14.14
CA PRO B 264 -23.93 9.03 13.62
C PRO B 264 -24.40 9.98 12.50
N ILE B 265 -23.59 10.98 12.20
CA ILE B 265 -23.77 11.80 10.98
C ILE B 265 -23.66 10.85 9.80
N PRO B 266 -24.31 11.17 8.65
CA PRO B 266 -24.43 10.24 7.51
C PRO B 266 -23.10 9.74 6.93
N MET B 267 -22.13 10.64 6.83
CA MET B 267 -20.76 10.37 6.32
C MET B 267 -20.19 9.11 7.03
N MET B 268 -20.59 8.89 8.28
CA MET B 268 -20.04 7.81 9.13
C MET B 268 -21.01 6.64 9.23
N ASP B 269 -22.15 6.67 8.53
CA ASP B 269 -23.19 5.63 8.70
C ASP B 269 -23.06 4.67 7.51
N ARG B 270 -22.62 3.46 7.77
CA ARG B 270 -22.36 2.48 6.69
C ARG B 270 -23.69 2.10 6.02
N ASP B 271 -24.83 2.35 6.65
CA ASP B 271 -26.15 2.10 6.00
C ASP B 271 -26.42 3.21 4.98
N LYS B 272 -25.64 4.29 4.94
CA LYS B 272 -25.89 5.42 4.00
C LYS B 272 -24.82 5.45 2.92
N LYS B 273 -24.34 4.27 2.53
CA LYS B 273 -23.30 4.06 1.50
C LYS B 273 -23.76 4.66 0.15
N ASP B 274 -25.07 4.68 -0.12
CA ASP B 274 -25.63 5.23 -1.38
C ASP B 274 -25.39 6.75 -1.42
N GLU B 275 -25.37 7.46 -0.29
CA GLU B 275 -25.20 8.95 -0.20
C GLU B 275 -23.71 9.37 -0.31
N VAL B 276 -22.78 8.44 -0.56
CA VAL B 276 -21.32 8.73 -0.51
C VAL B 276 -20.97 9.77 -1.57
N PRO B 277 -21.32 9.57 -2.86
CA PRO B 277 -21.00 10.57 -3.88
C PRO B 277 -21.45 12.00 -3.52
N GLN B 278 -22.68 12.19 -3.02
CA GLN B 278 -23.16 13.54 -2.62
C GLN B 278 -22.32 14.05 -1.45
N GLY B 279 -21.96 13.20 -0.47
CA GLY B 279 -21.08 13.55 0.66
C GLY B 279 -19.70 14.05 0.21
N GLN B 280 -19.13 13.45 -0.83
CA GLN B 280 -17.82 13.87 -1.42
C GLN B 280 -17.97 15.25 -2.06
N LEU B 281 -18.98 15.46 -2.91
CA LEU B 281 -19.38 16.80 -3.45
C LEU B 281 -19.44 17.84 -2.34
N GLY B 282 -20.17 17.52 -1.29
CA GLY B 282 -20.26 18.39 -0.10
C GLY B 282 -18.88 18.75 0.42
N PHE B 283 -18.01 17.75 0.58
CA PHE B 283 -16.66 17.92 1.20
C PHE B 283 -15.79 18.82 0.32
N TYR B 284 -15.74 18.55 -0.98
CA TYR B 284 -14.89 19.30 -1.95
C TYR B 284 -15.35 20.77 -2.01
N ASN B 285 -16.66 21.02 -2.09
CA ASN B 285 -17.21 22.39 -2.23
C ASN B 285 -16.98 23.16 -0.95
N ALA B 286 -17.23 22.52 0.20
CA ALA B 286 -17.19 23.14 1.54
C ALA B 286 -15.76 23.22 2.09
N VAL B 287 -14.87 22.29 1.74
CA VAL B 287 -13.56 22.18 2.46
C VAL B 287 -12.39 22.25 1.49
N ALA B 288 -12.28 21.28 0.59
CA ALA B 288 -11.06 21.07 -0.22
C ALA B 288 -10.85 22.26 -1.18
N ILE B 289 -11.80 22.54 -2.08
CA ILE B 289 -11.62 23.59 -3.13
C ILE B 289 -11.32 24.92 -2.43
N PRO B 290 -12.08 25.35 -1.40
CA PRO B 290 -11.70 26.56 -0.67
C PRO B 290 -10.27 26.53 -0.11
N CYS B 291 -9.90 25.44 0.56
CA CYS B 291 -8.54 25.20 1.11
C CYS B 291 -7.49 25.47 0.02
N TYR B 292 -7.58 24.78 -1.11
CA TYR B 292 -6.50 24.84 -2.15
C TYR B 292 -6.61 26.14 -2.97
N THR B 293 -7.81 26.73 -3.02
CA THR B 293 -8.02 28.02 -3.68
C THR B 293 -7.16 29.04 -2.92
N THR B 294 -7.45 29.22 -1.64
CA THR B 294 -6.75 30.16 -0.76
C THR B 294 -5.26 29.88 -0.79
N LEU B 295 -4.86 28.59 -0.92
CA LEU B 295 -3.42 28.23 -0.81
C LEU B 295 -2.74 28.67 -2.11
N THR B 296 -3.39 28.47 -3.25
CA THR B 296 -2.86 28.88 -4.57
C THR B 296 -2.72 30.40 -4.62
N GLN B 297 -3.67 31.11 -4.05
CA GLN B 297 -3.58 32.60 -3.97
C GLN B 297 -2.37 33.00 -3.13
N ILE B 298 -2.14 32.38 -1.99
CA ILE B 298 -1.01 32.82 -1.13
C ILE B 298 0.31 32.25 -1.66
N LEU B 299 0.31 31.04 -2.23
CA LEU B 299 1.52 30.35 -2.73
C LEU B 299 1.26 29.83 -4.14
N PRO B 300 1.33 30.70 -5.15
CA PRO B 300 0.95 30.34 -6.52
C PRO B 300 1.49 29.04 -7.13
N PRO B 301 2.72 28.58 -6.83
CA PRO B 301 3.19 27.27 -7.34
C PRO B 301 2.43 26.02 -6.80
N THR B 302 1.51 26.15 -5.83
CA THR B 302 0.64 25.05 -5.30
C THR B 302 -0.59 24.81 -6.19
N GLU B 303 -0.78 25.66 -7.19
CA GLU B 303 -1.86 25.57 -8.21
C GLU B 303 -2.13 24.11 -8.58
N PRO B 304 -1.14 23.24 -8.82
CA PRO B 304 -1.45 21.89 -9.31
C PRO B 304 -2.32 21.09 -8.33
N LEU B 305 -2.16 21.31 -7.02
CA LEU B 305 -3.11 20.80 -5.98
C LEU B 305 -4.54 21.25 -6.32
N LEU B 306 -4.78 22.55 -6.51
CA LEU B 306 -6.15 23.09 -6.77
C LEU B 306 -6.65 22.42 -8.04
N LYS B 307 -5.77 22.32 -9.04
CA LYS B 307 -6.12 21.77 -10.36
C LYS B 307 -6.62 20.35 -10.20
N ALA B 308 -5.81 19.48 -9.56
CA ALA B 308 -6.14 18.06 -9.29
C ALA B 308 -7.40 17.91 -8.43
N CYS B 309 -7.56 18.79 -7.45
CA CYS B 309 -8.78 18.86 -6.60
C CYS B 309 -10.04 19.08 -7.47
N ARG B 310 -10.03 20.13 -8.31
CA ARG B 310 -11.11 20.49 -9.27
C ARG B 310 -11.40 19.29 -10.16
N ASP B 311 -10.36 18.61 -10.63
CA ASP B 311 -10.46 17.41 -11.49
C ASP B 311 -11.25 16.31 -10.77
N ASN B 312 -10.93 16.05 -9.50
CA ASN B 312 -11.51 14.94 -8.73
C ASN B 312 -12.96 15.29 -8.37
N LEU B 313 -13.24 16.57 -8.03
CA LEU B 313 -14.64 17.07 -7.84
C LEU B 313 -15.44 16.68 -9.09
N SER B 314 -14.86 16.92 -10.25
CA SER B 314 -15.54 16.65 -11.55
C SER B 314 -15.74 15.13 -11.70
N GLN B 315 -14.78 14.32 -11.29
CA GLN B 315 -14.90 12.84 -11.34
C GLN B 315 -16.03 12.34 -10.42
N TRP B 316 -16.20 12.93 -9.23
CA TRP B 316 -17.32 12.56 -8.32
C TRP B 316 -18.66 12.96 -8.95
N GLU B 317 -18.70 14.11 -9.62
CA GLU B 317 -19.90 14.59 -10.34
C GLU B 317 -20.32 13.51 -11.35
N LYS B 318 -19.37 12.95 -12.11
CA LYS B 318 -19.62 11.84 -13.08
C LYS B 318 -20.23 10.64 -12.36
N VAL B 319 -19.79 10.34 -11.13
CA VAL B 319 -20.30 9.19 -10.35
C VAL B 319 -21.78 9.43 -9.99
N ILE B 320 -22.14 10.61 -9.49
CA ILE B 320 -23.53 10.91 -9.03
C ILE B 320 -24.51 10.70 -10.19
N ARG B 321 -24.12 11.10 -11.39
CA ARG B 321 -24.93 10.98 -12.63
C ARG B 321 -24.95 9.51 -13.05
N GLY B 322 -23.81 8.83 -12.97
CA GLY B 322 -23.72 7.38 -13.22
C GLY B 322 -22.85 7.10 -14.43
N GLU B 323 -22.13 8.11 -14.91
CA GLU B 323 -21.19 8.01 -16.06
C GLU B 323 -19.83 7.39 -15.66
N GLU B 324 -19.73 6.76 -14.47
CA GLU B 324 -18.53 6.00 -14.04
C GLU B 324 -18.84 5.14 -12.80
N THR B 325 -18.31 3.90 -12.76
CA THR B 325 -18.26 2.99 -11.58
C THR B 325 -17.08 3.38 -10.69
N GLY C 12 18.63 -39.09 15.89
CA GLY C 12 17.33 -39.08 15.16
C GLY C 12 16.29 -39.96 15.84
N LEU C 13 16.19 -39.84 17.17
CA LEU C 13 15.36 -40.71 18.06
C LEU C 13 13.87 -40.30 18.03
N MET C 14 13.57 -39.00 17.97
CA MET C 14 12.19 -38.43 17.86
C MET C 14 11.74 -38.50 16.41
N GLN C 15 10.68 -39.23 16.13
CA GLN C 15 9.99 -39.19 14.81
C GLN C 15 8.67 -38.46 15.00
N PHE C 16 8.33 -37.52 14.12
CA PHE C 16 7.00 -36.86 14.16
C PHE C 16 5.95 -37.89 13.76
N THR C 17 4.79 -37.84 14.39
CA THR C 17 3.60 -38.60 13.94
C THR C 17 2.44 -37.62 13.80
N LEU C 18 1.45 -38.01 13.03
CA LEU C 18 0.23 -37.23 12.79
C LEU C 18 -0.96 -37.98 13.38
N PRO C 19 -2.01 -37.27 13.84
CA PRO C 19 -3.31 -37.89 14.01
C PRO C 19 -3.61 -38.76 12.79
N VAL C 20 -4.45 -39.76 12.98
CA VAL C 20 -4.68 -40.85 12.00
C VAL C 20 -5.18 -40.27 10.67
N ARG C 21 -6.14 -39.35 10.70
CA ARG C 21 -6.71 -38.81 9.44
C ARG C 21 -5.56 -38.17 8.62
N LEU C 22 -4.70 -37.37 9.25
CA LEU C 22 -3.62 -36.62 8.55
C LEU C 22 -2.58 -37.61 8.04
N CYS C 23 -2.20 -38.55 8.88
CA CYS C 23 -1.27 -39.67 8.60
C CYS C 23 -1.69 -40.38 7.31
N LYS C 24 -2.98 -40.65 7.15
CA LYS C 24 -3.53 -41.41 5.99
C LYS C 24 -3.67 -40.47 4.80
N GLU C 25 -4.22 -39.29 5.04
CA GLU C 25 -4.62 -38.31 4.01
C GLU C 25 -3.37 -37.64 3.41
N ILE C 26 -2.28 -37.48 4.19
CA ILE C 26 -1.11 -36.66 3.76
C ILE C 26 -0.40 -37.35 2.59
N GLU C 27 -0.73 -38.60 2.33
CA GLU C 27 -0.07 -39.39 1.26
C GLU C 27 -0.76 -39.08 -0.05
N LEU C 28 -1.93 -38.44 0.00
CA LEU C 28 -2.77 -38.13 -1.20
C LEU C 28 -2.39 -36.77 -1.81
N PHE C 29 -2.43 -36.69 -3.13
CA PHE C 29 -2.11 -35.45 -3.87
C PHE C 29 -3.02 -34.30 -3.42
N HIS C 30 -4.29 -34.57 -3.11
CA HIS C 30 -5.29 -33.48 -2.86
C HIS C 30 -5.39 -33.13 -1.36
N PHE C 31 -4.61 -33.75 -0.47
CA PHE C 31 -4.53 -33.33 0.94
C PHE C 31 -4.45 -31.80 1.06
N ASP C 32 -5.29 -31.23 1.92
CA ASP C 32 -5.25 -29.82 2.39
C ASP C 32 -4.61 -29.78 3.77
N ILE C 33 -3.69 -28.85 4.05
CA ILE C 33 -2.91 -28.88 5.33
C ILE C 33 -3.74 -28.31 6.49
N GLY C 34 -4.92 -27.75 6.22
CA GLY C 34 -5.86 -27.33 7.26
C GLY C 34 -5.52 -25.95 7.78
N PRO C 35 -6.40 -25.36 8.61
CA PRO C 35 -6.30 -23.97 9.04
C PRO C 35 -5.44 -23.69 10.28
N PHE C 36 -4.93 -24.73 10.97
CA PHE C 36 -4.08 -24.60 12.18
C PHE C 36 -2.59 -24.39 11.86
N GLU C 37 -2.14 -23.14 11.81
CA GLU C 37 -0.73 -22.75 11.53
C GLU C 37 0.26 -23.58 12.36
N ASN C 38 -0.04 -23.87 13.63
CA ASN C 38 0.94 -24.44 14.57
C ASN C 38 1.20 -25.91 14.27
N MET C 39 0.40 -26.52 13.40
CA MET C 39 0.64 -27.90 12.89
C MET C 39 1.53 -27.93 11.65
N TRP C 40 1.64 -26.84 10.92
CA TRP C 40 2.34 -26.84 9.61
C TRP C 40 3.81 -27.18 9.78
N PRO C 41 4.57 -26.60 10.75
CA PRO C 41 5.94 -27.01 10.98
C PRO C 41 6.05 -28.52 11.23
N GLY C 42 5.25 -29.07 12.14
CA GLY C 42 5.26 -30.52 12.44
C GLY C 42 4.95 -31.34 11.18
N ILE C 43 4.00 -30.89 10.35
CA ILE C 43 3.62 -31.59 9.09
C ILE C 43 4.81 -31.60 8.15
N PHE C 44 5.56 -30.49 8.10
CA PHE C 44 6.73 -30.38 7.21
C PHE C 44 7.83 -31.33 7.71
N VAL C 45 8.11 -31.33 9.00
CA VAL C 45 9.14 -32.24 9.57
C VAL C 45 8.70 -33.68 9.26
N TYR C 46 7.45 -34.01 9.44
CA TYR C 46 6.95 -35.38 9.13
C TYR C 46 7.29 -35.69 7.66
N MET C 47 7.05 -34.75 6.75
CA MET C 47 7.27 -34.97 5.31
C MET C 47 8.77 -35.15 5.09
N VAL C 48 9.60 -34.36 5.75
CA VAL C 48 11.07 -34.51 5.60
C VAL C 48 11.48 -35.89 6.13
N HIS C 49 11.06 -36.30 7.34
CA HIS C 49 11.50 -37.58 7.95
C HIS C 49 11.09 -38.75 7.05
N ARG C 50 9.86 -38.76 6.59
CA ARG C 50 9.32 -39.87 5.76
C ARG C 50 9.96 -39.87 4.38
N SER C 51 10.36 -38.71 3.89
CA SER C 51 10.69 -38.49 2.47
C SER C 51 12.17 -38.74 2.29
N CYS C 52 12.93 -38.03 3.10
CA CYS C 52 14.39 -37.96 3.05
C CYS C 52 14.94 -39.08 3.94
N GLY C 53 14.45 -39.18 5.18
CA GLY C 53 14.98 -40.03 6.28
C GLY C 53 15.08 -39.24 7.57
N THR C 54 15.07 -39.91 8.73
CA THR C 54 15.06 -39.26 10.08
C THR C 54 16.45 -38.67 10.40
N SER C 55 17.43 -38.96 9.55
CA SER C 55 18.86 -38.62 9.72
C SER C 55 19.30 -37.51 8.75
N CYS C 56 18.45 -37.09 7.82
CA CYS C 56 18.84 -36.13 6.75
C CYS C 56 19.23 -34.77 7.34
N PHE C 57 18.63 -34.36 8.47
CA PHE C 57 18.86 -33.04 9.12
C PHE C 57 18.92 -33.22 10.63
N GLU C 58 19.73 -32.41 11.33
CA GLU C 58 19.67 -32.27 12.81
C GLU C 58 18.37 -31.53 13.16
N LEU C 59 17.48 -32.18 13.90
CA LEU C 59 16.16 -31.64 14.31
C LEU C 59 16.23 -30.22 14.90
N GLU C 60 17.15 -29.90 15.83
CA GLU C 60 17.31 -28.52 16.40
C GLU C 60 17.54 -27.51 15.26
N LYS C 61 18.44 -27.84 14.33
CA LYS C 61 18.82 -26.93 13.22
C LYS C 61 17.65 -26.80 12.25
N LEU C 62 16.89 -27.88 12.03
CA LEU C 62 15.76 -27.88 11.07
C LEU C 62 14.67 -26.95 11.62
N CME C 63 14.23 -27.24 12.85
CA CME C 63 13.18 -26.50 13.59
CB CME C 63 12.81 -27.14 14.93
SG CME C 63 11.58 -28.49 14.86
SD CME C 63 9.86 -27.57 14.12
CE CME C 63 8.47 -28.37 14.96
CZ CME C 63 7.76 -27.43 15.89
OH CME C 63 6.67 -28.03 16.53
C CME C 63 13.57 -25.01 13.66
O CME C 63 12.67 -24.17 13.45
N ARG C 64 14.83 -24.63 13.86
CA ARG C 64 15.06 -23.16 13.89
C ARG C 64 15.17 -22.61 12.46
N PHE C 65 15.62 -23.39 11.49
CA PHE C 65 15.52 -23.02 10.04
C PHE C 65 14.05 -22.75 9.72
N ILE C 66 13.18 -23.71 10.01
CA ILE C 66 11.74 -23.60 9.68
C ILE C 66 11.17 -22.31 10.27
N MET C 67 11.47 -22.01 11.52
CA MET C 67 10.82 -20.88 12.22
C MET C 67 11.36 -19.56 11.67
N SER C 68 12.59 -19.53 11.13
CA SER C 68 13.13 -18.31 10.49
C SER C 68 12.52 -18.09 9.09
N VAL C 69 12.26 -19.18 8.37
CA VAL C 69 11.56 -19.16 7.07
C VAL C 69 10.16 -18.60 7.31
N LYS C 70 9.40 -19.14 8.26
CA LYS C 70 8.02 -18.67 8.56
C LYS C 70 8.03 -17.20 8.96
N LYS C 71 8.91 -16.83 9.89
CA LYS C 71 9.17 -15.42 10.31
C LYS C 71 9.34 -14.54 9.07
N ASN C 72 9.80 -15.06 7.94
CA ASN C 72 10.15 -14.19 6.78
C ASN C 72 9.17 -14.37 5.61
N TYR C 73 8.07 -15.10 5.78
CA TYR C 73 6.84 -14.98 4.96
C TYR C 73 5.98 -13.82 5.54
N ARG C 74 5.31 -13.08 4.67
CA ARG C 74 4.48 -11.93 5.07
C ARG C 74 3.02 -12.36 5.16
N ARG C 75 2.24 -11.61 5.91
CA ARG C 75 0.79 -11.86 6.04
C ARG C 75 0.13 -11.24 4.81
N VAL C 76 0.27 -11.92 3.69
CA VAL C 76 -0.44 -11.59 2.44
C VAL C 76 -1.54 -12.62 2.27
N PRO C 77 -2.55 -12.33 1.44
CA PRO C 77 -3.66 -13.25 1.28
C PRO C 77 -3.24 -14.63 0.76
N TYR C 78 -2.37 -14.70 -0.23
CA TYR C 78 -2.08 -15.97 -0.93
C TYR C 78 -0.64 -16.42 -0.69
N HIS C 79 0.33 -15.56 -1.03
CA HIS C 79 1.77 -15.87 -1.08
C HIS C 79 2.42 -15.82 0.30
N ASN C 80 1.97 -16.72 1.15
CA ASN C 80 2.22 -16.69 2.61
C ASN C 80 2.74 -18.05 3.06
N TRP C 81 2.95 -18.17 4.35
CA TRP C 81 3.44 -19.41 4.98
C TRP C 81 2.58 -20.61 4.57
N LYS C 82 1.27 -20.47 4.48
CA LYS C 82 0.39 -21.62 4.18
C LYS C 82 0.66 -22.13 2.77
N HIS C 83 0.94 -21.23 1.84
CA HIS C 83 1.23 -21.57 0.43
C HIS C 83 2.54 -22.36 0.42
N ALA C 84 3.52 -21.88 1.17
CA ALA C 84 4.85 -22.50 1.26
C ALA C 84 4.72 -23.95 1.69
N VAL C 85 3.96 -24.20 2.73
CA VAL C 85 3.87 -25.59 3.25
C VAL C 85 2.99 -26.40 2.29
N THR C 86 1.95 -25.81 1.70
CA THR C 86 1.06 -26.50 0.73
C THR C 86 1.90 -26.92 -0.48
N VAL C 87 2.90 -26.09 -0.85
CA VAL C 87 3.71 -26.42 -2.04
C VAL C 87 4.68 -27.52 -1.68
N ALA C 88 5.25 -27.48 -0.47
CA ALA C 88 6.13 -28.55 0.05
C ALA C 88 5.39 -29.86 -0.04
N HIS C 89 4.16 -29.91 0.44
CA HIS C 89 3.37 -31.16 0.56
C HIS C 89 3.14 -31.76 -0.83
N CYS C 90 2.81 -30.95 -1.81
CA CYS C 90 2.62 -31.46 -3.17
C CYS C 90 3.95 -32.04 -3.67
N MET C 91 5.07 -31.39 -3.40
CA MET C 91 6.39 -31.95 -3.71
C MET C 91 6.57 -33.28 -2.96
N TYR C 92 6.20 -33.33 -1.67
CA TYR C 92 6.25 -34.55 -0.83
C TYR C 92 5.55 -35.69 -1.58
N ALA C 93 4.32 -35.45 -2.00
CA ALA C 93 3.49 -36.44 -2.71
C ALA C 93 4.19 -36.90 -4.00
N ILE C 94 4.85 -35.99 -4.73
CA ILE C 94 5.49 -36.37 -6.02
C ILE C 94 6.66 -37.29 -5.66
N LEU C 95 7.49 -36.89 -4.72
CA LEU C 95 8.70 -37.64 -4.34
C LEU C 95 8.30 -39.01 -3.80
N GLN C 96 7.28 -39.12 -2.95
CA GLN C 96 6.88 -40.41 -2.32
C GLN C 96 6.27 -41.38 -3.36
N ASN C 97 5.73 -40.90 -4.49
CA ASN C 97 5.19 -41.79 -5.57
C ASN C 97 6.23 -42.02 -6.67
N ASN C 98 7.44 -41.47 -6.52
CA ASN C 98 8.51 -41.57 -7.54
C ASN C 98 9.84 -41.74 -6.80
N HIS C 99 9.86 -42.52 -5.72
CA HIS C 99 10.97 -42.51 -4.73
C HIS C 99 12.22 -43.14 -5.35
N THR C 100 12.08 -43.87 -6.46
CA THR C 100 13.23 -44.52 -7.14
C THR C 100 13.95 -43.51 -8.04
N LEU C 101 13.31 -42.43 -8.48
CA LEU C 101 13.88 -41.50 -9.50
C LEU C 101 14.85 -40.47 -8.90
N PHE C 102 14.86 -40.21 -7.59
CA PHE C 102 15.55 -39.01 -7.05
C PHE C 102 16.65 -39.36 -6.07
N THR C 103 17.77 -38.65 -6.20
CA THR C 103 18.97 -38.77 -5.33
C THR C 103 18.63 -38.29 -3.92
N ASP C 104 19.47 -38.63 -2.96
CA ASP C 104 19.44 -38.14 -1.56
C ASP C 104 19.40 -36.59 -1.53
N LEU C 105 20.34 -35.98 -2.24
CA LEU C 105 20.53 -34.51 -2.28
C LEU C 105 19.23 -33.86 -2.76
N GLU C 106 18.67 -34.35 -3.85
CA GLU C 106 17.47 -33.79 -4.49
C GLU C 106 16.29 -33.87 -3.52
N ARG C 107 16.16 -34.96 -2.77
CA ARG C 107 15.03 -35.15 -1.82
C ARG C 107 15.08 -34.07 -0.74
N LYS C 108 16.23 -33.97 -0.05
CA LYS C 108 16.61 -32.89 0.90
C LYS C 108 16.29 -31.52 0.28
N GLY C 109 16.96 -31.20 -0.83
CA GLY C 109 16.90 -29.88 -1.48
C GLY C 109 15.49 -29.45 -1.89
N LEU C 110 14.71 -30.34 -2.49
CA LEU C 110 13.46 -29.99 -3.20
C LEU C 110 12.42 -29.58 -2.16
N LEU C 111 12.30 -30.33 -1.07
CA LEU C 111 11.32 -29.99 -0.01
C LEU C 111 11.65 -28.64 0.61
N ILE C 112 12.92 -28.41 0.92
CA ILE C 112 13.46 -27.09 1.36
C ILE C 112 13.19 -26.02 0.29
N ALA C 113 13.50 -26.26 -0.97
CA ALA C 113 13.29 -25.21 -1.98
C ALA C 113 11.79 -24.84 -1.99
N CYS C 114 10.89 -25.81 -1.85
CA CYS C 114 9.45 -25.60 -1.92
C CYS C 114 9.06 -24.75 -0.70
N LEU C 115 9.54 -25.09 0.48
CA LEU C 115 9.25 -24.27 1.68
C LEU C 115 9.76 -22.85 1.48
N CYS C 116 10.89 -22.65 0.81
CA CYS C 116 11.57 -21.32 0.74
C CYS C 116 11.17 -20.52 -0.51
N HIS C 117 10.39 -21.07 -1.43
CA HIS C 117 10.33 -20.62 -2.85
C HIS C 117 9.65 -19.25 -2.98
N ASP C 118 8.87 -18.82 -1.97
CA ASP C 118 8.20 -17.50 -2.05
C ASP C 118 8.64 -16.62 -0.87
N LEU C 119 9.84 -16.82 -0.32
CA LEU C 119 10.30 -16.08 0.90
C LEU C 119 10.23 -14.58 0.62
N ASP C 120 9.61 -13.85 1.55
CA ASP C 120 9.55 -12.37 1.62
C ASP C 120 8.78 -11.81 0.43
N HIS C 121 7.91 -12.61 -0.16
CA HIS C 121 6.95 -12.16 -1.21
C HIS C 121 6.07 -11.07 -0.64
N ARG C 122 5.82 -10.02 -1.41
CA ARG C 122 5.09 -8.82 -0.92
C ARG C 122 3.68 -8.77 -1.52
N GLY C 123 3.28 -9.81 -2.24
CA GLY C 123 1.98 -9.93 -2.91
C GLY C 123 1.95 -9.28 -4.28
N PHE C 124 3.09 -8.96 -4.87
CA PHE C 124 3.17 -8.28 -6.18
C PHE C 124 4.00 -9.12 -7.14
N SER C 125 3.52 -9.20 -8.37
CA SER C 125 4.14 -9.92 -9.50
C SER C 125 5.43 -9.20 -9.91
N ASN C 126 6.29 -9.91 -10.65
CA ASN C 126 7.51 -9.36 -11.29
C ASN C 126 7.15 -8.13 -12.15
N SER C 127 6.04 -8.20 -12.90
CA SER C 127 5.52 -7.09 -13.74
C SER C 127 5.38 -5.84 -12.88
N TYR C 128 4.65 -5.93 -11.76
CA TYR C 128 4.42 -4.72 -10.93
C TYR C 128 5.77 -4.13 -10.47
N LEU C 129 6.71 -4.96 -10.00
CA LEU C 129 8.00 -4.43 -9.48
C LEU C 129 8.69 -3.70 -10.63
N GLN C 130 8.60 -4.20 -11.84
CA GLN C 130 9.34 -3.58 -12.97
C GLN C 130 8.72 -2.19 -13.21
N LYS C 131 7.42 -2.15 -13.39
CA LYS C 131 6.68 -0.90 -13.68
C LYS C 131 6.80 0.08 -12.49
N PHE C 132 6.82 -0.41 -11.26
CA PHE C 132 6.96 0.44 -10.05
C PHE C 132 8.39 0.97 -9.99
N ASP C 133 9.32 0.24 -10.61
CA ASP C 133 10.78 0.50 -10.52
C ASP C 133 11.22 0.24 -9.08
N HIS C 134 10.88 -0.93 -8.55
CA HIS C 134 11.37 -1.36 -7.22
C HIS C 134 12.87 -1.57 -7.34
N PRO C 135 13.66 -1.29 -6.30
CA PRO C 135 15.10 -1.57 -6.34
C PRO C 135 15.48 -3.03 -6.70
N LEU C 136 14.70 -3.99 -6.21
CA LEU C 136 14.86 -5.43 -6.53
C LEU C 136 14.91 -5.57 -8.06
N ALA C 137 14.17 -4.76 -8.81
CA ALA C 137 14.11 -4.82 -10.29
C ALA C 137 15.41 -4.34 -10.94
N ALA C 138 16.17 -3.46 -10.28
CA ALA C 138 17.50 -3.02 -10.77
C ALA C 138 18.51 -4.12 -10.48
N LEU C 139 18.45 -4.68 -9.28
CA LEU C 139 19.31 -5.80 -8.81
C LEU C 139 19.16 -7.05 -9.69
N TYR C 140 17.93 -7.49 -9.95
CA TYR C 140 17.59 -8.74 -10.67
C TYR C 140 16.59 -8.41 -11.78
N SER C 141 17.05 -8.30 -13.01
CA SER C 141 16.27 -7.72 -14.14
C SER C 141 15.29 -8.75 -14.70
N THR C 142 15.52 -10.06 -14.51
CA THR C 142 14.52 -11.13 -14.84
C THR C 142 14.29 -11.99 -13.60
N SER C 143 13.17 -12.70 -13.54
CA SER C 143 12.82 -13.54 -12.36
C SER C 143 13.12 -12.75 -11.07
N THR C 144 12.78 -11.47 -11.05
CA THR C 144 13.11 -10.55 -9.93
C THR C 144 12.80 -11.17 -8.56
N MET C 145 11.55 -11.56 -8.34
CA MET C 145 11.12 -12.05 -7.03
C MET C 145 11.83 -13.37 -6.73
N GLU C 146 12.00 -14.22 -7.73
CA GLU C 146 12.54 -15.59 -7.54
C GLU C 146 14.02 -15.45 -7.16
N GLN C 147 14.74 -14.52 -7.74
CA GLN C 147 16.15 -14.32 -7.34
C GLN C 147 16.19 -13.79 -5.90
N HIS C 148 15.28 -12.90 -5.51
CA HIS C 148 15.13 -12.48 -4.10
C HIS C 148 14.85 -13.70 -3.19
N HIS C 149 13.93 -14.60 -3.56
CA HIS C 149 13.52 -15.74 -2.70
C HIS C 149 14.75 -16.58 -2.40
N PHE C 150 15.54 -16.88 -3.43
CA PHE C 150 16.77 -17.68 -3.28
C PHE C 150 17.76 -16.89 -2.44
N SER C 151 17.98 -15.62 -2.73
CA SER C 151 18.88 -14.79 -1.90
C SER C 151 18.42 -14.82 -0.42
N GLN C 152 17.13 -14.76 -0.13
CA GLN C 152 16.63 -14.78 1.27
C GLN C 152 16.84 -16.16 1.91
N THR C 153 16.79 -17.21 1.09
CA THR C 153 17.00 -18.61 1.52
C THR C 153 18.44 -18.75 2.00
N VAL C 154 19.38 -18.34 1.17
CA VAL C 154 20.83 -18.30 1.54
C VAL C 154 21.03 -17.46 2.80
N SER C 155 20.42 -16.27 2.91
CA SER C 155 20.50 -15.42 4.14
C SER C 155 20.17 -16.24 5.40
N ILE C 156 19.14 -17.06 5.33
CA ILE C 156 18.63 -17.82 6.51
C ILE C 156 19.58 -18.98 6.80
N LEU C 157 20.09 -19.68 5.79
CA LEU C 157 21.11 -20.74 6.00
C LEU C 157 22.36 -20.18 6.67
N GLN C 158 22.71 -18.92 6.44
CA GLN C 158 23.98 -18.28 6.91
C GLN C 158 23.82 -17.74 8.34
N LEU C 159 22.62 -17.78 8.92
CA LEU C 159 22.35 -17.43 10.34
C LEU C 159 22.97 -18.50 11.25
N GLU C 160 23.43 -18.08 12.42
CA GLU C 160 24.06 -18.99 13.41
C GLU C 160 23.01 -20.02 13.82
N GLY C 161 23.36 -21.30 13.76
CA GLY C 161 22.49 -22.41 14.19
C GLY C 161 21.47 -22.81 13.13
N HIS C 162 21.51 -22.24 11.91
CA HIS C 162 20.48 -22.46 10.85
C HIS C 162 20.96 -23.31 9.69
N ASN C 163 22.25 -23.63 9.61
CA ASN C 163 22.80 -24.33 8.43
C ASN C 163 22.45 -25.81 8.56
N ILE C 164 21.24 -26.15 8.16
CA ILE C 164 20.73 -27.55 8.13
C ILE C 164 21.60 -28.44 7.22
N PHE C 165 22.48 -27.89 6.38
CA PHE C 165 23.30 -28.69 5.45
C PHE C 165 24.77 -28.72 5.89
N SER C 166 25.09 -28.38 7.14
CA SER C 166 26.49 -28.21 7.64
C SER C 166 27.27 -29.51 7.49
N THR C 167 26.63 -30.63 7.80
CA THR C 167 27.19 -32.01 7.72
C THR C 167 27.48 -32.46 6.27
N LEU C 168 27.10 -31.71 5.23
CA LEU C 168 27.36 -32.15 3.84
C LEU C 168 28.81 -31.80 3.51
N SER C 169 29.46 -32.56 2.63
CA SER C 169 30.80 -32.21 2.06
C SER C 169 30.68 -30.90 1.29
N SER C 170 31.77 -30.16 1.12
CA SER C 170 31.75 -28.88 0.38
C SER C 170 31.08 -29.12 -0.96
N SER C 171 31.34 -30.28 -1.56
CA SER C 171 30.87 -30.63 -2.93
C SER C 171 29.35 -30.80 -2.94
N GLU C 172 28.83 -31.55 -1.97
CA GLU C 172 27.39 -31.87 -1.87
C GLU C 172 26.62 -30.60 -1.51
N TYR C 173 27.25 -29.69 -0.76
CA TYR C 173 26.70 -28.39 -0.33
C TYR C 173 26.51 -27.53 -1.57
N GLU C 174 27.54 -27.39 -2.39
CA GLU C 174 27.46 -26.69 -3.69
C GLU C 174 26.31 -27.31 -4.51
N GLN C 175 26.18 -28.63 -4.50
CA GLN C 175 25.13 -29.27 -5.32
C GLN C 175 23.74 -28.92 -4.78
N VAL C 176 23.47 -29.06 -3.48
CA VAL C 176 22.10 -28.91 -2.94
C VAL C 176 21.70 -27.43 -3.08
N LEU C 177 22.65 -26.52 -2.88
CA LEU C 177 22.44 -25.08 -3.11
C LEU C 177 22.12 -24.84 -4.60
N GLU C 178 22.76 -25.54 -5.52
CA GLU C 178 22.48 -25.36 -6.97
C GLU C 178 21.08 -25.94 -7.31
N ILE C 179 20.72 -27.07 -6.72
CA ILE C 179 19.37 -27.69 -6.84
C ILE C 179 18.31 -26.69 -6.36
N ILE C 180 18.55 -26.04 -5.22
CA ILE C 180 17.57 -25.11 -4.62
C ILE C 180 17.51 -23.84 -5.47
N ARG C 181 18.67 -23.30 -5.87
CA ARG C 181 18.66 -22.09 -6.73
C ARG C 181 17.78 -22.37 -7.95
N LYS C 182 18.08 -23.40 -8.72
CA LYS C 182 17.36 -23.68 -10.01
C LYS C 182 15.87 -23.94 -9.73
N ALA C 183 15.54 -24.69 -8.68
CA ALA C 183 14.18 -25.05 -8.31
C ALA C 183 13.39 -23.77 -8.04
N ILE C 184 13.98 -22.81 -7.34
CA ILE C 184 13.27 -21.56 -6.95
C ILE C 184 13.11 -20.64 -8.18
N ILE C 185 14.14 -20.55 -9.01
CA ILE C 185 14.06 -19.75 -10.28
C ILE C 185 12.95 -20.35 -11.14
N ALA C 186 12.80 -21.68 -11.17
CA ALA C 186 11.85 -22.37 -12.08
C ALA C 186 10.41 -22.00 -11.71
N THR C 187 10.17 -21.54 -10.48
CA THR C 187 8.81 -21.09 -10.06
C THR C 187 8.43 -19.74 -10.70
N ASP C 188 9.32 -19.11 -11.48
CA ASP C 188 8.97 -17.92 -12.29
C ASP C 188 8.14 -18.39 -13.50
N LEU C 189 6.84 -18.13 -13.50
CA LEU C 189 5.95 -18.78 -14.50
C LEU C 189 6.37 -18.36 -15.93
N ALA C 190 6.98 -17.20 -16.10
CA ALA C 190 7.47 -16.74 -17.43
C ALA C 190 8.44 -17.79 -18.00
N LEU C 191 9.15 -18.54 -17.15
CA LEU C 191 10.17 -19.53 -17.62
C LEU C 191 9.50 -20.88 -17.85
N TYR C 192 8.34 -21.11 -17.25
CA TYR C 192 7.62 -22.39 -17.37
C TYR C 192 7.28 -22.71 -18.84
N PHE C 193 6.84 -21.74 -19.64
CA PHE C 193 6.35 -22.00 -21.02
C PHE C 193 7.47 -22.65 -21.85
N GLY C 194 8.62 -21.97 -21.92
CA GLY C 194 9.88 -22.45 -22.52
C GLY C 194 10.28 -23.82 -22.00
N ASN C 195 10.39 -23.96 -20.68
CA ASN C 195 10.81 -25.21 -20.01
C ASN C 195 9.87 -26.34 -20.44
N ARG C 196 8.57 -26.15 -20.37
CA ARG C 196 7.56 -27.21 -20.63
C ARG C 196 7.64 -27.62 -22.11
N LYS C 197 7.64 -26.64 -23.02
CA LYS C 197 7.83 -26.85 -24.48
C LYS C 197 9.09 -27.70 -24.68
N GLN C 198 10.27 -27.25 -24.23
CA GLN C 198 11.53 -28.01 -24.36
C GLN C 198 11.32 -29.43 -23.83
N LEU C 199 10.83 -29.59 -22.60
CA LEU C 199 10.61 -30.91 -21.98
C LEU C 199 9.71 -31.77 -22.86
N GLU C 200 8.64 -31.20 -23.40
CA GLU C 200 7.61 -31.93 -24.22
C GLU C 200 8.32 -32.53 -25.44
N GLU C 201 9.09 -31.70 -26.15
CA GLU C 201 9.90 -32.09 -27.32
C GLU C 201 10.87 -33.22 -26.92
N MET C 202 11.57 -33.11 -25.80
CA MET C 202 12.57 -34.13 -25.40
C MET C 202 11.84 -35.44 -25.14
N TYR C 203 10.71 -35.35 -24.47
CA TYR C 203 9.91 -36.54 -24.10
C TYR C 203 9.41 -37.28 -25.37
N GLN C 204 8.72 -36.57 -26.27
CA GLN C 204 8.05 -37.11 -27.48
C GLN C 204 9.08 -37.65 -28.49
N THR C 205 10.30 -37.10 -28.55
CA THR C 205 11.39 -37.58 -29.43
C THR C 205 12.22 -38.64 -28.72
N GLY C 206 11.92 -38.98 -27.48
CA GLY C 206 12.64 -40.02 -26.73
C GLY C 206 14.06 -39.60 -26.36
N SER C 207 14.46 -38.35 -26.56
CA SER C 207 15.83 -37.87 -26.19
C SER C 207 15.95 -37.57 -24.68
N LEU C 208 14.84 -37.53 -23.93
CA LEU C 208 14.82 -37.24 -22.48
C LEU C 208 15.60 -38.30 -21.68
N ASN C 209 16.57 -37.87 -20.91
CA ASN C 209 17.56 -38.77 -20.25
C ASN C 209 17.78 -38.28 -18.82
N LEU C 210 17.23 -38.97 -17.83
CA LEU C 210 17.42 -38.59 -16.41
C LEU C 210 18.89 -38.71 -15.95
N ASN C 211 19.82 -39.20 -16.77
CA ASN C 211 21.26 -39.22 -16.41
C ASN C 211 21.90 -37.92 -16.92
N ASN C 212 21.23 -37.17 -17.77
CA ASN C 212 21.70 -35.82 -18.18
C ASN C 212 21.25 -34.78 -17.13
N GLN C 213 22.18 -33.99 -16.58
CA GLN C 213 21.91 -33.08 -15.44
C GLN C 213 21.00 -31.95 -15.93
N SER C 214 21.22 -31.43 -17.14
CA SER C 214 20.38 -30.35 -17.71
C SER C 214 18.95 -30.84 -17.97
N HIS C 215 18.77 -32.12 -18.30
CA HIS C 215 17.44 -32.74 -18.43
C HIS C 215 16.77 -32.88 -17.07
N ARG C 216 17.49 -33.36 -16.06
CA ARG C 216 16.96 -33.52 -14.68
C ARG C 216 16.50 -32.15 -14.16
N ASP C 217 17.24 -31.09 -14.47
CA ASP C 217 16.95 -29.71 -14.02
C ASP C 217 15.62 -29.27 -14.63
N ARG C 218 15.42 -29.52 -15.91
CA ARG C 218 14.18 -29.15 -16.64
C ARG C 218 13.01 -29.90 -16.01
N VAL C 219 13.17 -31.18 -15.70
CA VAL C 219 12.11 -32.00 -15.03
C VAL C 219 11.79 -31.47 -13.62
N ILE C 220 12.83 -31.16 -12.85
CA ILE C 220 12.64 -30.54 -11.51
C ILE C 220 11.92 -29.21 -11.71
N GLY C 221 12.25 -28.46 -12.76
CA GLY C 221 11.59 -27.19 -13.00
C GLY C 221 10.10 -27.38 -13.14
N LEU C 222 9.68 -28.32 -13.98
CA LEU C 222 8.25 -28.62 -14.20
C LEU C 222 7.60 -29.08 -12.89
N MET C 223 8.26 -29.92 -12.11
CA MET C 223 7.71 -30.38 -10.82
C MET C 223 7.48 -29.17 -9.91
N MET C 224 8.38 -28.19 -9.96
CA MET C 224 8.26 -26.99 -9.11
C MET C 224 7.02 -26.23 -9.53
N THR C 225 6.81 -26.08 -10.84
CA THR C 225 5.61 -25.38 -11.37
C THR C 225 4.39 -26.19 -10.95
N ALA C 226 4.43 -27.50 -11.14
CA ALA C 226 3.32 -28.42 -10.76
C ALA C 226 2.96 -28.11 -9.31
N CYS C 227 3.95 -28.07 -8.41
CA CYS C 227 3.73 -27.88 -6.96
C CYS C 227 3.23 -26.47 -6.66
N ASP C 228 3.77 -25.46 -7.32
CA ASP C 228 3.35 -24.07 -7.13
C ASP C 228 1.85 -23.90 -7.48
N LEU C 229 1.37 -24.56 -8.52
CA LEU C 229 -0.01 -24.36 -9.03
C LEU C 229 -0.96 -25.35 -8.39
N CYS C 230 -0.54 -26.14 -7.40
CA CYS C 230 -1.31 -27.32 -6.92
C CYS C 230 -2.70 -26.89 -6.38
N SER C 231 -2.97 -25.58 -6.25
CA SER C 231 -4.31 -25.11 -5.81
C SER C 231 -5.35 -25.73 -6.73
N VAL C 232 -4.99 -25.88 -8.03
CA VAL C 232 -5.95 -26.27 -9.10
C VAL C 232 -6.13 -27.79 -9.07
N THR C 233 -5.42 -28.51 -8.22
CA THR C 233 -5.53 -29.99 -8.14
C THR C 233 -6.18 -30.40 -6.81
N LYS C 234 -6.78 -29.46 -6.10
CA LYS C 234 -7.46 -29.80 -4.83
C LYS C 234 -8.92 -30.17 -5.12
N LEU C 235 -9.63 -30.60 -4.09
CA LEU C 235 -11.09 -30.75 -4.17
C LEU C 235 -11.68 -29.36 -4.36
N TRP C 236 -12.80 -29.33 -5.06
CA TRP C 236 -13.43 -28.09 -5.58
C TRP C 236 -13.56 -27.02 -4.49
N PRO C 237 -14.02 -27.36 -3.27
CA PRO C 237 -14.16 -26.34 -2.23
C PRO C 237 -12.79 -25.73 -1.89
N VAL C 238 -11.73 -26.52 -1.80
CA VAL C 238 -10.36 -25.98 -1.56
C VAL C 238 -9.98 -25.08 -2.74
N THR C 239 -10.15 -25.56 -3.96
CA THR C 239 -9.72 -24.83 -5.18
C THR C 239 -10.44 -23.47 -5.25
N LYS C 240 -11.76 -23.50 -5.08
CA LYS C 240 -12.65 -22.31 -5.11
C LYS C 240 -12.18 -21.31 -4.04
N LEU C 241 -12.00 -21.73 -2.80
CA LEU C 241 -11.63 -20.80 -1.68
C LEU C 241 -10.21 -20.30 -1.86
N THR C 242 -9.27 -21.09 -2.42
CA THR C 242 -7.89 -20.61 -2.69
C THR C 242 -7.96 -19.51 -3.74
N ALA C 243 -8.88 -19.65 -4.70
CA ALA C 243 -9.04 -18.73 -5.85
C ALA C 243 -9.36 -17.32 -5.32
N ASN C 244 -10.17 -17.22 -4.25
CA ASN C 244 -10.47 -15.93 -3.57
C ASN C 244 -9.18 -15.30 -3.06
N ASP C 245 -8.31 -16.09 -2.42
CA ASP C 245 -7.07 -15.58 -1.81
C ASP C 245 -6.17 -15.09 -2.93
N ILE C 246 -6.07 -15.85 -4.03
CA ILE C 246 -5.27 -15.44 -5.21
C ILE C 246 -5.82 -14.11 -5.77
N TYR C 247 -7.13 -13.99 -5.91
CA TYR C 247 -7.75 -12.79 -6.53
C TYR C 247 -7.58 -11.60 -5.57
N ALA C 248 -7.69 -11.82 -4.27
CA ALA C 248 -7.42 -10.74 -3.29
C ALA C 248 -6.09 -10.10 -3.66
N GLU C 249 -5.07 -10.92 -3.96
CA GLU C 249 -3.71 -10.41 -4.26
C GLU C 249 -3.68 -9.77 -5.64
N PHE C 250 -4.27 -10.41 -6.62
CA PHE C 250 -4.31 -9.85 -7.99
C PHE C 250 -5.08 -8.52 -8.00
N TRP C 251 -6.20 -8.44 -7.27
CA TRP C 251 -7.03 -7.21 -7.33
C TRP C 251 -6.25 -6.07 -6.67
N ALA C 252 -5.64 -6.31 -5.51
CA ALA C 252 -4.78 -5.30 -4.87
C ALA C 252 -3.68 -4.85 -5.84
N GLU C 253 -3.12 -5.75 -6.64
CA GLU C 253 -2.03 -5.37 -7.58
C GLU C 253 -2.62 -4.54 -8.73
N GLY C 254 -3.74 -4.97 -9.31
CA GLY C 254 -4.52 -4.16 -10.28
C GLY C 254 -4.75 -2.75 -9.76
N ASP C 255 -5.21 -2.64 -8.53
CA ASP C 255 -5.41 -1.34 -7.83
C ASP C 255 -4.12 -0.54 -7.90
N GLU C 256 -2.99 -1.15 -7.53
CA GLU C 256 -1.67 -0.44 -7.50
C GLU C 256 -1.25 -0.15 -8.94
N MET C 257 -1.58 -1.02 -9.89
CA MET C 257 -1.32 -0.73 -11.31
C MET C 257 -2.02 0.58 -11.65
N LYS C 258 -3.28 0.73 -11.22
CA LYS C 258 -4.10 1.90 -11.59
C LYS C 258 -3.45 3.16 -10.99
N LYS C 259 -2.90 3.05 -9.79
CA LYS C 259 -2.23 4.20 -9.12
C LYS C 259 -0.98 4.66 -9.88
N LEU C 260 -0.38 3.79 -10.72
CA LEU C 260 0.81 4.16 -11.54
C LEU C 260 0.33 4.73 -12.88
N GLY C 261 -0.98 4.79 -13.10
CA GLY C 261 -1.54 5.27 -14.38
C GLY C 261 -1.53 4.19 -15.44
N ILE C 262 -1.64 2.92 -15.02
CA ILE C 262 -1.63 1.75 -15.95
C ILE C 262 -2.90 0.94 -15.76
N GLN C 263 -3.59 0.63 -16.86
CA GLN C 263 -4.79 -0.24 -16.84
C GLN C 263 -4.27 -1.67 -16.70
N PRO C 264 -4.66 -2.43 -15.65
CA PRO C 264 -4.20 -3.80 -15.51
C PRO C 264 -4.95 -4.71 -16.47
N ILE C 265 -4.37 -5.88 -16.73
CA ILE C 265 -5.04 -6.99 -17.45
C ILE C 265 -6.27 -7.38 -16.65
N PRO C 266 -7.33 -7.85 -17.35
CA PRO C 266 -8.60 -8.20 -16.72
C PRO C 266 -8.53 -9.04 -15.43
N MET C 267 -7.66 -10.07 -15.44
CA MET C 267 -7.46 -11.02 -14.31
C MET C 267 -7.21 -10.24 -13.01
N MET C 268 -6.67 -9.02 -13.08
CA MET C 268 -6.19 -8.27 -11.88
C MET C 268 -7.05 -7.04 -11.61
N ASP C 269 -8.13 -6.85 -12.36
CA ASP C 269 -9.02 -5.67 -12.24
C ASP C 269 -10.24 -6.06 -11.40
N ARG C 270 -10.52 -5.38 -10.29
CA ARG C 270 -11.61 -5.82 -9.38
C ARG C 270 -12.97 -5.41 -9.97
N ASP C 271 -12.99 -4.61 -11.02
CA ASP C 271 -14.23 -4.19 -11.72
C ASP C 271 -14.64 -5.23 -12.77
N LYS C 272 -13.83 -6.26 -12.97
CA LYS C 272 -14.07 -7.30 -14.02
C LYS C 272 -14.18 -8.67 -13.37
N LYS C 273 -14.72 -8.74 -12.14
CA LYS C 273 -15.00 -10.02 -11.44
C LYS C 273 -15.98 -10.89 -12.23
N ASP C 274 -16.80 -10.29 -13.08
CA ASP C 274 -17.75 -10.98 -14.01
C ASP C 274 -16.95 -11.89 -14.96
N GLU C 275 -15.75 -11.49 -15.40
CA GLU C 275 -14.89 -12.21 -16.37
C GLU C 275 -14.03 -13.31 -15.71
N VAL C 276 -14.23 -13.61 -14.42
CA VAL C 276 -13.31 -14.49 -13.65
C VAL C 276 -13.43 -15.92 -14.17
N PRO C 277 -14.65 -16.49 -14.32
CA PRO C 277 -14.76 -17.88 -14.79
C PRO C 277 -14.17 -18.07 -16.20
N GLN C 278 -14.41 -17.14 -17.12
CA GLN C 278 -13.73 -17.16 -18.43
C GLN C 278 -12.22 -17.21 -18.20
N GLY C 279 -11.71 -16.38 -17.28
CA GLY C 279 -10.27 -16.20 -17.00
C GLY C 279 -9.65 -17.43 -16.36
N GLN C 280 -10.38 -18.14 -15.48
CA GLN C 280 -9.96 -19.46 -14.95
C GLN C 280 -9.90 -20.47 -16.10
N LEU C 281 -10.96 -20.58 -16.89
CA LEU C 281 -10.97 -21.41 -18.12
C LEU C 281 -9.66 -21.22 -18.88
N GLY C 282 -9.32 -19.98 -19.22
CA GLY C 282 -8.12 -19.66 -20.01
C GLY C 282 -6.85 -20.08 -19.29
N PHE C 283 -6.80 -19.92 -17.96
CA PHE C 283 -5.60 -20.29 -17.18
C PHE C 283 -5.46 -21.81 -17.23
N TYR C 284 -6.54 -22.56 -16.99
CA TYR C 284 -6.45 -24.05 -16.96
C TYR C 284 -6.06 -24.58 -18.34
N ASN C 285 -6.61 -24.02 -19.41
CA ASN C 285 -6.39 -24.52 -20.81
C ASN C 285 -4.95 -24.22 -21.24
N ALA C 286 -4.41 -23.05 -20.90
CA ALA C 286 -3.13 -22.52 -21.43
C ALA C 286 -1.97 -22.79 -20.49
N VAL C 287 -2.18 -23.12 -19.21
CA VAL C 287 -1.12 -23.32 -18.18
C VAL C 287 -1.28 -24.67 -17.47
N ALA C 288 -2.31 -24.80 -16.65
CA ALA C 288 -2.43 -25.88 -15.65
C ALA C 288 -2.46 -27.21 -16.40
N ILE C 289 -3.44 -27.40 -17.30
CA ILE C 289 -3.65 -28.70 -17.99
C ILE C 289 -2.36 -29.10 -18.71
N PRO C 290 -1.76 -28.25 -19.57
CA PRO C 290 -0.48 -28.60 -20.19
C PRO C 290 0.58 -28.98 -19.16
N CYS C 291 0.61 -28.29 -18.02
CA CYS C 291 1.67 -28.51 -17.01
C CYS C 291 1.53 -29.93 -16.44
N TYR C 292 0.37 -30.26 -15.88
CA TYR C 292 0.12 -31.61 -15.30
C TYR C 292 0.08 -32.69 -16.39
N THR C 293 -0.22 -32.33 -17.64
CA THR C 293 -0.20 -33.29 -18.77
C THR C 293 1.25 -33.74 -18.98
N THR C 294 2.12 -32.79 -19.28
CA THR C 294 3.56 -33.08 -19.46
C THR C 294 4.11 -33.83 -18.24
N LEU C 295 3.72 -33.45 -17.02
CA LEU C 295 4.28 -34.03 -15.78
C LEU C 295 3.81 -35.49 -15.64
N THR C 296 2.54 -35.75 -15.93
CA THR C 296 2.00 -37.12 -15.98
C THR C 296 2.73 -37.95 -17.06
N GLN C 297 3.03 -37.40 -18.24
CA GLN C 297 3.80 -38.13 -19.29
C GLN C 297 5.17 -38.57 -18.75
N ILE C 298 5.95 -37.67 -18.14
CA ILE C 298 7.33 -37.97 -17.61
C ILE C 298 7.22 -38.77 -16.31
N LEU C 299 6.24 -38.50 -15.43
CA LEU C 299 6.08 -39.18 -14.12
C LEU C 299 4.64 -39.68 -13.99
N PRO C 300 4.31 -40.83 -14.61
CA PRO C 300 2.94 -41.31 -14.65
C PRO C 300 2.27 -41.37 -13.28
N PRO C 301 2.94 -41.70 -12.16
CA PRO C 301 2.26 -41.69 -10.85
C PRO C 301 1.73 -40.31 -10.36
N THR C 302 1.96 -39.20 -11.09
CA THR C 302 1.40 -37.87 -10.79
C THR C 302 0.03 -37.69 -11.42
N GLU C 303 -0.52 -38.75 -12.00
CA GLU C 303 -1.81 -38.73 -12.74
C GLU C 303 -2.91 -38.07 -11.91
N PRO C 304 -3.09 -38.39 -10.62
CA PRO C 304 -4.13 -37.75 -9.80
C PRO C 304 -4.16 -36.21 -9.85
N LEU C 305 -2.99 -35.56 -10.03
CA LEU C 305 -2.91 -34.10 -10.22
C LEU C 305 -3.61 -33.70 -11.52
N LEU C 306 -3.30 -34.37 -12.62
CA LEU C 306 -3.94 -34.07 -13.93
C LEU C 306 -5.45 -34.26 -13.82
N LYS C 307 -5.85 -35.38 -13.21
CA LYS C 307 -7.25 -35.83 -13.06
C LYS C 307 -8.02 -34.80 -12.24
N ALA C 308 -7.48 -34.39 -11.07
CA ALA C 308 -8.15 -33.41 -10.18
C ALA C 308 -8.23 -32.08 -10.91
N CYS C 309 -7.21 -31.76 -11.70
CA CYS C 309 -7.15 -30.50 -12.48
C CYS C 309 -8.23 -30.48 -13.59
N ARG C 310 -8.38 -31.56 -14.36
CA ARG C 310 -9.49 -31.75 -15.36
C ARG C 310 -10.83 -31.62 -14.63
N ASP C 311 -10.97 -32.24 -13.46
CA ASP C 311 -12.23 -32.16 -12.65
C ASP C 311 -12.57 -30.71 -12.36
N ASN C 312 -11.63 -29.95 -11.78
CA ASN C 312 -11.82 -28.52 -11.45
C ASN C 312 -12.05 -27.69 -12.73
N LEU C 313 -11.45 -28.02 -13.89
CA LEU C 313 -11.77 -27.29 -15.15
C LEU C 313 -13.27 -27.44 -15.46
N SER C 314 -13.81 -28.67 -15.33
CA SER C 314 -15.22 -28.99 -15.63
C SER C 314 -16.14 -28.32 -14.61
N GLN C 315 -15.64 -28.01 -13.40
CA GLN C 315 -16.40 -27.28 -12.35
C GLN C 315 -16.49 -25.79 -12.69
N TRP C 316 -15.43 -25.19 -13.22
CA TRP C 316 -15.44 -23.79 -13.69
C TRP C 316 -16.35 -23.67 -14.91
N GLU C 317 -16.38 -24.70 -15.76
CA GLU C 317 -17.21 -24.70 -16.98
C GLU C 317 -18.69 -24.65 -16.56
N LYS C 318 -19.05 -25.40 -15.51
CA LYS C 318 -20.41 -25.38 -14.94
C LYS C 318 -20.72 -23.95 -14.50
N VAL C 319 -19.87 -23.38 -13.66
CA VAL C 319 -19.98 -21.96 -13.19
C VAL C 319 -20.18 -21.05 -14.42
N ILE C 320 -19.37 -21.15 -15.48
CA ILE C 320 -19.48 -20.25 -16.66
C ILE C 320 -20.92 -20.31 -17.19
N ARG C 321 -21.49 -21.53 -17.28
CA ARG C 321 -22.81 -21.84 -17.89
C ARG C 321 -23.95 -21.56 -16.91
N GLY C 322 -23.67 -21.21 -15.65
CA GLY C 322 -24.69 -20.72 -14.69
C GLY C 322 -25.19 -21.79 -13.71
N GLU C 323 -24.41 -22.87 -13.49
CA GLU C 323 -24.82 -24.11 -12.74
C GLU C 323 -24.10 -24.22 -11.38
N GLU C 324 -23.45 -23.14 -10.93
CA GLU C 324 -23.00 -22.92 -9.52
C GLU C 324 -22.46 -21.49 -9.40
N LEU D 13 34.50 5.67 -43.15
CA LEU D 13 35.49 5.65 -42.01
C LEU D 13 35.93 7.08 -41.60
N MET D 14 35.59 8.11 -42.38
CA MET D 14 36.04 9.52 -42.18
C MET D 14 35.17 10.18 -41.10
N GLN D 15 35.31 9.74 -39.84
CA GLN D 15 34.50 10.19 -38.67
C GLN D 15 34.86 11.61 -38.23
N PHE D 16 34.04 12.20 -37.35
CA PHE D 16 34.27 13.49 -36.67
C PHE D 16 34.51 13.21 -35.19
N THR D 17 35.47 13.89 -34.57
CA THR D 17 35.82 13.69 -33.15
C THR D 17 35.95 15.07 -32.49
N LEU D 18 35.46 15.18 -31.27
CA LEU D 18 35.51 16.44 -30.49
C LEU D 18 36.66 16.34 -29.48
N PRO D 19 37.23 17.48 -29.04
CA PRO D 19 38.16 17.48 -27.92
C PRO D 19 37.51 16.94 -26.65
N VAL D 20 38.32 16.33 -25.77
CA VAL D 20 37.88 15.56 -24.58
C VAL D 20 36.78 16.33 -23.83
N ARG D 21 37.02 17.56 -23.39
CA ARG D 21 36.01 18.25 -22.54
C ARG D 21 34.66 18.22 -23.30
N LEU D 22 34.66 18.47 -24.62
CA LEU D 22 33.43 18.57 -25.46
C LEU D 22 32.87 17.17 -25.67
N CYS D 23 33.69 16.28 -26.21
CA CYS D 23 33.42 14.82 -26.41
C CYS D 23 32.63 14.28 -25.21
N LYS D 24 33.02 14.68 -24.00
CA LYS D 24 32.46 14.23 -22.70
C LYS D 24 31.23 15.03 -22.30
N GLU D 25 31.26 16.37 -22.41
CA GLU D 25 30.22 17.27 -21.83
C GLU D 25 29.00 17.38 -22.78
N ILE D 26 29.18 17.02 -24.05
CA ILE D 26 28.13 17.14 -25.10
C ILE D 26 26.99 16.17 -24.80
N GLU D 27 27.23 15.14 -23.97
CA GLU D 27 26.20 14.13 -23.58
C GLU D 27 25.29 14.69 -22.48
N LEU D 28 25.73 15.73 -21.78
CA LEU D 28 24.92 16.41 -20.73
C LEU D 28 23.90 17.37 -21.37
N PHE D 29 22.75 17.57 -20.71
CA PHE D 29 21.64 18.42 -21.18
C PHE D 29 22.00 19.90 -21.17
N HIS D 30 22.92 20.32 -20.28
CA HIS D 30 23.24 21.74 -19.97
C HIS D 30 24.44 22.21 -20.81
N PHE D 31 25.14 21.30 -21.50
CA PHE D 31 26.27 21.60 -22.40
C PHE D 31 25.97 22.86 -23.23
N ASP D 32 26.89 23.82 -23.25
CA ASP D 32 26.86 25.01 -24.13
C ASP D 32 27.81 24.69 -25.28
N ILE D 33 27.43 25.03 -26.51
CA ILE D 33 28.20 24.68 -27.75
C ILE D 33 29.44 25.59 -27.90
N GLY D 34 29.48 26.72 -27.17
CA GLY D 34 30.64 27.64 -27.09
C GLY D 34 30.47 28.86 -28.00
N PRO D 35 31.45 29.78 -28.03
CA PRO D 35 31.40 30.96 -28.89
C PRO D 35 32.09 30.84 -30.27
N PHE D 36 32.65 29.67 -30.59
CA PHE D 36 33.38 29.38 -31.86
C PHE D 36 32.42 28.85 -32.93
N GLU D 37 31.87 29.78 -33.73
CA GLU D 37 30.97 29.53 -34.89
C GLU D 37 31.51 28.39 -35.75
N ASN D 38 32.81 28.39 -36.05
CA ASN D 38 33.43 27.48 -37.04
C ASN D 38 33.48 26.05 -36.52
N MET D 39 33.11 25.80 -35.27
CA MET D 39 33.09 24.44 -34.67
C MET D 39 31.68 23.81 -34.70
N TRP D 40 30.63 24.63 -34.64
CA TRP D 40 29.21 24.20 -34.52
C TRP D 40 28.83 23.24 -35.66
N PRO D 41 29.27 23.43 -36.93
CA PRO D 41 29.00 22.42 -37.97
C PRO D 41 29.63 21.05 -37.66
N GLY D 42 30.88 21.01 -37.20
CA GLY D 42 31.54 19.75 -36.76
C GLY D 42 30.86 19.12 -35.55
N ILE D 43 30.37 19.96 -34.62
CA ILE D 43 29.61 19.51 -33.41
C ILE D 43 28.33 18.84 -33.90
N PHE D 44 27.67 19.42 -34.91
CA PHE D 44 26.34 18.94 -35.37
C PHE D 44 26.53 17.60 -36.10
N VAL D 45 27.47 17.55 -37.03
CA VAL D 45 27.81 16.32 -37.81
C VAL D 45 28.13 15.21 -36.79
N TYR D 46 28.83 15.53 -35.70
CA TYR D 46 29.21 14.58 -34.64
C TYR D 46 27.95 14.04 -33.95
N MET D 47 27.06 14.94 -33.53
CA MET D 47 25.80 14.56 -32.83
C MET D 47 24.99 13.63 -33.75
N VAL D 48 24.95 13.91 -35.05
CA VAL D 48 24.17 13.15 -36.07
C VAL D 48 24.79 11.76 -36.24
N HIS D 49 26.12 11.67 -36.30
CA HIS D 49 26.85 10.38 -36.46
C HIS D 49 26.54 9.43 -35.30
N ARG D 50 26.65 9.90 -34.06
CA ARG D 50 26.43 9.07 -32.84
C ARG D 50 24.94 8.96 -32.56
N SER D 51 24.09 9.70 -33.27
CA SER D 51 22.63 9.81 -32.99
C SER D 51 21.87 8.68 -33.70
N CYS D 52 22.16 8.46 -35.00
CA CYS D 52 21.51 7.40 -35.83
C CYS D 52 22.53 6.70 -36.76
N GLY D 53 23.84 6.94 -36.61
CA GLY D 53 24.90 6.11 -37.20
C GLY D 53 25.72 6.86 -38.23
N THR D 54 26.93 6.35 -38.53
CA THR D 54 28.00 7.08 -39.26
C THR D 54 27.66 7.19 -40.75
N SER D 55 26.61 6.50 -41.22
CA SER D 55 26.29 6.34 -42.67
C SER D 55 24.77 6.26 -42.88
N CYS D 56 24.05 7.28 -42.41
CA CYS D 56 22.65 7.59 -42.82
C CYS D 56 22.64 8.78 -43.80
N PHE D 57 23.72 9.57 -43.83
CA PHE D 57 23.87 10.71 -44.76
C PHE D 57 25.23 10.64 -45.44
N GLU D 58 25.29 10.85 -46.76
CA GLU D 58 26.55 11.17 -47.49
C GLU D 58 27.10 12.47 -46.88
N LEU D 59 28.34 12.42 -46.37
CA LEU D 59 29.07 13.59 -45.81
C LEU D 59 28.94 14.81 -46.73
N GLU D 60 29.40 14.72 -47.99
CA GLU D 60 29.40 15.83 -48.99
C GLU D 60 28.04 16.53 -48.98
N LYS D 61 26.93 15.78 -49.06
CA LYS D 61 25.56 16.33 -49.12
C LYS D 61 25.22 16.98 -47.78
N LEU D 62 25.61 16.33 -46.68
CA LEU D 62 25.29 16.81 -45.31
C LEU D 62 26.00 18.14 -45.07
N CME D 63 27.34 18.19 -45.14
CA CME D 63 28.15 19.45 -44.98
CB CME D 63 29.65 19.29 -45.25
SG CME D 63 30.73 18.89 -43.83
SD CME D 63 30.68 20.46 -42.53
CE CME D 63 31.88 21.65 -43.20
CZ CME D 63 33.29 21.40 -42.74
OH CME D 63 34.09 22.55 -42.88
C CME D 63 27.51 20.56 -45.81
O CME D 63 27.14 21.58 -45.21
N ARG D 64 27.36 20.40 -47.13
CA ARG D 64 26.87 21.53 -47.96
C ARG D 64 25.41 21.83 -47.59
N PHE D 65 24.65 20.87 -47.06
CA PHE D 65 23.28 21.13 -46.52
C PHE D 65 23.38 22.08 -45.32
N ILE D 66 24.32 21.84 -44.41
CA ILE D 66 24.52 22.62 -43.15
C ILE D 66 24.96 24.05 -43.52
N MET D 67 25.90 24.20 -44.44
CA MET D 67 26.48 25.51 -44.81
C MET D 67 25.41 26.36 -45.54
N SER D 68 24.42 25.72 -46.17
CA SER D 68 23.24 26.41 -46.77
C SER D 68 22.26 26.83 -45.67
N VAL D 69 21.96 25.93 -44.72
CA VAL D 69 21.15 26.25 -43.51
C VAL D 69 21.79 27.47 -42.82
N LYS D 70 23.07 27.36 -42.47
CA LYS D 70 23.88 28.43 -41.82
C LYS D 70 23.65 29.75 -42.57
N LYS D 71 23.85 29.73 -43.89
CA LYS D 71 23.79 30.93 -44.77
C LYS D 71 22.37 31.53 -44.75
N ASN D 72 21.32 30.76 -44.44
CA ASN D 72 19.91 31.26 -44.49
C ASN D 72 19.37 31.61 -43.10
N TYR D 73 20.21 31.53 -42.06
CA TYR D 73 19.99 32.16 -40.73
C TYR D 73 20.58 33.58 -40.80
N ARG D 74 19.89 34.54 -40.22
CA ARG D 74 20.29 35.96 -40.25
C ARG D 74 21.11 36.26 -38.99
N ARG D 75 21.87 37.37 -39.02
CA ARG D 75 22.69 37.84 -37.86
C ARG D 75 21.76 38.65 -36.98
N VAL D 76 20.77 38.02 -36.35
CA VAL D 76 19.90 38.67 -35.33
C VAL D 76 20.38 38.27 -33.95
N PRO D 77 20.04 39.03 -32.89
CA PRO D 77 20.56 38.78 -31.54
C PRO D 77 20.35 37.35 -31.00
N TYR D 78 19.25 36.69 -31.32
CA TYR D 78 18.87 35.41 -30.67
C TYR D 78 18.51 34.34 -31.72
N HIS D 79 17.53 34.61 -32.58
CA HIS D 79 16.93 33.58 -33.49
C HIS D 79 17.91 33.28 -34.62
N ASN D 80 19.12 32.87 -34.26
CA ASN D 80 20.29 32.86 -35.16
C ASN D 80 20.88 31.45 -35.20
N TRP D 81 21.89 31.27 -36.03
CA TRP D 81 22.64 30.00 -36.20
C TRP D 81 22.94 29.33 -34.85
N LYS D 82 23.37 30.10 -33.87
CA LYS D 82 23.77 29.56 -32.55
C LYS D 82 22.55 28.93 -31.86
N HIS D 83 21.36 29.54 -31.95
CA HIS D 83 20.10 28.99 -31.36
C HIS D 83 19.74 27.68 -32.07
N ALA D 84 19.95 27.60 -33.39
CA ALA D 84 19.60 26.45 -34.23
C ALA D 84 20.31 25.18 -33.71
N VAL D 85 21.64 25.28 -33.53
CA VAL D 85 22.53 24.20 -33.05
C VAL D 85 22.26 23.93 -31.57
N THR D 86 22.04 24.96 -30.76
CA THR D 86 21.71 24.81 -29.32
C THR D 86 20.48 23.90 -29.23
N VAL D 87 19.40 24.26 -29.92
CA VAL D 87 18.14 23.47 -29.98
C VAL D 87 18.44 22.07 -30.54
N ALA D 88 19.29 21.97 -31.57
CA ALA D 88 19.67 20.67 -32.14
C ALA D 88 20.39 19.83 -31.09
N HIS D 89 21.27 20.44 -30.29
CA HIS D 89 22.08 19.72 -29.28
C HIS D 89 21.19 19.15 -28.15
N CYS D 90 20.18 19.90 -27.73
CA CYS D 90 19.27 19.53 -26.62
C CYS D 90 18.36 18.39 -27.09
N MET D 91 17.93 18.42 -28.35
CA MET D 91 17.25 17.26 -28.97
C MET D 91 18.22 16.07 -28.94
N TYR D 92 19.47 16.26 -29.32
CA TYR D 92 20.51 15.18 -29.33
C TYR D 92 20.63 14.54 -27.95
N ALA D 93 20.76 15.37 -26.90
CA ALA D 93 20.74 14.89 -25.50
C ALA D 93 19.54 13.94 -25.33
N ILE D 94 18.33 14.38 -25.69
CA ILE D 94 17.06 13.63 -25.46
C ILE D 94 17.12 12.28 -26.17
N LEU D 95 17.56 12.27 -27.44
CA LEU D 95 17.56 11.05 -28.28
C LEU D 95 18.61 10.05 -27.79
N GLN D 96 19.77 10.50 -27.25
CA GLN D 96 20.80 9.58 -26.69
C GLN D 96 20.26 8.90 -25.43
N ASN D 97 19.49 9.62 -24.62
CA ASN D 97 19.01 9.20 -23.27
C ASN D 97 17.64 8.51 -23.36
N ASN D 98 17.10 8.32 -24.56
CA ASN D 98 15.80 7.63 -24.81
C ASN D 98 15.89 6.81 -26.09
N HIS D 99 17.05 6.17 -26.33
CA HIS D 99 17.47 5.67 -27.67
C HIS D 99 16.71 4.39 -28.07
N THR D 100 15.75 3.92 -27.26
CA THR D 100 14.90 2.74 -27.58
C THR D 100 13.50 3.21 -27.98
N LEU D 101 13.13 4.48 -27.74
CA LEU D 101 11.74 4.99 -27.93
C LEU D 101 11.50 5.55 -29.35
N PHE D 102 12.50 5.58 -30.25
CA PHE D 102 12.40 6.36 -31.52
C PHE D 102 12.89 5.57 -32.73
N THR D 103 12.14 5.71 -33.85
CA THR D 103 12.42 5.09 -35.17
C THR D 103 13.67 5.73 -35.77
N ASP D 104 14.37 5.04 -36.69
CA ASP D 104 15.55 5.54 -37.44
C ASP D 104 15.23 6.87 -38.14
N LEU D 105 13.97 7.05 -38.61
CA LEU D 105 13.55 8.23 -39.40
C LEU D 105 13.37 9.42 -38.46
N GLU D 106 12.73 9.19 -37.31
CA GLU D 106 12.52 10.23 -36.26
C GLU D 106 13.89 10.78 -35.84
N ARG D 107 14.88 9.90 -35.67
CA ARG D 107 16.25 10.30 -35.24
C ARG D 107 16.89 11.17 -36.34
N LYS D 108 16.78 10.72 -37.60
CA LYS D 108 17.26 11.47 -38.80
C LYS D 108 16.48 12.79 -38.90
N GLY D 109 15.14 12.72 -38.84
CA GLY D 109 14.23 13.87 -39.09
C GLY D 109 14.36 14.97 -38.04
N LEU D 110 14.48 14.61 -36.76
CA LEU D 110 14.29 15.54 -35.62
C LEU D 110 15.52 16.43 -35.39
N LEU D 111 16.73 15.89 -35.53
CA LEU D 111 17.96 16.71 -35.50
C LEU D 111 17.88 17.76 -36.62
N ILE D 112 17.60 17.35 -37.86
CA ILE D 112 17.42 18.25 -39.04
C ILE D 112 16.32 19.26 -38.73
N ALA D 113 15.20 18.79 -38.20
CA ALA D 113 14.09 19.69 -37.88
C ALA D 113 14.64 20.80 -36.99
N CYS D 114 15.53 20.45 -36.04
CA CYS D 114 15.99 21.40 -34.99
C CYS D 114 16.94 22.43 -35.61
N LEU D 115 17.88 21.96 -36.42
CA LEU D 115 18.82 22.84 -37.16
C LEU D 115 18.02 23.84 -38.00
N CYS D 116 16.89 23.40 -38.56
CA CYS D 116 16.06 24.14 -39.56
C CYS D 116 14.89 24.88 -38.90
N HIS D 117 14.55 24.61 -37.64
CA HIS D 117 13.28 25.05 -37.02
C HIS D 117 13.12 26.58 -37.05
N ASP D 118 14.16 27.38 -37.27
CA ASP D 118 14.02 28.86 -37.21
C ASP D 118 14.61 29.54 -38.45
N LEU D 119 14.75 28.81 -39.57
CA LEU D 119 15.37 29.28 -40.84
C LEU D 119 14.78 30.61 -41.28
N ASP D 120 15.66 31.57 -41.54
CA ASP D 120 15.30 32.86 -42.20
C ASP D 120 14.39 33.65 -41.26
N HIS D 121 14.59 33.51 -39.95
CA HIS D 121 13.92 34.31 -38.90
C HIS D 121 14.47 35.74 -38.96
N ARG D 122 13.57 36.72 -38.91
CA ARG D 122 13.86 38.16 -39.10
C ARG D 122 14.08 38.80 -37.73
N GLY D 123 13.61 38.13 -36.68
CA GLY D 123 13.74 38.56 -35.27
C GLY D 123 12.44 39.14 -34.76
N PHE D 124 11.33 38.66 -35.32
CA PHE D 124 9.98 39.26 -35.15
C PHE D 124 8.98 38.11 -35.00
N SER D 125 8.03 38.30 -34.08
CA SER D 125 6.97 37.33 -33.71
C SER D 125 5.91 37.33 -34.83
N ASN D 126 5.24 36.18 -35.00
CA ASN D 126 4.04 35.97 -35.86
C ASN D 126 3.06 37.14 -35.71
N SER D 127 2.88 37.66 -34.48
CA SER D 127 1.92 38.76 -34.16
C SER D 127 2.40 40.07 -34.79
N TYR D 128 3.72 40.32 -34.78
CA TYR D 128 4.27 41.56 -35.38
C TYR D 128 4.04 41.52 -36.89
N LEU D 129 4.32 40.37 -37.53
CA LEU D 129 4.12 40.24 -38.99
C LEU D 129 2.66 40.54 -39.33
N GLN D 130 1.70 40.14 -38.51
CA GLN D 130 0.25 40.32 -38.82
C GLN D 130 -0.12 41.80 -38.66
N LYS D 131 0.46 42.51 -37.69
CA LYS D 131 0.07 43.93 -37.38
C LYS D 131 0.73 44.88 -38.38
N PHE D 132 1.91 44.48 -38.85
CA PHE D 132 2.69 45.15 -39.93
C PHE D 132 2.07 44.82 -41.30
N ASP D 133 1.35 43.70 -41.38
CA ASP D 133 0.68 43.25 -42.63
C ASP D 133 1.80 42.77 -43.56
N HIS D 134 2.64 41.87 -43.08
CA HIS D 134 3.79 41.31 -43.84
C HIS D 134 3.27 40.34 -44.90
N PRO D 135 3.78 40.40 -46.15
CA PRO D 135 3.47 39.43 -47.18
C PRO D 135 3.30 38.00 -46.64
N LEU D 136 4.21 37.58 -45.74
CA LEU D 136 4.23 36.20 -45.19
C LEU D 136 2.91 35.92 -44.44
N ALA D 137 2.31 36.94 -43.81
CA ALA D 137 1.02 36.86 -43.07
C ALA D 137 -0.18 36.59 -44.01
N ALA D 138 -0.16 37.08 -45.26
CA ALA D 138 -1.19 36.78 -46.27
C ALA D 138 -1.06 35.31 -46.69
N LEU D 139 0.18 34.84 -46.76
CA LEU D 139 0.55 33.50 -47.28
C LEU D 139 0.19 32.41 -46.25
N TYR D 140 0.56 32.64 -44.99
CA TYR D 140 0.37 31.72 -43.84
C TYR D 140 -0.35 32.50 -42.74
N SER D 141 -1.67 32.30 -42.60
CA SER D 141 -2.55 33.04 -41.66
C SER D 141 -2.26 32.69 -40.19
N THR D 142 -1.76 31.47 -39.95
CA THR D 142 -1.51 30.82 -38.63
C THR D 142 -0.08 30.26 -38.64
N SER D 143 0.65 30.37 -37.52
CA SER D 143 2.03 29.84 -37.38
C SER D 143 2.87 30.35 -38.57
N THR D 144 2.79 31.66 -38.82
CA THR D 144 3.32 32.32 -40.04
C THR D 144 4.78 31.90 -40.24
N MET D 145 5.69 32.39 -39.38
CA MET D 145 7.15 32.11 -39.44
C MET D 145 7.38 30.60 -39.59
N GLU D 146 6.63 29.81 -38.83
CA GLU D 146 6.84 28.35 -38.67
C GLU D 146 6.62 27.65 -40.01
N GLN D 147 5.59 28.04 -40.78
CA GLN D 147 5.36 27.51 -42.14
C GLN D 147 6.47 28.02 -43.08
N HIS D 148 6.94 29.26 -42.88
CA HIS D 148 8.11 29.84 -43.61
C HIS D 148 9.37 29.00 -43.36
N HIS D 149 9.63 28.64 -42.09
CA HIS D 149 10.83 27.83 -41.71
C HIS D 149 10.79 26.50 -42.45
N PHE D 150 9.63 25.84 -42.47
CA PHE D 150 9.48 24.51 -43.13
C PHE D 150 9.63 24.69 -44.65
N SER D 151 9.00 25.74 -45.17
CA SER D 151 9.13 26.17 -46.59
C SER D 151 10.61 26.32 -46.94
N GLN D 152 11.37 27.11 -46.17
CA GLN D 152 12.83 27.38 -46.37
C GLN D 152 13.65 26.08 -46.30
N THR D 153 13.25 25.14 -45.45
CA THR D 153 13.88 23.81 -45.26
C THR D 153 13.74 22.99 -46.54
N VAL D 154 12.55 22.98 -47.16
CA VAL D 154 12.30 22.22 -48.42
C VAL D 154 13.10 22.88 -49.55
N SER D 155 13.04 24.22 -49.67
CA SER D 155 13.85 25.01 -50.66
C SER D 155 15.30 24.48 -50.67
N ILE D 156 15.93 24.33 -49.50
CA ILE D 156 17.36 23.93 -49.41
C ILE D 156 17.51 22.47 -49.87
N LEU D 157 16.63 21.57 -49.41
CA LEU D 157 16.71 20.12 -49.71
C LEU D 157 16.68 19.86 -51.23
N GLN D 158 16.10 20.78 -52.01
CA GLN D 158 15.93 20.60 -53.48
C GLN D 158 17.03 21.36 -54.24
N LEU D 159 17.81 22.18 -53.55
CA LEU D 159 19.07 22.75 -54.11
C LEU D 159 19.92 21.58 -54.63
N GLU D 160 20.50 21.72 -55.83
CA GLU D 160 21.38 20.71 -56.52
C GLU D 160 22.45 20.27 -55.51
N GLY D 161 22.50 18.98 -55.17
CA GLY D 161 23.56 18.36 -54.35
C GLY D 161 23.28 18.34 -52.84
N HIS D 162 22.11 18.85 -52.35
CA HIS D 162 21.80 19.08 -50.91
C HIS D 162 20.82 18.06 -50.31
N ASN D 163 20.18 17.21 -51.13
CA ASN D 163 19.12 16.29 -50.64
C ASN D 163 19.76 15.12 -49.88
N ILE D 164 19.73 15.21 -48.56
CA ILE D 164 20.39 14.28 -47.60
C ILE D 164 19.53 13.02 -47.41
N PHE D 165 18.28 13.04 -47.91
CA PHE D 165 17.30 11.92 -47.84
C PHE D 165 17.14 11.21 -49.19
N SER D 166 18.04 11.48 -50.16
CA SER D 166 18.03 10.90 -51.53
C SER D 166 18.30 9.40 -51.48
N THR D 167 18.91 8.88 -50.41
CA THR D 167 19.05 7.42 -50.18
C THR D 167 17.69 6.81 -49.78
N LEU D 168 16.85 7.54 -49.05
CA LEU D 168 15.57 6.99 -48.55
C LEU D 168 14.62 6.71 -49.73
N SER D 169 13.85 5.63 -49.65
CA SER D 169 12.71 5.29 -50.54
C SER D 169 11.69 6.44 -50.56
N SER D 170 10.65 6.34 -51.38
CA SER D 170 9.66 7.40 -51.66
C SER D 170 8.73 7.57 -50.45
N SER D 171 8.49 6.50 -49.69
CA SER D 171 7.53 6.47 -48.54
C SER D 171 8.24 6.91 -47.25
N GLU D 172 9.42 6.35 -46.98
CA GLU D 172 10.35 6.82 -45.91
C GLU D 172 10.54 8.33 -46.11
N TYR D 173 10.85 8.75 -47.34
CA TYR D 173 11.13 10.16 -47.69
C TYR D 173 9.96 11.04 -47.24
N GLU D 174 8.73 10.76 -47.67
CA GLU D 174 7.60 11.69 -47.44
C GLU D 174 7.20 11.64 -45.96
N GLN D 175 7.66 10.61 -45.25
CA GLN D 175 7.40 10.40 -43.80
C GLN D 175 8.31 11.34 -42.98
N VAL D 176 9.62 11.28 -43.22
CA VAL D 176 10.63 12.09 -42.48
C VAL D 176 10.32 13.57 -42.72
N LEU D 177 9.85 13.95 -43.93
CA LEU D 177 9.45 15.36 -44.26
C LEU D 177 8.25 15.75 -43.39
N GLU D 178 7.33 14.81 -43.21
CA GLU D 178 6.07 15.00 -42.42
C GLU D 178 6.40 15.12 -40.93
N ILE D 179 7.35 14.33 -40.41
CA ILE D 179 7.96 14.47 -39.05
C ILE D 179 8.58 15.86 -38.92
N ILE D 180 9.44 16.22 -39.88
CA ILE D 180 10.15 17.54 -39.89
C ILE D 180 9.10 18.64 -39.87
N ARG D 181 8.04 18.50 -40.65
CA ARG D 181 7.06 19.59 -40.82
C ARG D 181 6.29 19.78 -39.51
N LYS D 182 5.86 18.69 -38.88
CA LYS D 182 5.01 18.78 -37.67
C LYS D 182 5.90 19.24 -36.51
N ALA D 183 7.15 18.77 -36.49
CA ALA D 183 8.17 19.21 -35.51
C ALA D 183 8.35 20.74 -35.63
N ILE D 184 8.72 21.26 -36.79
CA ILE D 184 8.95 22.72 -37.02
C ILE D 184 7.68 23.50 -36.66
N ILE D 185 6.50 23.05 -37.10
CA ILE D 185 5.23 23.79 -36.85
C ILE D 185 4.99 23.88 -35.34
N ALA D 186 5.40 22.86 -34.59
CA ALA D 186 5.12 22.69 -33.13
C ALA D 186 5.95 23.68 -32.28
N THR D 187 6.95 24.34 -32.88
CA THR D 187 7.77 25.41 -32.25
C THR D 187 7.03 26.75 -32.23
N ASP D 188 5.82 26.84 -32.79
CA ASP D 188 4.90 27.99 -32.57
C ASP D 188 4.35 27.86 -31.15
N LEU D 189 4.88 28.63 -30.21
CA LEU D 189 4.47 28.53 -28.78
C LEU D 189 2.93 28.59 -28.67
N ALA D 190 2.24 29.47 -29.40
CA ALA D 190 0.75 29.55 -29.41
C ALA D 190 0.11 28.14 -29.31
N LEU D 191 0.65 27.17 -30.04
CA LEU D 191 0.11 25.78 -30.18
C LEU D 191 0.56 24.89 -29.01
N TYR D 192 1.67 25.22 -28.36
CA TYR D 192 2.30 24.35 -27.32
C TYR D 192 1.26 24.09 -26.22
N PHE D 193 0.52 25.14 -25.81
CA PHE D 193 -0.45 25.14 -24.68
C PHE D 193 -1.44 23.98 -24.79
N GLY D 194 -2.23 23.94 -25.88
CA GLY D 194 -3.19 22.85 -26.21
C GLY D 194 -2.53 21.48 -26.22
N ASN D 195 -1.38 21.34 -26.91
CA ASN D 195 -0.63 20.06 -27.04
C ASN D 195 -0.12 19.57 -25.66
N ARG D 196 0.24 20.47 -24.74
CA ARG D 196 0.75 20.09 -23.39
C ARG D 196 -0.43 19.65 -22.51
N LYS D 197 -1.55 20.39 -22.51
CA LYS D 197 -2.78 20.03 -21.75
C LYS D 197 -3.28 18.67 -22.25
N GLN D 198 -3.32 18.48 -23.57
CA GLN D 198 -3.75 17.22 -24.23
C GLN D 198 -2.88 16.04 -23.77
N LEU D 199 -1.56 16.19 -23.81
CA LEU D 199 -0.58 15.12 -23.45
C LEU D 199 -0.72 14.77 -21.96
N GLU D 200 -1.02 15.77 -21.13
CA GLU D 200 -1.13 15.66 -19.65
C GLU D 200 -2.35 14.78 -19.33
N GLU D 201 -3.52 15.19 -19.82
CA GLU D 201 -4.78 14.41 -19.84
C GLU D 201 -4.52 12.95 -20.27
N MET D 202 -4.03 12.73 -21.50
CA MET D 202 -3.74 11.40 -22.09
C MET D 202 -2.81 10.57 -21.19
N TYR D 203 -1.71 11.14 -20.67
CA TYR D 203 -0.66 10.42 -19.90
C TYR D 203 -1.14 10.11 -18.48
N GLN D 204 -1.89 11.03 -17.86
CA GLN D 204 -2.32 10.91 -16.43
C GLN D 204 -3.55 10.00 -16.32
N THR D 205 -4.38 9.88 -17.37
CA THR D 205 -5.48 8.87 -17.48
C THR D 205 -4.99 7.63 -18.25
N GLY D 206 -3.68 7.35 -18.21
CA GLY D 206 -3.01 6.14 -18.73
C GLY D 206 -3.44 5.72 -20.13
N SER D 207 -3.85 6.66 -21.01
CA SER D 207 -4.28 6.34 -22.40
C SER D 207 -3.27 6.85 -23.43
N LEU D 208 -2.08 7.31 -23.01
CA LEU D 208 -0.94 7.56 -23.93
C LEU D 208 -0.55 6.20 -24.54
N ASN D 209 -0.21 6.20 -25.82
CA ASN D 209 0.13 4.97 -26.58
C ASN D 209 1.07 5.41 -27.71
N LEU D 210 2.37 5.16 -27.59
CA LEU D 210 3.38 5.59 -28.60
C LEU D 210 3.27 4.78 -29.90
N ASN D 211 2.48 3.69 -29.94
CA ASN D 211 2.14 2.98 -31.21
C ASN D 211 1.09 3.77 -31.99
N ASN D 212 0.39 4.69 -31.35
CA ASN D 212 -0.53 5.67 -31.99
C ASN D 212 0.35 6.78 -32.61
N GLN D 213 0.39 6.89 -33.94
CA GLN D 213 1.18 7.93 -34.66
C GLN D 213 0.82 9.35 -34.17
N SER D 214 -0.48 9.64 -34.06
CA SER D 214 -1.10 10.92 -33.59
C SER D 214 -0.64 11.30 -32.17
N HIS D 215 -0.39 10.31 -31.31
CA HIS D 215 0.16 10.50 -29.93
C HIS D 215 1.68 10.78 -29.99
N ARG D 216 2.42 10.07 -30.87
CA ARG D 216 3.86 10.31 -31.14
C ARG D 216 4.10 11.76 -31.60
N ASP D 217 3.26 12.27 -32.51
CA ASP D 217 3.34 13.67 -33.01
C ASP D 217 3.29 14.64 -31.83
N ARG D 218 2.29 14.49 -30.96
CA ARG D 218 2.06 15.33 -29.76
C ARG D 218 3.29 15.33 -28.85
N VAL D 219 3.92 14.17 -28.65
CA VAL D 219 5.11 14.04 -27.76
C VAL D 219 6.31 14.71 -28.44
N ILE D 220 6.55 14.42 -29.71
CA ILE D 220 7.58 15.12 -30.53
C ILE D 220 7.31 16.62 -30.45
N GLY D 221 6.05 17.04 -30.55
CA GLY D 221 5.68 18.46 -30.41
C GLY D 221 6.20 19.07 -29.11
N LEU D 222 6.04 18.35 -28.00
CA LEU D 222 6.49 18.82 -26.68
C LEU D 222 8.03 18.82 -26.66
N MET D 223 8.63 17.77 -27.17
CA MET D 223 10.11 17.66 -27.29
C MET D 223 10.68 18.87 -28.06
N MET D 224 9.98 19.30 -29.12
CA MET D 224 10.40 20.44 -29.94
C MET D 224 10.33 21.70 -29.09
N THR D 225 9.22 21.90 -28.35
CA THR D 225 9.11 23.04 -27.42
C THR D 225 10.22 22.98 -26.36
N ALA D 226 10.40 21.83 -25.70
CA ALA D 226 11.42 21.61 -24.65
C ALA D 226 12.78 22.07 -25.15
N CYS D 227 13.21 21.56 -26.31
CA CYS D 227 14.49 21.92 -26.99
C CYS D 227 14.52 23.41 -27.32
N ASP D 228 13.43 23.93 -27.89
CA ASP D 228 13.33 25.34 -28.32
C ASP D 228 13.47 26.28 -27.12
N LEU D 229 13.09 25.86 -25.92
CA LEU D 229 13.15 26.77 -24.75
C LEU D 229 14.38 26.46 -23.88
N CYS D 230 15.34 25.67 -24.38
CA CYS D 230 16.36 25.01 -23.52
C CYS D 230 17.39 25.99 -22.95
N SER D 231 17.32 27.30 -23.26
CA SER D 231 18.17 28.32 -22.59
C SER D 231 17.91 28.22 -21.08
N VAL D 232 16.66 28.03 -20.66
CA VAL D 232 16.23 28.00 -19.23
C VAL D 232 16.70 26.72 -18.52
N THR D 233 17.30 25.76 -19.23
CA THR D 233 17.78 24.47 -18.67
C THR D 233 19.31 24.44 -18.63
N LYS D 234 19.93 25.61 -18.75
CA LYS D 234 21.39 25.76 -18.71
C LYS D 234 21.80 26.18 -17.30
N LEU D 235 23.10 26.13 -17.04
CA LEU D 235 23.76 26.85 -15.92
C LEU D 235 23.24 28.28 -15.98
N TRP D 236 23.14 28.93 -14.82
CA TRP D 236 22.63 30.31 -14.62
C TRP D 236 23.36 31.34 -15.49
N PRO D 237 24.72 31.31 -15.62
CA PRO D 237 25.44 32.28 -16.44
C PRO D 237 25.20 32.20 -17.97
N VAL D 238 24.81 31.02 -18.49
CA VAL D 238 24.38 30.83 -19.91
C VAL D 238 22.96 31.38 -20.07
N THR D 239 22.11 31.04 -19.10
CA THR D 239 20.67 31.38 -19.02
C THR D 239 20.49 32.90 -18.91
N LYS D 240 21.26 33.54 -18.04
CA LYS D 240 21.17 35.01 -17.78
C LYS D 240 21.64 35.77 -19.04
N LEU D 241 22.68 35.24 -19.70
CA LEU D 241 23.33 35.86 -20.88
C LEU D 241 22.51 35.61 -22.15
N THR D 242 21.86 34.45 -22.28
CA THR D 242 20.91 34.16 -23.40
C THR D 242 19.66 35.04 -23.23
N ALA D 243 19.33 35.39 -21.99
CA ALA D 243 18.17 36.24 -21.68
C ALA D 243 18.36 37.62 -22.32
N ASN D 244 19.61 38.12 -22.38
CA ASN D 244 19.89 39.51 -22.86
C ASN D 244 19.72 39.53 -24.39
N ASP D 245 20.32 38.55 -25.08
CA ASP D 245 20.12 38.31 -26.53
C ASP D 245 18.60 38.27 -26.82
N ILE D 246 17.85 37.42 -26.13
CA ILE D 246 16.38 37.25 -26.33
C ILE D 246 15.65 38.58 -26.18
N TYR D 247 15.92 39.31 -25.10
CA TYR D 247 15.23 40.58 -24.74
C TYR D 247 15.61 41.67 -25.75
N ALA D 248 16.85 41.64 -26.26
CA ALA D 248 17.32 42.57 -27.32
C ALA D 248 16.38 42.48 -28.52
N GLU D 249 16.00 41.26 -28.95
CA GLU D 249 14.97 41.08 -30.01
C GLU D 249 13.62 41.62 -29.54
N PHE D 250 13.15 41.21 -28.37
CA PHE D 250 11.79 41.57 -27.86
C PHE D 250 11.66 43.10 -27.76
N TRP D 251 12.69 43.78 -27.29
CA TRP D 251 12.69 45.26 -27.17
C TRP D 251 12.63 45.91 -28.57
N ALA D 252 13.44 45.44 -29.52
CA ALA D 252 13.45 45.96 -30.92
C ALA D 252 12.06 45.74 -31.55
N GLU D 253 11.45 44.57 -31.36
CA GLU D 253 10.05 44.29 -31.81
C GLU D 253 9.10 45.27 -31.11
N GLY D 254 9.24 45.45 -29.81
CA GLY D 254 8.43 46.43 -29.06
C GLY D 254 8.55 47.80 -29.69
N ASP D 255 9.77 48.26 -29.96
CA ASP D 255 10.04 49.56 -30.62
C ASP D 255 9.29 49.66 -31.96
N GLU D 256 9.23 48.57 -32.73
CA GLU D 256 8.57 48.52 -34.06
C GLU D 256 7.05 48.63 -33.92
N MET D 257 6.51 48.08 -32.83
CA MET D 257 5.07 48.15 -32.45
C MET D 257 4.71 49.63 -32.19
N LYS D 258 5.55 50.34 -31.44
CA LYS D 258 5.34 51.77 -31.05
C LYS D 258 5.38 52.64 -32.31
N LYS D 259 6.24 52.27 -33.27
CA LYS D 259 6.32 52.87 -34.63
C LYS D 259 4.99 52.68 -35.38
N LEU D 260 4.28 51.55 -35.14
CA LEU D 260 2.98 51.23 -35.80
C LEU D 260 1.82 51.97 -35.13
N GLY D 261 2.03 52.61 -33.98
CA GLY D 261 0.99 53.29 -33.17
C GLY D 261 0.35 52.34 -32.17
N ILE D 262 1.13 51.37 -31.65
CA ILE D 262 0.62 50.26 -30.80
C ILE D 262 1.49 50.10 -29.55
N GLN D 263 0.87 50.09 -28.37
CA GLN D 263 1.54 49.82 -27.07
C GLN D 263 1.82 48.32 -27.02
N PRO D 264 3.09 47.88 -26.93
CA PRO D 264 3.37 46.45 -26.89
C PRO D 264 3.23 45.91 -25.45
N ILE D 265 3.09 44.58 -25.31
CA ILE D 265 3.04 43.86 -24.01
C ILE D 265 4.33 44.16 -23.23
N PRO D 266 4.23 44.34 -21.89
CA PRO D 266 5.39 44.74 -21.07
C PRO D 266 6.72 44.02 -21.36
N MET D 267 6.69 42.71 -21.65
CA MET D 267 7.88 41.84 -21.86
C MET D 267 8.80 42.48 -22.91
N MET D 268 8.21 43.20 -23.86
CA MET D 268 8.83 43.70 -25.11
C MET D 268 9.04 45.22 -25.06
N ASP D 269 8.70 45.89 -23.95
CA ASP D 269 8.87 47.37 -23.78
C ASP D 269 10.21 47.63 -23.06
N ARG D 270 11.04 48.53 -23.60
CA ARG D 270 12.42 48.79 -23.08
C ARG D 270 12.38 49.85 -21.99
N ASP D 271 11.30 50.66 -21.93
CA ASP D 271 11.05 51.64 -20.84
C ASP D 271 10.52 50.92 -19.58
N LYS D 272 10.35 49.59 -19.64
CA LYS D 272 9.88 48.74 -18.52
C LYS D 272 10.92 47.62 -18.21
N LYS D 273 12.21 47.91 -18.38
CA LYS D 273 13.37 47.02 -18.05
C LYS D 273 13.30 46.58 -16.59
N ASP D 274 12.89 47.48 -15.69
CA ASP D 274 12.78 47.25 -14.21
C ASP D 274 11.87 46.05 -13.89
N GLU D 275 10.85 45.76 -14.73
CA GLU D 275 9.84 44.69 -14.50
C GLU D 275 10.27 43.36 -15.14
N VAL D 276 11.55 43.19 -15.47
CA VAL D 276 12.09 42.01 -16.24
C VAL D 276 12.18 40.81 -15.31
N PRO D 277 12.85 40.90 -14.15
CA PRO D 277 13.04 39.72 -13.30
C PRO D 277 11.68 39.09 -12.89
N GLN D 278 10.65 39.94 -12.69
CA GLN D 278 9.22 39.56 -12.47
C GLN D 278 8.65 38.84 -13.71
N GLY D 279 8.94 39.31 -14.93
CA GLY D 279 8.43 38.72 -16.19
C GLY D 279 8.90 37.29 -16.41
N GLN D 280 10.20 37.04 -16.20
CA GLN D 280 10.85 35.69 -16.24
C GLN D 280 10.10 34.74 -15.30
N LEU D 281 9.89 35.16 -14.05
CA LEU D 281 9.08 34.41 -13.05
C LEU D 281 7.75 34.03 -13.71
N GLY D 282 7.08 34.99 -14.36
CA GLY D 282 5.80 34.78 -15.08
C GLY D 282 5.94 33.67 -16.12
N PHE D 283 7.01 33.75 -16.92
CA PHE D 283 7.32 32.82 -18.03
C PHE D 283 7.65 31.41 -17.51
N TYR D 284 8.55 31.29 -16.52
CA TYR D 284 8.97 29.99 -15.92
C TYR D 284 7.76 29.22 -15.38
N ASN D 285 6.94 29.86 -14.54
CA ASN D 285 5.75 29.26 -13.89
C ASN D 285 4.67 28.91 -14.96
N ALA D 286 4.33 29.85 -15.84
CA ALA D 286 3.21 29.73 -16.81
C ALA D 286 3.62 28.93 -18.07
N VAL D 287 4.91 28.69 -18.31
CA VAL D 287 5.33 28.10 -19.62
C VAL D 287 6.43 27.07 -19.43
N ALA D 288 7.59 27.47 -18.89
CA ALA D 288 8.83 26.64 -18.88
C ALA D 288 8.66 25.45 -17.93
N ILE D 289 8.14 25.65 -16.71
CA ILE D 289 8.00 24.53 -15.70
C ILE D 289 6.91 23.57 -16.21
N PRO D 290 5.65 24.01 -16.45
CA PRO D 290 4.65 23.13 -17.03
C PRO D 290 5.28 22.23 -18.11
N CYS D 291 6.15 22.77 -18.96
CA CYS D 291 6.67 22.08 -20.17
C CYS D 291 7.63 20.94 -19.79
N TYR D 292 8.67 21.24 -19.02
CA TYR D 292 9.73 20.26 -18.61
C TYR D 292 9.15 19.27 -17.57
N THR D 293 8.11 19.68 -16.80
CA THR D 293 7.28 18.80 -15.91
C THR D 293 6.66 17.70 -16.77
N THR D 294 5.76 18.08 -17.69
CA THR D 294 5.11 17.14 -18.64
C THR D 294 6.18 16.32 -19.36
N LEU D 295 7.26 16.91 -19.87
CA LEU D 295 8.22 16.11 -20.67
C LEU D 295 8.81 15.00 -19.80
N THR D 296 9.35 15.31 -18.62
CA THR D 296 10.00 14.35 -17.69
C THR D 296 9.00 13.24 -17.30
N GLN D 297 7.73 13.58 -16.99
CA GLN D 297 6.63 12.58 -16.86
C GLN D 297 6.75 11.51 -17.97
N ILE D 298 6.71 11.92 -19.24
CA ILE D 298 6.62 11.01 -20.43
C ILE D 298 7.97 10.32 -20.71
N LEU D 299 9.08 11.07 -20.69
CA LEU D 299 10.46 10.55 -20.90
C LEU D 299 11.27 10.86 -19.64
N PRO D 300 11.33 9.91 -18.68
CA PRO D 300 12.03 10.10 -17.41
C PRO D 300 13.47 10.61 -17.45
N PRO D 301 14.36 10.14 -18.37
CA PRO D 301 15.76 10.56 -18.37
C PRO D 301 15.98 12.03 -18.84
N THR D 302 14.89 12.75 -19.14
CA THR D 302 14.83 14.21 -19.42
C THR D 302 14.56 15.02 -18.15
N GLU D 303 14.82 14.44 -16.96
CA GLU D 303 14.63 15.12 -15.65
C GLU D 303 15.68 16.22 -15.45
N PRO D 304 16.97 16.02 -15.86
CA PRO D 304 17.98 17.08 -15.75
C PRO D 304 17.61 18.41 -16.42
N LEU D 305 16.75 18.39 -17.44
CA LEU D 305 16.12 19.62 -17.98
C LEU D 305 15.25 20.26 -16.89
N LEU D 306 14.41 19.48 -16.21
CA LEU D 306 13.47 20.05 -15.22
C LEU D 306 14.26 20.58 -14.01
N LYS D 307 15.21 19.80 -13.50
CA LYS D 307 16.11 20.20 -12.38
C LYS D 307 16.67 21.58 -12.71
N ALA D 308 17.49 21.68 -13.77
CA ALA D 308 18.16 22.91 -14.26
C ALA D 308 17.14 24.06 -14.35
N CYS D 309 15.92 23.78 -14.81
CA CYS D 309 14.86 24.81 -14.99
C CYS D 309 14.48 25.40 -13.64
N ARG D 310 14.23 24.52 -12.66
CA ARG D 310 13.83 24.89 -11.27
C ARG D 310 14.91 25.77 -10.64
N ASP D 311 16.17 25.31 -10.70
CA ASP D 311 17.36 26.08 -10.21
C ASP D 311 17.28 27.50 -10.80
N ASN D 312 17.22 27.60 -12.12
CA ASN D 312 17.27 28.88 -12.88
C ASN D 312 16.08 29.74 -12.44
N LEU D 313 14.94 29.14 -12.11
CA LEU D 313 13.75 29.87 -11.58
C LEU D 313 14.12 30.47 -10.23
N SER D 314 14.88 29.75 -9.41
CA SER D 314 15.25 30.16 -8.03
C SER D 314 16.30 31.29 -8.09
N GLN D 315 17.11 31.30 -9.17
CA GLN D 315 18.08 32.37 -9.48
C GLN D 315 17.34 33.65 -9.86
N TRP D 316 16.18 33.56 -10.53
CA TRP D 316 15.30 34.71 -10.89
C TRP D 316 14.50 35.21 -9.68
N GLU D 317 14.15 34.33 -8.73
CA GLU D 317 13.47 34.69 -7.45
C GLU D 317 14.46 35.51 -6.61
N LYS D 318 15.72 35.07 -6.51
CA LYS D 318 16.82 35.80 -5.81
C LYS D 318 17.01 37.21 -6.39
N VAL D 319 16.86 37.37 -7.71
CA VAL D 319 17.13 38.66 -8.43
C VAL D 319 16.08 39.70 -8.05
N ILE D 320 14.83 39.30 -7.77
CA ILE D 320 13.69 40.22 -7.44
C ILE D 320 14.05 41.06 -6.20
N ARG D 321 14.86 40.51 -5.27
CA ARG D 321 15.34 41.19 -4.04
C ARG D 321 16.79 41.69 -4.23
N GLY D 322 17.82 40.86 -3.98
CA GLY D 322 19.24 41.25 -4.14
C GLY D 322 20.20 40.07 -4.20
ZN ZN E . -16.67 -17.65 25.29
MG MG F . -15.53 -21.22 24.50
N1 K4L G . -22.06 -16.49 21.60
C4 K4L G . -24.10 -17.37 19.95
C5 K4L G . -24.12 -16.08 20.42
C6 K4L G . -23.09 -15.64 21.27
C8 K4L G . -22.95 -19.66 20.07
C10 K4L G . -23.57 -21.57 18.69
C13 K4L G . -22.10 -20.48 20.82
C15 K4L G . -26.26 -15.62 19.19
C17 K4L G . -26.03 -17.27 17.34
C20 K4L G . -24.48 -15.43 15.86
C21 K4L G . -24.98 -15.09 17.13
C2 K4L G . -22.02 -17.80 21.20
C3 K4L G . -23.04 -18.24 20.41
O7 K4L G . -23.11 -14.46 21.68
C9 K4L G . -23.68 -20.21 19.00
N11 K4L G . -22.74 -22.30 19.42
C12 K4L G . -22.02 -21.82 20.45
C14 K4L G . -25.13 -15.02 20.02
C16 K4L G . -25.74 -16.02 17.85
C18 K4L G . -25.53 -17.61 16.08
C19 K4L G . -24.75 -16.70 15.33
ZN ZN H . -3.76 13.45 9.08
MG MG I . -5.43 14.27 12.58
N1 K4L J . -8.80 13.23 4.73
C4 K4L J . -11.41 13.73 4.08
C5 K4L J . -10.54 13.39 3.07
C6 K4L J . -9.19 13.14 3.42
C8 K4L J . -11.82 14.30 6.47
C10 K4L J . -14.05 14.80 7.29
C13 K4L J . -11.26 14.78 7.65
C15 K4L J . -12.42 13.41 1.23
C17 K4L J . -14.24 12.86 2.81
C20 K4L J . -13.69 10.10 2.44
C21 K4L J . -12.94 11.07 1.77
C2 K4L J . -9.63 13.61 5.72
C3 K4L J . -10.93 13.84 5.41
O7 K4L J . -8.41 12.80 2.51
C9 K4L J . -13.22 14.33 6.28
N11 K4L J . -13.48 15.23 8.40
C12 K4L J . -12.16 15.24 8.60
C14 K4L J . -10.92 13.22 1.59
C16 K4L J . -13.24 12.42 1.97
C18 K4L J . -14.97 11.90 3.49
C19 K4L J . -14.70 10.53 3.33
ZN ZN K . 4.49 -19.88 -5.07
MG MG L . 6.68 -17.26 -6.44
N1 K4L M . -1.18 -19.98 -8.40
C4 K4L M . -2.83 -19.27 -10.51
C5 K4L M . -3.23 -20.26 -9.67
C6 K4L M . -2.35 -20.65 -8.62
C8 K4L M . -0.97 -17.67 -11.20
C10 K4L M . -1.17 -16.13 -13.01
C13 K4L M . 0.39 -17.39 -11.11
C15 K4L M . -5.49 -20.55 -10.92
C17 K4L M . -5.54 -18.22 -11.78
C20 K4L M . -6.91 -17.44 -9.51
C21 K4L M . -6.55 -18.76 -9.63
C2 K4L M . -0.78 -18.99 -9.22
C3 K4L M . -1.54 -18.67 -10.29
O7 K4L M . -2.70 -21.59 -7.87
C9 K4L M . -1.76 -17.06 -12.18
N11 K4L M . 0.12 -15.88 -12.90
C12 K4L M . 0.91 -16.46 -11.98
C14 K4L M . -4.58 -20.93 -9.74
C16 K4L M . -5.88 -19.12 -10.78
C18 K4L M . -5.91 -16.90 -11.67
C19 K4L M . -6.58 -16.52 -10.52
ZN ZN N . 13.58 28.53 -32.01
MG MG O . 10.68 29.97 -34.09
N1 K4L P . 13.02 31.04 -25.91
C4 K4L P . 11.75 32.53 -23.95
C5 K4L P . 12.92 31.86 -23.65
C6 K4L P . 13.55 31.11 -24.65
C8 K4L P . 9.88 32.96 -25.65
C10 K4L P . 7.93 34.28 -25.22
C13 K4L P . 9.28 32.54 -26.86
C15 K4L P . 12.86 32.58 -21.19
C17 K4L P . 11.45 34.60 -21.56
C20 K4L P . 13.74 36.12 -22.07
C21 K4L P . 13.84 34.77 -21.78
C2 K4L P . 11.84 31.64 -26.22
C3 K4L P . 11.20 32.38 -25.28
O7 K4L P . 14.62 30.56 -24.36
C9 K4L P . 9.18 33.84 -24.82
N11 K4L P . 7.42 33.87 -26.39
C12 K4L P . 8.04 33.03 -27.19
C14 K4L P . 13.66 31.90 -22.33
C16 K4L P . 12.71 34.03 -21.51
C18 K4L P . 11.35 35.94 -21.86
C19 K4L P . 12.48 36.71 -22.11
#